data_3FHL
#
_entry.id   3FHL
#
_cell.length_a   196.258
_cell.length_b   127.367
_cell.length_c   79.889
_cell.angle_alpha   90.00
_cell.angle_beta   112.01
_cell.angle_gamma   90.00
#
_symmetry.space_group_name_H-M   'C 1 2 1'
#
loop_
_entity.id
_entity.type
_entity.pdbx_description
1 polymer 'Putative oxidoreductase'
2 non-polymer GLYCEROL
3 non-polymer 'MAGNESIUM ION'
4 water water
#
_entity_poly.entity_id   1
_entity_poly.type   'polypeptide(L)'
_entity_poly.pdbx_seq_one_letter_code
;MSLEIIKTGLAAFGMSGQVFHAPFISTNPHFELYKIVERSKELSKERYPQASIVRSFKELTEDPEIDLIVVNTPDNTHYE
YAGMALEAGKNVVVEKPFTSTTKQGEELIALAKKKGLMLSVYQNRRWDADFLTVRDILAKSLLGRLVEYESTFARYRNFI
KPNTWKETGESGGGLTYNLGSHLIDQAIQLFGMPEAVFADLGILREGGKVDDYFIIHLLHPSLAPNVKITLKASYLMREA
EPRFALHGTLGSYVKYGVDKQEAALLAGEIPERPNWGEESEQEWGLLHTEINGKEICRKYPGIAGNYGGFYQNIYEHLCL
GQPLETHAQDILNVIRIIEAAYQSHRENKIVNLKEGHHHHHH
;
_entity_poly.pdbx_strand_id   A,B,C,D
#
loop_
_chem_comp.id
_chem_comp.type
_chem_comp.name
_chem_comp.formula
GOL non-polymer GLYCEROL 'C3 H8 O3'
MG non-polymer 'MAGNESIUM ION' 'Mg 2'
#
# COMPACT_ATOMS: atom_id res chain seq x y z
N LEU A 3 -23.74 71.05 12.34
CA LEU A 3 -23.47 72.32 13.09
C LEU A 3 -24.35 72.43 14.33
N GLU A 4 -25.54 71.85 14.29
CA GLU A 4 -26.35 71.65 15.50
C GLU A 4 -26.18 70.24 16.04
N ILE A 5 -26.08 70.13 17.36
CA ILE A 5 -25.80 68.86 18.06
C ILE A 5 -26.92 67.82 17.80
N ILE A 6 -26.50 66.59 17.51
CA ILE A 6 -27.42 65.51 17.19
C ILE A 6 -27.89 64.85 18.48
N LYS A 7 -29.11 65.17 18.90
CA LYS A 7 -29.68 64.60 20.12
C LYS A 7 -30.12 63.17 19.84
N THR A 8 -29.55 62.26 20.61
CA THR A 8 -29.61 60.84 20.32
C THR A 8 -30.33 60.07 21.43
N GLY A 9 -31.24 59.20 21.03
CA GLY A 9 -31.92 58.26 21.92
C GLY A 9 -31.38 56.85 21.72
N LEU A 10 -30.94 56.22 22.80
CA LEU A 10 -30.39 54.86 22.71
C LEU A 10 -31.43 53.86 23.20
N ALA A 11 -31.79 52.89 22.35
CA ALA A 11 -32.94 52.01 22.66
C ALA A 11 -32.68 50.89 23.68
N ALA A 12 -31.41 50.61 23.97
CA ALA A 12 -31.04 49.56 24.94
C ALA A 12 -29.68 49.78 25.56
N PHE A 13 -29.58 49.46 26.84
CA PHE A 13 -28.35 49.60 27.60
C PHE A 13 -27.81 48.23 28.07
N GLY A 14 -27.90 47.22 27.20
CA GLY A 14 -27.21 45.93 27.42
C GLY A 14 -25.77 46.04 26.96
N MET A 15 -25.15 44.92 26.60
CA MET A 15 -23.74 44.91 26.19
C MET A 15 -23.50 45.91 25.07
N SER A 16 -24.31 45.81 24.02
CA SER A 16 -24.15 46.64 22.83
CA SER A 16 -24.19 46.65 22.83
C SER A 16 -24.26 48.14 23.14
N GLY A 17 -25.23 48.51 23.97
CA GLY A 17 -25.39 49.90 24.38
C GLY A 17 -24.20 50.38 25.17
N GLN A 18 -23.69 49.54 26.07
CA GLN A 18 -22.60 49.94 26.95
C GLN A 18 -21.24 49.98 26.25
N VAL A 19 -21.09 49.20 25.18
CA VAL A 19 -19.80 49.00 24.55
C VAL A 19 -19.70 49.68 23.19
N PHE A 20 -20.70 49.49 22.33
CA PHE A 20 -20.64 49.96 20.93
C PHE A 20 -21.14 51.41 20.75
N HIS A 21 -22.05 51.84 21.62
CA HIS A 21 -22.85 53.04 21.36
C HIS A 21 -22.67 54.18 22.37
N ALA A 22 -23.13 53.97 23.60
CA ALA A 22 -23.07 55.04 24.63
C ALA A 22 -21.69 55.70 24.83
N PRO A 23 -20.56 54.93 24.87
CA PRO A 23 -19.30 55.68 25.07
C PRO A 23 -18.96 56.67 23.96
N PHE A 24 -19.41 56.41 22.74
CA PHE A 24 -19.02 57.27 21.62
C PHE A 24 -20.03 58.39 21.38
N ILE A 25 -21.33 58.10 21.55
CA ILE A 25 -22.36 59.13 21.53
C ILE A 25 -22.02 60.19 22.60
N SER A 26 -21.66 59.70 23.79
CA SER A 26 -21.19 60.53 24.89
C SER A 26 -19.96 61.38 24.56
N THR A 27 -18.83 60.75 24.23
CA THR A 27 -17.56 61.49 24.02
C THR A 27 -17.57 62.39 22.79
N ASN A 28 -18.27 61.99 21.73
CA ASN A 28 -18.35 62.82 20.52
C ASN A 28 -19.11 64.12 20.82
N PRO A 29 -18.45 65.27 20.60
CA PRO A 29 -19.08 66.56 20.96
C PRO A 29 -20.22 66.98 20.03
N HIS A 30 -20.38 66.28 18.91
CA HIS A 30 -21.40 66.63 17.94
C HIS A 30 -22.70 65.87 18.19
N PHE A 31 -22.70 65.02 19.21
CA PHE A 31 -23.86 64.22 19.58
C PHE A 31 -24.19 64.47 21.05
N GLU A 32 -25.47 64.36 21.40
CA GLU A 32 -25.85 64.32 22.80
C GLU A 32 -26.47 62.98 23.11
N LEU A 33 -25.94 62.29 24.13
CA LEU A 33 -26.56 61.08 24.66
C LEU A 33 -27.72 61.55 25.53
N TYR A 34 -28.84 61.75 24.86
CA TYR A 34 -29.95 62.52 25.42
C TYR A 34 -30.91 61.64 26.23
N LYS A 35 -31.38 60.55 25.61
CA LYS A 35 -32.27 59.63 26.29
C LYS A 35 -31.86 58.18 26.09
N ILE A 36 -32.06 57.37 27.15
CA ILE A 36 -31.71 55.96 27.16
C ILE A 36 -32.90 55.16 27.67
N VAL A 37 -33.32 54.15 26.91
CA VAL A 37 -34.35 53.22 27.41
C VAL A 37 -33.73 52.16 28.35
N GLU A 38 -34.20 52.16 29.60
CA GLU A 38 -33.97 51.08 30.54
C GLU A 38 -35.33 50.67 31.12
N ARG A 39 -35.65 49.39 31.01
CA ARG A 39 -36.94 48.84 31.47
C ARG A 39 -37.22 49.11 32.95
N SER A 40 -36.27 48.79 33.81
CA SER A 40 -36.45 48.96 35.25
C SER A 40 -35.22 49.50 35.95
N LYS A 41 -34.04 49.21 35.40
CA LYS A 41 -32.79 49.58 36.06
C LYS A 41 -32.40 51.04 35.82
N GLU A 42 -31.33 51.47 36.47
CA GLU A 42 -30.77 52.80 36.24
C GLU A 42 -29.28 52.68 36.08
N LEU A 43 -28.85 51.67 35.34
CA LEU A 43 -27.43 51.36 35.16
C LEU A 43 -26.64 52.52 34.55
N SER A 44 -27.27 53.25 33.63
CA SER A 44 -26.62 54.32 32.88
C SER A 44 -26.30 55.59 33.68
N LYS A 45 -26.95 55.75 34.84
CA LYS A 45 -26.75 56.91 35.72
C LYS A 45 -25.31 57.14 36.16
N GLU A 46 -24.60 56.05 36.43
CA GLU A 46 -23.24 56.13 36.97
C GLU A 46 -22.26 56.79 36.01
N ARG A 47 -22.33 56.40 34.74
CA ARG A 47 -21.39 56.90 33.76
C ARG A 47 -21.96 58.05 32.91
N TYR A 48 -23.29 58.06 32.77
CA TYR A 48 -24.00 59.04 31.94
C TYR A 48 -25.09 59.77 32.72
N PRO A 49 -24.70 60.61 33.71
CA PRO A 49 -25.70 61.20 34.60
C PRO A 49 -26.55 62.31 33.97
N GLN A 50 -26.17 62.77 32.78
CA GLN A 50 -26.93 63.81 32.09
C GLN A 50 -27.87 63.25 31.04
N ALA A 51 -27.86 61.93 30.87
CA ALA A 51 -28.89 61.28 30.04
C ALA A 51 -30.17 61.15 30.85
N SER A 52 -31.31 61.15 30.18
CA SER A 52 -32.56 60.92 30.85
C SER A 52 -33.01 59.50 30.53
N ILE A 53 -33.31 58.73 31.56
CA ILE A 53 -33.75 57.36 31.39
C ILE A 53 -35.26 57.35 31.15
N VAL A 54 -35.68 56.75 30.05
CA VAL A 54 -37.11 56.49 29.80
C VAL A 54 -37.38 54.99 29.86
N ARG A 55 -38.64 54.62 30.03
CA ARG A 55 -39.01 53.22 30.30
C ARG A 55 -39.49 52.45 29.06
N SER A 56 -39.62 53.15 27.93
CA SER A 56 -40.17 52.53 26.73
C SER A 56 -39.60 53.13 25.46
N PHE A 57 -39.58 52.32 24.40
CA PHE A 57 -39.09 52.76 23.10
C PHE A 57 -39.94 53.88 22.51
N LYS A 58 -41.26 53.75 22.64
CA LYS A 58 -42.20 54.76 22.15
C LYS A 58 -41.89 56.17 22.66
N GLU A 59 -41.39 56.26 23.90
CA GLU A 59 -40.98 57.54 24.47
C GLU A 59 -39.84 58.22 23.70
N LEU A 60 -38.96 57.44 23.05
CA LEU A 60 -37.94 58.01 22.17
C LEU A 60 -38.57 58.59 20.92
N THR A 61 -39.51 57.86 20.32
CA THR A 61 -40.12 58.26 19.06
C THR A 61 -41.08 59.44 19.22
N GLU A 62 -41.62 59.61 20.42
CA GLU A 62 -42.59 60.67 20.70
C GLU A 62 -41.97 62.02 21.14
N ASP A 63 -40.64 62.06 21.27
CA ASP A 63 -39.94 63.27 21.71
C ASP A 63 -39.40 64.04 20.51
N PRO A 64 -39.93 65.25 20.25
CA PRO A 64 -39.54 66.03 19.07
C PRO A 64 -38.11 66.58 19.09
N GLU A 65 -37.47 66.59 20.26
CA GLU A 65 -36.08 67.02 20.37
C GLU A 65 -35.07 65.98 19.82
N ILE A 66 -35.49 64.72 19.72
CA ILE A 66 -34.59 63.64 19.27
C ILE A 66 -34.39 63.68 17.75
N ASP A 67 -33.12 63.71 17.35
CA ASP A 67 -32.70 63.72 15.97
C ASP A 67 -32.35 62.33 15.43
N LEU A 68 -31.89 61.47 16.33
CA LEU A 68 -31.37 60.16 15.95
C LEU A 68 -31.74 59.10 16.98
N ILE A 69 -32.25 57.98 16.51
CA ILE A 69 -32.50 56.84 17.39
C ILE A 69 -31.63 55.64 16.98
N VAL A 70 -30.94 55.08 17.96
CA VAL A 70 -30.12 53.89 17.75
C VAL A 70 -30.94 52.67 18.21
N VAL A 71 -31.30 51.83 17.25
CA VAL A 71 -32.12 50.61 17.51
C VAL A 71 -31.18 49.42 17.73
N ASN A 72 -30.81 49.19 18.99
CA ASN A 72 -29.94 48.09 19.40
C ASN A 72 -30.64 47.16 20.39
N THR A 73 -31.95 47.15 20.29
CA THR A 73 -32.81 46.21 20.99
C THR A 73 -32.73 44.81 20.33
N PRO A 74 -33.35 43.77 20.94
CA PRO A 74 -33.30 42.44 20.32
C PRO A 74 -33.72 42.37 18.84
N ASP A 75 -33.08 41.47 18.09
CA ASP A 75 -33.26 41.29 16.64
C ASP A 75 -34.70 41.39 16.09
N ASN A 76 -35.64 40.76 16.79
CA ASN A 76 -37.05 40.70 16.39
C ASN A 76 -37.77 42.07 16.41
N THR A 77 -37.22 43.01 17.14
CA THR A 77 -37.82 44.35 17.29
C THR A 77 -37.39 45.30 16.16
N HIS A 78 -36.39 44.91 15.36
CA HIS A 78 -35.68 45.89 14.50
C HIS A 78 -36.51 46.53 13.40
N TYR A 79 -37.30 45.73 12.69
CA TYR A 79 -38.16 46.24 11.65
C TYR A 79 -39.21 47.19 12.21
N GLU A 80 -39.84 46.78 13.30
CA GLU A 80 -40.96 47.54 13.87
C GLU A 80 -40.45 48.86 14.41
N TYR A 81 -39.34 48.81 15.16
CA TYR A 81 -38.78 49.95 15.85
C TYR A 81 -38.19 50.97 14.89
N ALA A 82 -37.40 50.52 13.91
CA ALA A 82 -36.83 51.43 12.92
C ALA A 82 -37.97 52.10 12.15
N GLY A 83 -39.02 51.33 11.86
CA GLY A 83 -40.22 51.83 11.20
C GLY A 83 -40.94 52.91 11.99
N MET A 84 -41.11 52.70 13.29
CA MET A 84 -41.70 53.71 14.19
C MET A 84 -40.87 54.98 14.22
N ALA A 85 -39.56 54.82 14.37
CA ALA A 85 -38.65 55.96 14.44
C ALA A 85 -38.62 56.79 13.15
N LEU A 86 -38.58 56.14 11.98
CA LEU A 86 -38.63 56.85 10.71
C LEU A 86 -39.95 57.62 10.49
N GLU A 87 -41.07 56.96 10.77
CA GLU A 87 -42.41 57.59 10.66
C GLU A 87 -42.51 58.83 11.55
N ALA A 88 -41.86 58.79 12.70
CA ALA A 88 -41.81 59.90 13.64
C ALA A 88 -40.81 61.00 13.22
N GLY A 89 -40.14 60.79 12.09
CA GLY A 89 -39.23 61.79 11.52
C GLY A 89 -37.81 61.77 12.06
N LYS A 90 -37.42 60.66 12.68
CA LYS A 90 -36.07 60.50 13.23
CA LYS A 90 -36.06 60.52 13.22
C LYS A 90 -35.14 59.81 12.24
N ASN A 91 -33.89 60.27 12.18
CA ASN A 91 -32.83 59.47 11.53
C ASN A 91 -32.60 58.22 12.38
N VAL A 92 -32.17 57.13 11.75
CA VAL A 92 -32.09 55.84 12.43
C VAL A 92 -30.79 55.07 12.17
N VAL A 93 -30.20 54.56 13.25
CA VAL A 93 -29.19 53.49 13.19
C VAL A 93 -29.87 52.19 13.66
N VAL A 94 -29.79 51.14 12.85
CA VAL A 94 -30.22 49.80 13.29
C VAL A 94 -29.04 48.87 13.38
N GLU A 95 -28.94 48.11 14.46
CA GLU A 95 -27.91 47.08 14.53
C GLU A 95 -28.22 45.90 13.62
N LYS A 96 -27.17 45.41 12.96
CA LYS A 96 -27.21 44.12 12.26
C LYS A 96 -27.68 43.05 13.26
N PRO A 97 -28.69 42.24 12.90
CA PRO A 97 -29.43 42.13 11.64
C PRO A 97 -30.50 43.21 11.45
N PHE A 98 -30.40 43.87 10.29
CA PHE A 98 -31.21 45.00 9.87
C PHE A 98 -32.69 44.66 9.96
N THR A 99 -33.14 43.67 9.20
CA THR A 99 -34.54 43.21 9.26
C THR A 99 -34.59 41.68 9.17
N SER A 100 -35.76 41.09 9.42
CA SER A 100 -35.88 39.65 9.29
C SER A 100 -36.06 39.22 7.85
N THR A 101 -36.55 40.12 6.99
CA THR A 101 -36.69 39.83 5.56
C THR A 101 -36.16 40.97 4.70
N THR A 102 -35.82 40.66 3.44
CA THR A 102 -35.37 41.64 2.45
C THR A 102 -36.47 42.64 2.11
N LYS A 103 -37.69 42.12 1.98
CA LYS A 103 -38.87 42.94 1.71
C LYS A 103 -39.06 44.05 2.75
N GLN A 104 -38.93 43.68 4.03
CA GLN A 104 -38.98 44.62 5.14
C GLN A 104 -37.87 45.66 5.04
N GLY A 105 -36.66 45.22 4.67
CA GLY A 105 -35.51 46.12 4.53
C GLY A 105 -35.71 47.13 3.43
N GLU A 106 -36.25 46.65 2.30
CA GLU A 106 -36.58 47.50 1.17
C GLU A 106 -37.64 48.54 1.53
N GLU A 107 -38.62 48.15 2.35
CA GLU A 107 -39.68 49.04 2.78
C GLU A 107 -39.10 50.20 3.61
N LEU A 108 -38.24 49.87 4.56
CA LEU A 108 -37.66 50.86 5.44
C LEU A 108 -36.77 51.84 4.71
N ILE A 109 -35.98 51.35 3.75
CA ILE A 109 -35.12 52.22 2.92
C ILE A 109 -35.96 53.19 2.08
N ALA A 110 -37.04 52.68 1.50
CA ALA A 110 -37.97 53.51 0.73
C ALA A 110 -38.63 54.58 1.61
N LEU A 111 -38.96 54.21 2.83
CA LEU A 111 -39.62 55.13 3.77
C LEU A 111 -38.64 56.23 4.19
N ALA A 112 -37.41 55.82 4.50
CA ALA A 112 -36.35 56.76 4.82
C ALA A 112 -36.08 57.75 3.67
N LYS A 113 -36.08 57.24 2.44
CA LYS A 113 -35.86 58.05 1.25
C LYS A 113 -37.00 59.07 1.04
N LYS A 114 -38.23 58.59 1.20
CA LYS A 114 -39.45 59.40 1.13
C LYS A 114 -39.37 60.57 2.12
N LYS A 115 -38.94 60.30 3.34
CA LYS A 115 -38.94 61.32 4.39
C LYS A 115 -37.63 62.10 4.52
N GLY A 116 -36.67 61.82 3.64
CA GLY A 116 -35.36 62.49 3.67
C GLY A 116 -34.53 62.22 4.91
N LEU A 117 -34.65 61.00 5.46
CA LEU A 117 -33.96 60.62 6.70
C LEU A 117 -32.82 59.61 6.48
N MET A 118 -31.83 59.60 7.37
CA MET A 118 -30.75 58.60 7.32
C MET A 118 -31.22 57.27 7.91
N LEU A 119 -30.99 56.18 7.17
CA LEU A 119 -31.11 54.84 7.72
C LEU A 119 -29.76 54.09 7.59
N SER A 120 -29.08 53.97 8.72
CA SER A 120 -27.74 53.39 8.83
C SER A 120 -27.82 52.04 9.51
N VAL A 121 -26.99 51.10 9.08
CA VAL A 121 -26.88 49.83 9.80
C VAL A 121 -25.51 49.71 10.44
N TYR A 122 -25.51 49.47 11.75
CA TYR A 122 -24.30 49.33 12.52
C TYR A 122 -23.74 47.89 12.50
N GLN A 123 -22.46 47.81 12.17
CA GLN A 123 -21.67 46.59 12.19
C GLN A 123 -20.34 46.90 12.86
N ASN A 124 -20.12 46.38 14.06
CA ASN A 124 -18.92 46.71 14.84
C ASN A 124 -17.60 46.31 14.17
N ARG A 125 -17.64 45.25 13.34
CA ARG A 125 -16.43 44.71 12.72
CA ARG A 125 -16.43 44.72 12.73
C ARG A 125 -15.80 45.65 11.71
N ARG A 126 -16.61 46.58 11.18
CA ARG A 126 -16.12 47.65 10.27
C ARG A 126 -15.10 48.55 10.94
N TRP A 127 -15.13 48.60 12.27
CA TRP A 127 -14.32 49.55 13.03
C TRP A 127 -13.20 48.86 13.82
N ASP A 128 -13.00 47.57 13.56
CA ASP A 128 -11.97 46.78 14.27
C ASP A 128 -10.58 47.12 13.74
N ALA A 129 -9.57 46.97 14.61
CA ALA A 129 -8.17 47.26 14.25
C ALA A 129 -7.72 46.58 12.96
N ASP A 130 -8.11 45.33 12.77
CA ASP A 130 -7.61 44.57 11.61
C ASP A 130 -8.11 45.08 10.25
N PHE A 131 -9.43 45.25 10.12
CA PHE A 131 -10.04 45.84 8.93
C PHE A 131 -9.58 47.29 8.65
N LEU A 132 -9.53 48.13 9.69
CA LEU A 132 -9.02 49.50 9.53
C LEU A 132 -7.57 49.55 9.10
N THR A 133 -6.77 48.60 9.59
CA THR A 133 -5.37 48.48 9.16
C THR A 133 -5.29 48.14 7.67
N VAL A 134 -6.13 47.20 7.23
CA VAL A 134 -6.20 46.85 5.80
C VAL A 134 -6.64 48.03 4.94
N ARG A 135 -7.68 48.75 5.37
CA ARG A 135 -8.14 49.98 4.66
C ARG A 135 -7.03 51.01 4.52
N ASP A 136 -6.26 51.16 5.60
CA ASP A 136 -5.14 52.09 5.65
C ASP A 136 -3.97 51.69 4.75
N ILE A 137 -3.65 50.40 4.72
CA ILE A 137 -2.61 49.88 3.81
C ILE A 137 -3.00 50.16 2.36
N LEU A 138 -4.28 49.96 2.04
CA LEU A 138 -4.80 50.26 0.70
C LEU A 138 -4.81 51.75 0.38
N ALA A 139 -5.25 52.57 1.34
CA ALA A 139 -5.27 54.03 1.19
C ALA A 139 -3.89 54.61 0.90
N LYS A 140 -2.89 54.05 1.57
CA LYS A 140 -1.51 54.48 1.45
C LYS A 140 -0.73 53.81 0.30
N SER A 141 -1.38 52.88 -0.40
CA SER A 141 -0.78 52.12 -1.51
C SER A 141 0.56 51.45 -1.15
N LEU A 142 0.64 50.87 0.06
CA LEU A 142 1.88 50.27 0.56
C LEU A 142 2.33 49.07 -0.27
N LEU A 143 1.37 48.42 -0.92
CA LEU A 143 1.62 47.21 -1.70
C LEU A 143 1.78 47.51 -3.19
N GLY A 144 1.83 48.79 -3.54
CA GLY A 144 1.78 49.19 -4.95
C GLY A 144 0.36 49.09 -5.47
N ARG A 145 0.21 48.57 -6.69
CA ARG A 145 -1.12 48.32 -7.23
C ARG A 145 -1.58 46.97 -6.70
N LEU A 146 -2.75 46.94 -6.06
CA LEU A 146 -3.29 45.69 -5.50
C LEU A 146 -3.76 44.77 -6.61
N VAL A 147 -3.43 43.48 -6.51
CA VAL A 147 -3.86 42.48 -7.49
C VAL A 147 -4.69 41.37 -6.86
N GLU A 148 -4.52 41.13 -5.56
CA GLU A 148 -5.23 40.03 -4.90
C GLU A 148 -5.59 40.32 -3.46
N TYR A 149 -6.80 39.90 -3.09
CA TYR A 149 -7.29 40.08 -1.74
C TYR A 149 -7.89 38.76 -1.30
N GLU A 150 -7.46 38.28 -0.14
CA GLU A 150 -7.99 37.05 0.42
C GLU A 150 -8.33 37.29 1.85
N SER A 151 -9.48 36.77 2.26
CA SER A 151 -9.88 36.90 3.64
CA SER A 151 -9.94 36.93 3.62
C SER A 151 -10.57 35.63 4.10
N THR A 152 -10.09 35.12 5.25
CA THR A 152 -10.53 33.83 5.78
C THR A 152 -10.84 33.87 7.27
N PHE A 153 -11.98 33.31 7.64
CA PHE A 153 -12.25 32.99 9.04
C PHE A 153 -11.88 31.53 9.30
N ALA A 154 -10.76 31.32 9.95
CA ALA A 154 -10.29 29.96 10.27
C ALA A 154 -10.66 29.56 11.68
N ARG A 155 -11.31 28.42 11.80
CA ARG A 155 -11.68 27.89 13.12
C ARG A 155 -11.42 26.39 13.13
N TYR A 156 -11.33 25.82 14.33
CA TYR A 156 -11.25 24.36 14.47
C TYR A 156 -12.24 23.91 15.55
N ARG A 157 -13.35 23.33 15.12
CA ARG A 157 -14.36 22.92 16.09
C ARG A 157 -15.15 21.71 15.58
N ASN A 158 -15.22 20.65 16.40
CA ASN A 158 -16.12 19.52 16.14
C ASN A 158 -17.35 19.59 17.05
N PHE A 159 -18.35 18.75 16.77
CA PHE A 159 -19.52 18.62 17.65
C PHE A 159 -20.09 17.20 17.65
N GLY A 174 -25.98 28.36 9.38
CA GLY A 174 -25.00 28.01 8.33
C GLY A 174 -23.86 29.03 8.26
N LEU A 175 -22.65 28.54 7.95
CA LEU A 175 -21.44 29.36 8.02
C LEU A 175 -21.38 30.52 7.02
N THR A 176 -21.90 30.27 5.82
CA THR A 176 -21.92 31.28 4.75
C THR A 176 -22.78 32.48 5.17
N TYR A 177 -23.91 32.22 5.83
CA TYR A 177 -24.73 33.28 6.40
C TYR A 177 -24.05 33.96 7.59
N ASN A 178 -23.60 33.16 8.55
CA ASN A 178 -23.09 33.69 9.80
CA ASN A 178 -23.06 33.65 9.82
C ASN A 178 -21.75 34.43 9.71
N LEU A 179 -20.78 33.86 9.01
CA LEU A 179 -19.46 34.51 8.90
C LEU A 179 -19.22 35.09 7.53
N GLY A 180 -19.84 34.48 6.51
CA GLY A 180 -19.83 35.04 5.15
C GLY A 180 -20.30 36.49 5.09
N SER A 181 -21.34 36.83 5.85
CA SER A 181 -21.86 38.21 5.93
CA SER A 181 -21.85 38.20 5.88
C SER A 181 -20.77 39.24 6.20
N HIS A 182 -19.90 38.94 7.16
CA HIS A 182 -18.84 39.90 7.54
C HIS A 182 -17.81 40.02 6.44
N LEU A 183 -17.42 38.87 5.87
CA LEU A 183 -16.41 38.82 4.81
C LEU A 183 -16.89 39.51 3.55
N ILE A 184 -18.14 39.24 3.18
CA ILE A 184 -18.73 39.86 1.99
C ILE A 184 -18.88 41.36 2.22
N ASP A 185 -19.38 41.74 3.39
CA ASP A 185 -19.54 43.17 3.73
C ASP A 185 -18.25 43.93 3.51
N GLN A 186 -17.18 43.42 4.10
CA GLN A 186 -15.87 44.07 4.01
C GLN A 186 -15.33 44.11 2.58
N ALA A 187 -15.48 43.01 1.83
CA ALA A 187 -15.04 43.00 0.42
C ALA A 187 -15.79 44.01 -0.46
N ILE A 188 -17.11 44.12 -0.30
CA ILE A 188 -17.91 45.07 -1.08
CA ILE A 188 -17.90 45.07 -1.09
C ILE A 188 -17.54 46.52 -0.74
N GLN A 189 -17.34 46.79 0.54
CA GLN A 189 -16.90 48.12 0.96
CA GLN A 189 -16.91 48.11 1.00
C GLN A 189 -15.59 48.56 0.35
N LEU A 190 -14.63 47.64 0.27
CA LEU A 190 -13.34 47.98 -0.32
C LEU A 190 -13.37 48.05 -1.83
N PHE A 191 -14.10 47.14 -2.47
CA PHE A 191 -13.95 46.92 -3.91
C PHE A 191 -15.22 47.00 -4.75
N GLY A 192 -16.38 47.10 -4.12
CA GLY A 192 -17.63 47.25 -4.87
C GLY A 192 -18.25 45.91 -5.18
N MET A 193 -19.45 45.94 -5.76
CA MET A 193 -20.21 44.74 -6.06
C MET A 193 -19.62 43.99 -7.26
N PRO A 194 -19.55 42.65 -7.20
CA PRO A 194 -18.99 41.89 -8.33
C PRO A 194 -19.96 41.75 -9.49
N GLU A 195 -19.43 41.52 -10.68
CA GLU A 195 -20.24 41.09 -11.82
C GLU A 195 -20.83 39.69 -11.64
N ALA A 196 -20.08 38.80 -10.98
CA ALA A 196 -20.52 37.41 -10.84
C ALA A 196 -20.00 36.75 -9.56
N VAL A 197 -20.65 35.65 -9.16
CA VAL A 197 -20.29 34.91 -7.95
C VAL A 197 -20.03 33.44 -8.23
N PHE A 198 -18.85 32.95 -7.82
CA PHE A 198 -18.62 31.50 -7.66
C PHE A 198 -18.58 31.14 -6.18
N ALA A 199 -19.28 30.09 -5.80
CA ALA A 199 -19.15 29.56 -4.45
C ALA A 199 -19.17 28.03 -4.41
N ASP A 200 -18.37 27.47 -3.52
CA ASP A 200 -18.39 26.05 -3.22
C ASP A 200 -18.52 25.91 -1.72
N LEU A 201 -19.58 25.24 -1.31
CA LEU A 201 -19.86 25.05 0.10
C LEU A 201 -19.69 23.60 0.51
N GLY A 202 -19.43 23.36 1.78
CA GLY A 202 -19.25 21.99 2.25
C GLY A 202 -19.86 21.75 3.62
N ILE A 203 -20.26 20.50 3.85
CA ILE A 203 -20.48 20.01 5.20
C ILE A 203 -19.40 18.99 5.45
N LEU A 204 -18.35 19.43 6.14
CA LEU A 204 -17.10 18.67 6.22
C LEU A 204 -17.05 17.80 7.45
N ARG A 205 -17.77 18.21 8.49
CA ARG A 205 -17.77 17.49 9.75
C ARG A 205 -18.90 16.48 9.79
N GLU A 206 -18.60 15.31 10.35
CA GLU A 206 -19.56 14.21 10.47
C GLU A 206 -20.72 14.62 11.37
N GLY A 207 -21.94 14.37 10.89
CA GLY A 207 -23.16 14.69 11.64
C GLY A 207 -23.69 16.10 11.42
N GLY A 208 -23.00 16.89 10.61
CA GLY A 208 -23.39 18.27 10.34
C GLY A 208 -24.62 18.37 9.47
N LYS A 209 -25.40 19.42 9.69
CA LYS A 209 -26.65 19.63 8.93
C LYS A 209 -26.65 20.90 8.09
N VAL A 210 -25.79 21.86 8.44
CA VAL A 210 -25.64 23.11 7.69
C VAL A 210 -24.17 23.27 7.26
N ASP A 211 -23.93 24.09 6.23
CA ASP A 211 -22.57 24.28 5.73
C ASP A 211 -21.60 24.72 6.84
N ASP A 212 -20.41 24.12 6.85
CA ASP A 212 -19.37 24.49 7.80
C ASP A 212 -18.06 24.81 7.06
N TYR A 213 -18.20 25.04 5.76
CA TYR A 213 -17.09 25.43 4.88
C TYR A 213 -17.65 26.27 3.73
N PHE A 214 -16.96 27.33 3.35
CA PHE A 214 -17.23 27.93 2.05
C PHE A 214 -15.97 28.51 1.46
N ILE A 215 -15.94 28.57 0.15
CA ILE A 215 -15.01 29.42 -0.56
C ILE A 215 -15.83 30.19 -1.58
N ILE A 216 -15.59 31.49 -1.68
CA ILE A 216 -16.40 32.35 -2.54
C ILE A 216 -15.45 33.20 -3.35
N HIS A 217 -15.67 33.28 -4.66
CA HIS A 217 -14.95 34.24 -5.49
C HIS A 217 -15.92 35.30 -5.98
N LEU A 218 -15.57 36.55 -5.71
CA LEU A 218 -16.32 37.71 -6.22
C LEU A 218 -15.62 38.15 -7.48
N LEU A 219 -16.28 37.89 -8.60
CA LEU A 219 -15.64 38.09 -9.90
C LEU A 219 -15.91 39.49 -10.44
N HIS A 220 -14.81 40.21 -10.67
CA HIS A 220 -14.80 41.60 -11.17
C HIS A 220 -15.55 42.63 -10.33
N PRO A 221 -15.03 42.95 -9.11
CA PRO A 221 -15.71 43.95 -8.29
C PRO A 221 -15.64 45.33 -8.95
N SER A 222 -16.74 46.10 -8.89
CA SER A 222 -16.87 47.33 -9.70
CA SER A 222 -16.89 47.35 -9.67
C SER A 222 -15.74 48.35 -9.55
N LEU A 223 -15.23 48.54 -8.35
CA LEU A 223 -14.19 49.56 -8.13
C LEU A 223 -12.79 49.10 -8.49
N ALA A 224 -12.60 47.78 -8.58
CA ALA A 224 -11.29 47.20 -8.87
C ALA A 224 -11.48 45.86 -9.57
N PRO A 225 -11.94 45.90 -10.84
CA PRO A 225 -12.44 44.66 -11.46
C PRO A 225 -11.36 43.62 -11.79
N ASN A 226 -10.10 44.04 -11.74
CA ASN A 226 -8.98 43.16 -12.05
C ASN A 226 -8.35 42.50 -10.82
N VAL A 227 -8.89 42.83 -9.65
CA VAL A 227 -8.41 42.28 -8.38
C VAL A 227 -9.08 40.94 -8.12
N LYS A 228 -8.27 39.94 -7.78
CA LYS A 228 -8.79 38.61 -7.45
C LYS A 228 -9.18 38.56 -6.00
N ILE A 229 -10.43 38.13 -5.76
CA ILE A 229 -11.00 38.08 -4.42
CA ILE A 229 -11.03 38.09 -4.43
C ILE A 229 -11.35 36.66 -4.00
N THR A 230 -10.86 36.26 -2.84
CA THR A 230 -11.25 34.99 -2.26
C THR A 230 -11.73 35.20 -0.86
N LEU A 231 -12.94 34.71 -0.57
CA LEU A 231 -13.47 34.74 0.78
C LEU A 231 -13.66 33.29 1.21
N LYS A 232 -13.23 32.96 2.42
CA LYS A 232 -13.27 31.59 2.94
C LYS A 232 -13.59 31.54 4.42
N ALA A 233 -14.24 30.47 4.85
CA ALA A 233 -14.31 30.11 6.26
C ALA A 233 -14.47 28.62 6.38
N SER A 234 -13.99 28.06 7.50
CA SER A 234 -14.09 26.62 7.75
C SER A 234 -13.99 26.34 9.24
N TYR A 235 -14.73 25.33 9.70
CA TYR A 235 -14.57 24.84 11.07
C TYR A 235 -13.54 23.71 11.18
N LEU A 236 -12.86 23.39 10.08
CA LEU A 236 -11.76 22.42 10.13
C LEU A 236 -10.46 23.00 9.60
N MET A 237 -9.93 23.98 10.32
CA MET A 237 -8.61 24.53 10.03
C MET A 237 -7.83 24.58 11.32
N ARG A 238 -7.28 23.43 11.74
CA ARG A 238 -6.50 23.39 12.99
C ARG A 238 -5.26 24.27 12.93
N GLU A 239 -4.63 24.33 11.76
CA GLU A 239 -3.66 25.38 11.50
C GLU A 239 -4.33 26.46 10.65
N ALA A 240 -4.45 27.67 11.20
CA ALA A 240 -5.24 28.75 10.56
C ALA A 240 -4.64 29.25 9.25
N GLU A 241 -5.50 29.55 8.29
CA GLU A 241 -5.11 30.35 7.13
C GLU A 241 -5.20 31.85 7.50
N PRO A 242 -4.57 32.74 6.73
CA PRO A 242 -4.55 34.14 7.18
C PRO A 242 -5.93 34.80 7.23
N ARG A 243 -6.15 35.65 8.24
CA ARG A 243 -7.37 36.46 8.26
C ARG A 243 -7.41 37.40 7.05
N PHE A 244 -6.27 37.98 6.69
CA PHE A 244 -6.14 38.76 5.48
C PHE A 244 -4.84 38.38 4.80
N ALA A 245 -4.89 38.20 3.49
CA ALA A 245 -3.69 38.14 2.69
C ALA A 245 -3.92 39.01 1.46
N LEU A 246 -3.04 39.99 1.30
CA LEU A 246 -3.16 40.93 0.21
C LEU A 246 -1.87 40.93 -0.56
N HIS A 247 -1.97 40.95 -1.89
CA HIS A 247 -0.79 40.99 -2.75
C HIS A 247 -0.91 42.12 -3.74
N GLY A 248 0.17 42.87 -3.85
CA GLY A 248 0.26 43.88 -4.87
C GLY A 248 1.53 43.75 -5.68
N THR A 249 1.73 44.71 -6.58
CA THR A 249 2.89 44.71 -7.47
C THR A 249 4.20 44.91 -6.71
N LEU A 250 4.13 45.61 -5.58
CA LEU A 250 5.32 45.91 -4.79
C LEU A 250 5.46 45.06 -3.54
N GLY A 251 4.39 44.39 -3.13
CA GLY A 251 4.49 43.64 -1.89
C GLY A 251 3.21 42.98 -1.42
N SER A 252 3.29 42.44 -0.20
CA SER A 252 2.20 41.64 0.36
C SER A 252 1.99 42.02 1.81
N TYR A 253 0.78 41.77 2.29
CA TYR A 253 0.48 41.93 3.71
C TYR A 253 -0.26 40.68 4.14
N VAL A 254 0.19 40.04 5.21
CA VAL A 254 -0.42 38.79 5.67
C VAL A 254 -0.71 38.87 7.14
N LYS A 255 -1.95 38.64 7.52
CA LYS A 255 -2.36 38.81 8.89
C LYS A 255 -3.14 37.61 9.37
N TYR A 256 -2.76 37.06 10.52
CA TYR A 256 -3.51 35.95 11.14
C TYR A 256 -4.38 36.45 12.29
N GLY A 257 -5.57 35.87 12.44
CA GLY A 257 -6.49 36.21 13.53
C GLY A 257 -6.12 35.58 14.85
N VAL A 258 -6.90 35.89 15.89
CA VAL A 258 -6.61 35.49 17.27
C VAL A 258 -6.68 33.98 17.47
N PRO A 274 -14.06 43.64 22.49
CA PRO A 274 -13.98 43.80 21.04
C PRO A 274 -12.62 44.37 20.61
N ASN A 275 -12.31 44.24 19.31
CA ASN A 275 -11.01 44.64 18.75
C ASN A 275 -10.89 46.15 18.49
N TRP A 276 -11.13 46.95 19.53
CA TRP A 276 -11.41 48.38 19.41
C TRP A 276 -10.24 49.28 19.78
N GLY A 277 -9.13 48.66 20.19
CA GLY A 277 -7.92 49.40 20.51
C GLY A 277 -6.77 48.92 19.65
N GLU A 278 -5.58 48.90 20.25
CA GLU A 278 -4.40 48.42 19.56
C GLU A 278 -4.36 46.88 19.61
N GLU A 279 -3.44 46.29 18.87
CA GLU A 279 -3.29 44.85 18.89
C GLU A 279 -1.94 44.45 19.48
N SER A 280 -1.94 43.39 20.28
CA SER A 280 -0.68 42.85 20.84
C SER A 280 0.24 42.31 19.75
N GLU A 281 1.55 42.30 20.02
CA GLU A 281 2.57 41.96 19.02
C GLU A 281 2.35 40.61 18.31
N GLN A 282 1.88 39.62 19.07
CA GLN A 282 1.55 38.29 18.56
C GLN A 282 0.50 38.32 17.42
N GLU A 283 -0.35 39.34 17.44
CA GLU A 283 -1.41 39.51 16.44
C GLU A 283 -1.00 40.32 15.23
N TRP A 284 0.17 40.99 15.24
CA TRP A 284 0.53 41.89 14.12
C TRP A 284 0.72 41.15 12.80
N GLY A 285 0.28 41.77 11.71
CA GLY A 285 0.50 41.24 10.37
C GLY A 285 1.92 41.45 9.89
N LEU A 286 2.28 40.75 8.82
CA LEU A 286 3.60 40.92 8.23
C LEU A 286 3.48 41.75 6.98
N LEU A 287 4.25 42.83 6.93
CA LEU A 287 4.27 43.68 5.76
C LEU A 287 5.59 43.44 5.06
N HIS A 288 5.51 42.99 3.82
CA HIS A 288 6.71 42.70 3.06
C HIS A 288 6.56 43.42 1.74
N THR A 289 7.22 44.56 1.61
CA THR A 289 6.98 45.44 0.47
C THR A 289 8.20 46.31 0.16
N GLU A 290 8.05 47.21 -0.80
CA GLU A 290 9.09 48.15 -1.17
C GLU A 290 8.67 49.55 -0.76
N ILE A 291 9.50 50.21 0.05
CA ILE A 291 9.20 51.56 0.50
C ILE A 291 10.40 52.46 0.20
N ASN A 292 10.15 53.53 -0.57
CA ASN A 292 11.18 54.45 -1.05
C ASN A 292 12.33 53.70 -1.74
N GLY A 293 11.94 52.70 -2.56
CA GLY A 293 12.89 51.87 -3.29
C GLY A 293 13.69 50.84 -2.50
N LYS A 294 13.32 50.62 -1.24
CA LYS A 294 14.03 49.65 -0.39
C LYS A 294 13.07 48.56 0.09
N GLU A 295 13.50 47.31 -0.01
CA GLU A 295 12.70 46.18 0.49
C GLU A 295 12.63 46.21 2.00
N ILE A 296 11.41 46.12 2.52
CA ILE A 296 11.20 45.98 3.96
C ILE A 296 10.36 44.72 4.21
N CYS A 297 10.65 44.03 5.30
CA CYS A 297 9.90 42.85 5.69
C CYS A 297 9.83 42.86 7.20
N ARG A 298 8.72 43.32 7.75
CA ARG A 298 8.63 43.57 9.20
C ARG A 298 7.23 43.31 9.73
N LYS A 299 7.12 42.87 10.98
CA LYS A 299 5.82 42.83 11.66
CA LYS A 299 5.82 42.83 11.64
C LYS A 299 5.29 44.25 11.75
N TYR A 300 4.01 44.43 11.46
CA TYR A 300 3.41 45.74 11.29
C TYR A 300 2.28 45.93 12.30
N PRO A 301 2.46 46.85 13.28
CA PRO A 301 1.45 47.07 14.33
C PRO A 301 0.10 47.58 13.78
N GLY A 302 0.14 48.20 12.61
CA GLY A 302 -1.05 48.71 11.94
C GLY A 302 -1.62 49.90 12.69
N ILE A 303 -2.93 50.07 12.62
CA ILE A 303 -3.59 51.15 13.35
C ILE A 303 -4.68 50.59 14.28
N ALA A 304 -5.04 51.37 15.29
CA ALA A 304 -5.97 50.90 16.30
C ALA A 304 -7.41 50.83 15.76
N GLY A 305 -8.26 50.07 16.44
CA GLY A 305 -9.68 50.15 16.17
C GLY A 305 -10.22 51.54 16.46
N ASN A 306 -11.37 51.88 15.87
CA ASN A 306 -11.92 53.22 15.97
C ASN A 306 -13.44 53.15 15.95
N TYR A 307 -13.98 52.64 17.05
CA TYR A 307 -15.43 52.44 17.14
C TYR A 307 -16.22 53.76 17.13
N GLY A 308 -15.57 54.85 17.55
CA GLY A 308 -16.14 56.21 17.43
C GLY A 308 -16.26 56.69 15.99
N GLY A 309 -15.56 56.02 15.08
CA GLY A 309 -15.60 56.31 13.65
C GLY A 309 -16.98 56.18 13.05
N PHE A 310 -17.77 55.26 13.58
CA PHE A 310 -19.13 55.09 13.12
C PHE A 310 -19.93 56.39 13.31
N TYR A 311 -19.84 56.97 14.50
CA TYR A 311 -20.57 58.19 14.84
C TYR A 311 -19.97 59.44 14.20
N GLN A 312 -18.65 59.50 14.08
CA GLN A 312 -18.03 60.62 13.38
C GLN A 312 -18.47 60.69 11.90
N ASN A 313 -18.57 59.52 11.25
CA ASN A 313 -19.06 59.47 9.89
C ASN A 313 -20.52 59.91 9.74
N ILE A 314 -21.38 59.47 10.67
CA ILE A 314 -22.77 59.95 10.76
C ILE A 314 -22.83 61.47 10.91
N TYR A 315 -22.04 62.03 11.82
CA TYR A 315 -21.93 63.49 11.96
C TYR A 315 -21.53 64.15 10.64
N GLU A 316 -20.46 63.67 10.02
CA GLU A 316 -20.00 64.24 8.75
C GLU A 316 -21.00 64.06 7.62
N HIS A 317 -21.80 63.01 7.68
CA HIS A 317 -22.85 62.83 6.68
C HIS A 317 -24.04 63.81 6.90
N LEU A 318 -24.58 63.83 8.12
CA LEU A 318 -25.78 64.64 8.41
C LEU A 318 -25.51 66.14 8.45
N CYS A 319 -24.32 66.53 8.95
CA CYS A 319 -24.00 67.94 9.14
C CYS A 319 -23.14 68.55 8.04
N LEU A 320 -22.24 67.76 7.46
CA LEU A 320 -21.33 68.27 6.43
C LEU A 320 -21.54 67.65 5.05
N GLY A 321 -22.58 66.83 4.92
CA GLY A 321 -22.94 66.25 3.61
C GLY A 321 -21.97 65.25 3.02
N GLN A 322 -21.12 64.66 3.87
CA GLN A 322 -20.11 63.70 3.40
C GLN A 322 -20.74 62.33 3.18
N PRO A 323 -20.13 61.49 2.32
CA PRO A 323 -20.72 60.15 2.10
C PRO A 323 -20.81 59.33 3.37
N LEU A 324 -21.97 58.71 3.60
CA LEU A 324 -22.16 57.77 4.72
C LEU A 324 -21.60 56.41 4.32
N GLU A 325 -20.82 55.81 5.21
CA GLU A 325 -20.19 54.51 4.91
C GLU A 325 -21.08 53.33 5.26
N THR A 326 -22.20 53.60 5.93
CA THR A 326 -23.03 52.53 6.51
C THR A 326 -24.51 52.52 6.13
N HIS A 327 -24.82 52.93 4.90
CA HIS A 327 -26.20 52.94 4.39
C HIS A 327 -26.81 51.53 4.43
N ALA A 328 -28.07 51.44 4.83
CA ALA A 328 -28.78 50.16 4.95
C ALA A 328 -28.83 49.34 3.65
N GLN A 329 -28.72 50.00 2.51
CA GLN A 329 -28.67 49.31 1.22
C GLN A 329 -27.47 48.33 1.15
N ASP A 330 -26.37 48.65 1.83
CA ASP A 330 -25.22 47.74 2.00
C ASP A 330 -25.62 46.34 2.42
N ILE A 331 -26.49 46.26 3.44
CA ILE A 331 -26.94 44.99 3.99
C ILE A 331 -27.72 44.16 2.97
N LEU A 332 -28.61 44.83 2.23
CA LEU A 332 -29.35 44.17 1.16
C LEU A 332 -28.41 43.66 0.08
N ASN A 333 -27.35 44.42 -0.20
CA ASN A 333 -26.33 43.98 -1.15
C ASN A 333 -25.54 42.75 -0.70
N VAL A 334 -25.21 42.69 0.58
CA VAL A 334 -24.58 41.52 1.18
C VAL A 334 -25.48 40.28 1.05
N ILE A 335 -26.77 40.45 1.32
CA ILE A 335 -27.74 39.36 1.27
C ILE A 335 -27.90 38.81 -0.15
N ARG A 336 -27.89 39.72 -1.13
CA ARG A 336 -27.93 39.34 -2.55
C ARG A 336 -26.72 38.46 -2.90
N ILE A 337 -25.53 38.81 -2.39
CA ILE A 337 -24.31 38.03 -2.62
C ILE A 337 -24.36 36.67 -1.89
N ILE A 338 -24.81 36.68 -0.63
CA ILE A 338 -25.02 35.45 0.12
C ILE A 338 -25.95 34.50 -0.65
N GLU A 339 -27.07 35.02 -1.16
CA GLU A 339 -28.01 34.20 -1.90
C GLU A 339 -27.41 33.71 -3.22
N ALA A 340 -26.62 34.56 -3.87
CA ALA A 340 -25.94 34.18 -5.12
C ALA A 340 -24.91 33.06 -4.88
N ALA A 341 -24.30 33.07 -3.70
CA ALA A 341 -23.33 32.05 -3.30
C ALA A 341 -23.99 30.69 -3.06
N TYR A 342 -25.13 30.70 -2.37
CA TYR A 342 -25.92 29.48 -2.16
C TYR A 342 -26.51 28.94 -3.45
N GLN A 343 -26.89 29.82 -4.38
CA GLN A 343 -27.37 29.42 -5.70
C GLN A 343 -26.27 28.81 -6.56
N SER A 344 -25.07 29.41 -6.50
CA SER A 344 -23.89 28.92 -7.22
C SER A 344 -23.52 27.49 -6.84
N HIS A 345 -23.53 27.22 -5.53
CA HIS A 345 -23.26 25.91 -5.00
C HIS A 345 -24.37 24.91 -5.36
N ARG A 346 -25.62 25.32 -5.13
CA ARG A 346 -26.79 24.46 -5.34
C ARG A 346 -26.97 24.10 -6.82
N GLU A 347 -26.70 25.05 -7.71
CA GLU A 347 -26.89 24.84 -9.14
C GLU A 347 -25.63 24.48 -9.93
N ASN A 348 -24.49 24.40 -9.23
CA ASN A 348 -23.19 24.11 -9.86
C ASN A 348 -22.91 25.06 -11.03
N LYS A 349 -23.14 26.36 -10.79
CA LYS A 349 -22.97 27.38 -11.83
C LYS A 349 -22.33 28.64 -11.28
N ILE A 350 -21.63 29.40 -12.12
CA ILE A 350 -21.29 30.79 -11.80
C ILE A 350 -22.62 31.58 -11.87
N VAL A 351 -22.92 32.34 -10.82
CA VAL A 351 -24.13 33.20 -10.82
C VAL A 351 -23.79 34.62 -11.25
N ASN A 352 -24.37 35.04 -12.37
CA ASN A 352 -24.19 36.41 -12.86
C ASN A 352 -25.21 37.37 -12.23
N LEU A 353 -24.75 38.54 -11.83
CA LEU A 353 -25.61 39.49 -11.12
C LEU A 353 -26.30 40.50 -12.03
N GLU B 4 12.45 16.43 18.84
CA GLU B 4 11.46 15.40 19.28
C GLU B 4 12.15 14.04 19.42
N ILE B 5 12.83 13.84 20.53
CA ILE B 5 13.78 12.73 20.64
C ILE B 5 13.42 11.73 21.75
N ILE B 6 13.47 10.45 21.40
CA ILE B 6 13.21 9.37 22.36
C ILE B 6 14.52 9.00 23.07
N LYS B 7 14.62 9.41 24.33
CA LYS B 7 15.83 9.20 25.13
C LYS B 7 15.83 7.78 25.67
N THR B 8 16.84 7.02 25.28
CA THR B 8 16.79 5.57 25.40
C THR B 8 17.86 5.02 26.33
N GLY B 9 17.42 4.19 27.29
CA GLY B 9 18.33 3.43 28.15
C GLY B 9 18.55 2.02 27.64
N LEU B 10 19.81 1.62 27.52
CA LEU B 10 20.19 0.25 27.11
C LEU B 10 20.73 -0.58 28.29
N ALA B 11 20.06 -1.69 28.60
CA ALA B 11 20.37 -2.47 29.80
C ALA B 11 21.67 -3.28 29.76
N ALA B 12 22.12 -3.67 28.56
CA ALA B 12 23.34 -4.48 28.44
C ALA B 12 24.15 -4.18 27.21
N PHE B 13 25.46 -4.20 27.36
CA PHE B 13 26.38 -3.98 26.26
C PHE B 13 27.16 -5.26 25.88
N GLY B 14 26.47 -6.40 25.95
CA GLY B 14 27.00 -7.64 25.37
C GLY B 14 26.79 -7.71 23.87
N MET B 15 26.74 -8.93 23.32
CA MET B 15 26.62 -9.12 21.87
C MET B 15 25.40 -8.39 21.30
N SER B 16 24.22 -8.72 21.83
CA SER B 16 22.95 -8.15 21.38
CA SER B 16 22.96 -8.17 21.36
C SER B 16 22.91 -6.63 21.50
N GLY B 17 23.53 -6.10 22.54
CA GLY B 17 23.64 -4.65 22.74
C GLY B 17 24.52 -3.99 21.71
N GLN B 18 25.63 -4.64 21.39
CA GLN B 18 26.59 -4.13 20.40
C GLN B 18 26.17 -4.33 18.95
N VAL B 19 25.34 -5.33 18.69
CA VAL B 19 25.06 -5.73 17.31
C VAL B 19 23.66 -5.31 16.85
N PHE B 20 22.67 -5.47 17.73
CA PHE B 20 21.27 -5.30 17.36
C PHE B 20 20.61 -4.02 17.87
N HIS B 21 21.18 -3.41 18.89
CA HIS B 21 20.52 -2.31 19.57
C HIS B 21 21.26 -0.98 19.44
N ALA B 22 22.44 -0.89 20.04
CA ALA B 22 23.21 0.36 20.03
C ALA B 22 23.51 0.97 18.65
N PRO B 23 23.89 0.18 17.62
CA PRO B 23 24.15 0.83 16.33
C PRO B 23 22.94 1.54 15.73
N PHE B 24 21.74 1.00 15.95
CA PHE B 24 20.53 1.52 15.36
C PHE B 24 19.81 2.58 16.20
N ILE B 25 19.88 2.46 17.54
CA ILE B 25 19.47 3.54 18.44
C ILE B 25 20.32 4.79 18.15
N SER B 26 21.63 4.58 17.96
CA SER B 26 22.57 5.65 17.66
C SER B 26 22.31 6.33 16.31
N THR B 27 22.21 5.56 15.24
CA THR B 27 22.07 6.12 13.89
C THR B 27 20.69 6.70 13.56
N ASN B 28 19.64 6.18 14.19
CA ASN B 28 18.30 6.73 14.01
C ASN B 28 18.18 8.11 14.66
N PRO B 29 17.83 9.16 13.86
CA PRO B 29 17.78 10.56 14.32
C PRO B 29 16.71 10.82 15.37
N HIS B 30 15.71 9.94 15.44
CA HIS B 30 14.61 10.10 16.36
C HIS B 30 14.88 9.53 17.75
N PHE B 31 16.07 8.98 17.94
CA PHE B 31 16.46 8.32 19.19
C PHE B 31 17.74 8.89 19.71
N GLU B 32 17.86 8.98 21.04
CA GLU B 32 19.15 9.25 21.68
C GLU B 32 19.60 8.05 22.52
N LEU B 33 20.76 7.52 22.15
CA LEU B 33 21.44 6.54 23.00
C LEU B 33 22.01 7.32 24.17
N TYR B 34 21.21 7.41 25.23
CA TYR B 34 21.44 8.36 26.29
C TYR B 34 22.20 7.73 27.45
N LYS B 35 21.74 6.56 27.91
CA LYS B 35 22.47 5.82 28.94
C LYS B 35 22.63 4.33 28.59
N ILE B 36 23.73 3.76 29.08
CA ILE B 36 24.07 2.35 28.84
C ILE B 36 24.55 1.74 30.17
N VAL B 37 23.97 0.60 30.56
CA VAL B 37 24.44 -0.12 31.75
C VAL B 37 25.67 -0.97 31.42
N GLU B 38 26.76 -0.74 32.16
CA GLU B 38 27.96 -1.58 32.14
C GLU B 38 28.41 -1.72 33.59
N ARG B 39 28.55 -2.94 34.08
CA ARG B 39 28.75 -3.19 35.53
C ARG B 39 30.09 -2.70 36.06
N SER B 40 31.15 -2.89 35.29
CA SER B 40 32.49 -2.59 35.75
C SER B 40 33.40 -2.17 34.60
N LYS B 41 32.90 -2.34 33.39
CA LYS B 41 33.68 -2.03 32.19
C LYS B 41 33.22 -0.72 31.58
N GLU B 42 33.90 -0.28 30.52
CA GLU B 42 33.56 0.96 29.82
C GLU B 42 33.82 0.83 28.32
N LEU B 43 33.41 -0.27 27.70
CA LEU B 43 33.72 -0.44 26.27
C LEU B 43 32.78 0.27 25.30
N SER B 44 31.67 0.82 25.83
CA SER B 44 30.74 1.61 25.00
C SER B 44 31.20 3.03 24.74
N LYS B 45 32.12 3.54 25.57
CA LYS B 45 32.60 4.92 25.43
C LYS B 45 33.46 5.13 24.17
N GLU B 46 33.91 4.03 23.57
CA GLU B 46 34.62 4.05 22.30
C GLU B 46 33.72 4.52 21.15
N ARG B 47 32.68 3.73 20.83
CA ARG B 47 31.82 3.95 19.67
CA ARG B 47 31.82 3.97 19.68
C ARG B 47 30.64 4.87 20.01
N TYR B 48 30.27 4.93 21.29
CA TYR B 48 29.15 5.75 21.73
C TYR B 48 29.53 6.64 22.93
N PRO B 49 30.43 7.62 22.70
CA PRO B 49 30.90 8.47 23.80
C PRO B 49 29.81 9.32 24.45
N GLN B 50 28.83 9.78 23.67
CA GLN B 50 27.80 10.69 24.21
C GLN B 50 26.83 10.04 25.20
N ALA B 51 26.81 8.71 25.24
CA ALA B 51 26.03 8.02 26.25
C ALA B 51 26.72 8.12 27.60
N SER B 52 25.91 8.14 28.65
CA SER B 52 26.42 8.08 30.01
C SER B 52 26.36 6.64 30.50
N ILE B 53 27.53 6.10 30.87
CA ILE B 53 27.62 4.76 31.44
C ILE B 53 27.14 4.78 32.88
N VAL B 54 26.16 3.95 33.19
CA VAL B 54 25.76 3.71 34.57
C VAL B 54 26.10 2.26 34.96
N ARG B 55 26.03 1.95 36.25
CA ARG B 55 26.51 0.65 36.74
C ARG B 55 25.40 -0.33 37.01
N SER B 56 24.20 0.19 37.28
CA SER B 56 23.06 -0.67 37.56
C SER B 56 21.85 -0.32 36.70
N PHE B 57 20.99 -1.32 36.51
CA PHE B 57 19.74 -1.14 35.81
C PHE B 57 18.78 -0.17 36.51
N LYS B 58 18.78 -0.20 37.85
CA LYS B 58 17.96 0.70 38.67
C LYS B 58 18.18 2.18 38.32
N GLU B 59 19.41 2.51 37.91
CA GLU B 59 19.77 3.86 37.51
C GLU B 59 19.14 4.34 36.20
N LEU B 60 18.67 3.40 35.37
CA LEU B 60 17.91 3.76 34.18
C LEU B 60 16.49 4.14 34.57
N THR B 61 15.89 3.33 35.44
CA THR B 61 14.50 3.53 35.86
C THR B 61 14.32 4.79 36.72
N GLU B 62 15.40 5.18 37.39
CA GLU B 62 15.39 6.33 38.30
C GLU B 62 15.53 7.68 37.61
N ASP B 63 16.07 7.66 36.39
CA ASP B 63 16.28 8.89 35.60
C ASP B 63 15.00 9.27 34.83
N PRO B 64 14.35 10.39 35.23
CA PRO B 64 13.07 10.80 34.64
C PRO B 64 13.17 11.31 33.19
N GLU B 65 14.39 11.59 32.73
CA GLU B 65 14.61 12.02 31.35
C GLU B 65 14.52 10.88 30.32
N ILE B 66 14.61 9.63 30.80
CA ILE B 66 14.56 8.46 29.91
C ILE B 66 13.11 8.17 29.50
N ASP B 67 12.92 7.94 28.20
CA ASP B 67 11.60 7.63 27.62
C ASP B 67 11.42 6.15 27.30
N LEU B 68 12.52 5.48 27.00
CA LEU B 68 12.48 4.10 26.53
C LEU B 68 13.60 3.31 27.16
N ILE B 69 13.29 2.14 27.70
CA ILE B 69 14.32 1.26 28.21
C ILE B 69 14.35 -0.04 27.41
N VAL B 70 15.53 -0.38 26.88
CA VAL B 70 15.73 -1.63 26.14
C VAL B 70 16.29 -2.69 27.11
N VAL B 71 15.45 -3.68 27.42
CA VAL B 71 15.83 -4.76 28.35
C VAL B 71 16.41 -5.95 27.56
N ASN B 72 17.73 -5.91 27.38
CA ASN B 72 18.44 -6.97 26.66
C ASN B 72 19.40 -7.73 27.58
N THR B 73 19.14 -7.64 28.89
CA THR B 73 19.83 -8.46 29.90
C THR B 73 19.28 -9.91 29.83
N PRO B 74 19.93 -10.88 30.53
CA PRO B 74 19.46 -12.27 30.42
C PRO B 74 18.00 -12.52 30.80
N ASP B 75 17.46 -13.64 30.29
CA ASP B 75 16.06 -14.05 30.47
C ASP B 75 15.48 -13.92 31.88
N ASN B 76 16.30 -14.23 32.89
CA ASN B 76 15.82 -14.25 34.28
C ASN B 76 15.48 -12.86 34.82
N THR B 77 16.09 -11.84 34.23
CA THR B 77 15.88 -10.46 34.64
C THR B 77 14.67 -9.80 33.98
N HIS B 78 14.20 -10.35 32.87
CA HIS B 78 13.18 -9.71 32.04
C HIS B 78 11.92 -9.22 32.77
N TYR B 79 11.21 -10.12 33.44
CA TYR B 79 9.99 -9.76 34.17
C TYR B 79 10.21 -8.67 35.22
N GLU B 80 11.27 -8.80 36.02
CA GLU B 80 11.61 -7.84 37.06
C GLU B 80 11.96 -6.48 36.48
N TYR B 81 12.81 -6.50 35.45
CA TYR B 81 13.41 -5.28 34.91
C TYR B 81 12.40 -4.48 34.09
N ALA B 82 11.60 -5.18 33.27
CA ALA B 82 10.54 -4.53 32.51
C ALA B 82 9.47 -4.01 33.46
N GLY B 83 9.14 -4.81 34.48
CA GLY B 83 8.22 -4.39 35.53
C GLY B 83 8.65 -3.12 36.22
N MET B 84 9.94 -3.05 36.57
CA MET B 84 10.55 -1.86 37.17
C MET B 84 10.50 -0.65 36.25
N ALA B 85 10.74 -0.88 34.96
CA ALA B 85 10.73 0.22 33.98
C ALA B 85 9.32 0.75 33.70
N LEU B 86 8.34 -0.15 33.61
CA LEU B 86 6.94 0.24 33.44
C LEU B 86 6.36 0.99 34.66
N GLU B 87 6.63 0.50 35.87
CA GLU B 87 6.15 1.14 37.09
CA GLU B 87 6.18 1.13 37.12
C GLU B 87 6.76 2.54 37.26
N ALA B 88 7.97 2.72 36.73
CA ALA B 88 8.64 4.03 36.71
C ALA B 88 8.27 4.90 35.50
N GLY B 89 7.32 4.43 34.70
CA GLY B 89 6.74 5.23 33.62
C GLY B 89 7.55 5.33 32.34
N LYS B 90 8.30 4.28 32.03
CA LYS B 90 9.08 4.21 30.79
CA LYS B 90 9.06 4.24 30.78
C LYS B 90 8.45 3.24 29.81
N ASN B 91 8.55 3.55 28.52
CA ASN B 91 8.18 2.60 27.48
C ASN B 91 9.29 1.56 27.47
N VAL B 92 8.96 0.32 27.10
CA VAL B 92 9.91 -0.79 27.23
C VAL B 92 10.02 -1.65 25.98
N VAL B 93 11.26 -1.94 25.61
CA VAL B 93 11.62 -3.06 24.74
C VAL B 93 12.21 -4.21 25.60
N VAL B 94 11.63 -5.41 25.52
CA VAL B 94 12.22 -6.61 26.14
C VAL B 94 12.67 -7.55 25.03
N GLU B 95 13.84 -8.14 25.18
CA GLU B 95 14.26 -9.20 24.26
C GLU B 95 13.52 -10.51 24.49
N LYS B 96 13.50 -11.34 23.45
CA LYS B 96 12.97 -12.70 23.54
C LYS B 96 13.96 -13.55 24.33
N PRO B 97 13.47 -14.38 25.29
CA PRO B 97 12.07 -14.58 25.72
C PRO B 97 11.55 -13.50 26.65
N PHE B 98 10.29 -13.15 26.43
CA PHE B 98 9.65 -11.98 27.02
C PHE B 98 9.51 -12.10 28.56
N THR B 99 8.95 -13.21 29.03
CA THR B 99 8.93 -13.55 30.47
C THR B 99 9.20 -15.04 30.61
N SER B 100 9.42 -15.49 31.85
CA SER B 100 9.63 -16.92 32.10
C SER B 100 8.33 -17.72 31.98
N THR B 101 7.24 -17.20 32.53
CA THR B 101 5.93 -17.84 32.37
C THR B 101 4.98 -16.97 31.55
N THR B 102 3.88 -17.57 31.10
CA THR B 102 2.85 -16.88 30.33
C THR B 102 2.06 -15.93 31.22
N LYS B 103 1.84 -16.34 32.47
CA LYS B 103 1.02 -15.56 33.41
C LYS B 103 1.67 -14.28 33.92
N GLN B 104 3.00 -14.22 33.91
CA GLN B 104 3.69 -12.97 34.23
C GLN B 104 3.88 -12.09 32.98
N GLY B 105 3.73 -12.71 31.81
CA GLY B 105 3.67 -11.99 30.54
C GLY B 105 2.40 -11.17 30.40
N GLU B 106 1.27 -11.78 30.75
CA GLU B 106 -0.05 -11.12 30.73
C GLU B 106 -0.13 -9.98 31.75
N GLU B 107 0.66 -10.09 32.83
CA GLU B 107 0.69 -9.09 33.89
C GLU B 107 1.42 -7.80 33.47
N LEU B 108 2.54 -7.95 32.78
CA LEU B 108 3.30 -6.82 32.26
C LEU B 108 2.53 -6.07 31.18
N ILE B 109 1.75 -6.81 30.41
CA ILE B 109 0.90 -6.23 29.36
C ILE B 109 -0.19 -5.36 29.98
N ALA B 110 -0.87 -5.91 30.99
CA ALA B 110 -1.89 -5.20 31.74
C ALA B 110 -1.36 -3.96 32.46
N LEU B 111 -0.12 -4.03 32.96
CA LEU B 111 0.53 -2.90 33.61
C LEU B 111 0.83 -1.78 32.63
N ALA B 112 1.34 -2.14 31.46
CA ALA B 112 1.67 -1.18 30.39
C ALA B 112 0.42 -0.55 29.80
N LYS B 113 -0.67 -1.32 29.74
CA LYS B 113 -1.97 -0.82 29.29
C LYS B 113 -2.52 0.20 30.28
N LYS B 114 -2.36 -0.08 31.56
CA LYS B 114 -2.81 0.78 32.65
C LYS B 114 -2.11 2.14 32.63
N LYS B 115 -0.80 2.13 32.44
CA LYS B 115 -0.02 3.36 32.44
C LYS B 115 0.07 4.01 31.05
N GLY B 116 -0.54 3.36 30.05
CA GLY B 116 -0.50 3.84 28.67
C GLY B 116 0.91 3.85 28.10
N LEU B 117 1.66 2.78 28.33
CA LEU B 117 3.05 2.67 27.87
C LEU B 117 3.23 1.55 26.85
N MET B 118 4.23 1.71 25.99
CA MET B 118 4.57 0.70 25.00
C MET B 118 5.36 -0.43 25.67
N LEU B 119 4.93 -1.67 25.39
CA LEU B 119 5.69 -2.86 25.75
C LEU B 119 5.96 -3.65 24.48
N SER B 120 7.17 -3.48 23.95
CA SER B 120 7.57 -4.14 22.72
C SER B 120 8.48 -5.34 23.02
N VAL B 121 8.36 -6.39 22.22
CA VAL B 121 9.27 -7.55 22.32
C VAL B 121 10.14 -7.65 21.09
N TYR B 122 11.45 -7.59 21.29
CA TYR B 122 12.40 -7.65 20.18
C TYR B 122 12.66 -9.08 19.67
N GLN B 123 12.73 -9.23 18.35
CA GLN B 123 13.05 -10.51 17.69
C GLN B 123 13.92 -10.24 16.46
N ASN B 124 15.24 -10.46 16.57
CA ASN B 124 16.17 -10.05 15.49
C ASN B 124 15.92 -10.69 14.12
N ARG B 125 15.32 -11.87 14.11
CA ARG B 125 15.14 -12.68 12.89
C ARG B 125 14.14 -12.11 11.91
N ARG B 126 13.25 -11.22 12.34
CA ARG B 126 12.30 -10.69 11.37
C ARG B 126 12.84 -9.51 10.54
N TRP B 127 14.08 -9.12 10.83
CA TRP B 127 14.75 -8.09 10.06
C TRP B 127 15.86 -8.68 9.19
N ASP B 128 15.91 -10.02 9.14
CA ASP B 128 16.87 -10.77 8.33
C ASP B 128 16.73 -10.49 6.84
N ALA B 129 17.86 -10.34 6.18
CA ALA B 129 17.94 -10.12 4.73
C ALA B 129 17.11 -11.10 3.90
N ASP B 130 17.14 -12.39 4.27
CA ASP B 130 16.40 -13.41 3.48
C ASP B 130 14.89 -13.30 3.61
N PHE B 131 14.43 -13.01 4.82
CA PHE B 131 13.01 -12.83 5.09
C PHE B 131 12.49 -11.52 4.51
N LEU B 132 13.30 -10.46 4.58
CA LEU B 132 12.93 -9.19 3.96
C LEU B 132 12.90 -9.30 2.45
N THR B 133 13.74 -10.19 1.91
CA THR B 133 13.75 -10.50 0.47
C THR B 133 12.44 -11.21 0.10
N VAL B 134 12.05 -12.18 0.93
CA VAL B 134 10.75 -12.85 0.78
C VAL B 134 9.58 -11.85 0.76
N ARG B 135 9.55 -10.93 1.71
CA ARG B 135 8.59 -9.84 1.76
C ARG B 135 8.55 -9.00 0.51
N ASP B 136 9.71 -8.66 0.03
CA ASP B 136 9.85 -7.84 -1.16
C ASP B 136 9.36 -8.56 -2.42
N ILE B 137 9.64 -9.86 -2.52
CA ILE B 137 9.13 -10.69 -3.61
C ILE B 137 7.61 -10.74 -3.57
N LEU B 138 7.07 -10.90 -2.36
CA LEU B 138 5.62 -10.88 -2.16
C LEU B 138 4.96 -9.52 -2.41
N ALA B 139 5.57 -8.45 -1.88
CA ALA B 139 5.11 -7.07 -2.14
C ALA B 139 5.02 -6.76 -3.62
N LYS B 140 6.02 -7.22 -4.38
CA LYS B 140 6.08 -6.99 -5.81
C LYS B 140 5.30 -8.00 -6.66
N SER B 141 4.65 -8.98 -6.00
CA SER B 141 3.90 -10.06 -6.68
C SER B 141 4.67 -10.77 -7.84
N LEU B 142 5.97 -10.99 -7.64
CA LEU B 142 6.83 -11.59 -8.67
C LEU B 142 6.43 -13.03 -9.04
N LEU B 143 5.73 -13.70 -8.13
CA LEU B 143 5.32 -15.09 -8.31
C LEU B 143 3.87 -15.16 -8.77
N GLY B 144 3.27 -14.01 -9.03
CA GLY B 144 1.85 -13.93 -9.26
C GLY B 144 1.12 -14.03 -7.95
N ARG B 145 0.04 -14.81 -7.92
CA ARG B 145 -0.68 -15.04 -6.70
C ARG B 145 -0.01 -16.20 -5.94
N LEU B 146 0.45 -15.94 -4.72
CA LEU B 146 1.12 -16.96 -3.92
C LEU B 146 0.14 -18.06 -3.52
N VAL B 147 0.58 -19.32 -3.64
CA VAL B 147 -0.24 -20.47 -3.26
C VAL B 147 0.39 -21.33 -2.14
N GLU B 148 1.71 -21.28 -2.02
CA GLU B 148 2.43 -22.12 -1.06
C GLU B 148 3.65 -21.45 -0.47
N TYR B 149 3.84 -21.61 0.84
CA TYR B 149 4.98 -21.06 1.56
C TYR B 149 5.63 -22.16 2.41
N GLU B 150 6.91 -22.40 2.18
CA GLU B 150 7.65 -23.39 2.93
C GLU B 150 8.88 -22.74 3.53
N SER B 151 9.09 -22.98 4.81
CA SER B 151 10.24 -22.41 5.48
CA SER B 151 10.20 -22.38 5.53
C SER B 151 10.83 -23.44 6.43
N THR B 152 12.10 -23.77 6.19
CA THR B 152 12.76 -24.82 6.95
C THR B 152 14.14 -24.44 7.42
N PHE B 153 14.46 -24.88 8.63
CA PHE B 153 15.82 -24.82 9.17
C PHE B 153 16.42 -26.23 9.02
N ALA B 154 17.33 -26.37 8.07
CA ALA B 154 17.98 -27.63 7.75
C ALA B 154 19.37 -27.69 8.37
N ARG B 155 19.57 -28.63 9.30
CA ARG B 155 20.91 -28.90 9.82
C ARG B 155 21.25 -30.39 9.76
N TYR B 156 22.56 -30.68 9.77
CA TYR B 156 23.06 -32.05 9.95
C TYR B 156 24.04 -32.14 11.12
N ARG B 157 23.62 -32.84 12.18
CA ARG B 157 24.43 -32.99 13.40
C ARG B 157 24.03 -34.25 14.18
N ASN B 158 24.97 -35.16 14.43
CA ASN B 158 24.68 -36.36 15.25
C ASN B 158 25.14 -36.24 16.70
N GLY B 174 14.55 -27.90 23.13
CA GLY B 174 13.57 -28.43 22.18
C GLY B 174 13.52 -27.59 20.92
N LEU B 175 13.65 -28.22 19.76
CA LEU B 175 13.69 -27.52 18.47
C LEU B 175 12.44 -26.67 18.13
N THR B 176 11.26 -27.21 18.41
CA THR B 176 9.98 -26.52 18.17
C THR B 176 9.89 -25.19 18.95
N TYR B 177 10.35 -25.20 20.20
CA TYR B 177 10.41 -23.98 20.98
C TYR B 177 11.52 -23.05 20.49
N ASN B 178 12.72 -23.61 20.27
CA ASN B 178 13.90 -22.80 19.95
C ASN B 178 13.93 -22.22 18.54
N LEU B 179 13.63 -23.04 17.53
CA LEU B 179 13.68 -22.60 16.14
C LEU B 179 12.29 -22.33 15.56
N GLY B 180 11.31 -23.11 16.01
CA GLY B 180 9.92 -22.93 15.61
C GLY B 180 9.40 -21.52 15.85
N SER B 181 9.78 -20.93 16.98
CA SER B 181 9.46 -19.54 17.31
C SER B 181 9.81 -18.54 16.21
N HIS B 182 11.00 -18.65 15.64
CA HIS B 182 11.39 -17.79 14.50
C HIS B 182 10.52 -17.99 13.26
N LEU B 183 10.30 -19.25 12.90
CA LEU B 183 9.56 -19.58 11.67
C LEU B 183 8.09 -19.23 11.82
N ILE B 184 7.53 -19.54 13.00
CA ILE B 184 6.14 -19.18 13.34
C ILE B 184 5.93 -17.66 13.35
N ASP B 185 6.81 -16.92 14.02
CA ASP B 185 6.73 -15.46 14.02
C ASP B 185 6.72 -14.87 12.63
N GLN B 186 7.65 -15.33 11.80
CA GLN B 186 7.76 -14.88 10.40
C GLN B 186 6.49 -15.18 9.60
N ALA B 187 5.97 -16.40 9.76
CA ALA B 187 4.74 -16.84 9.08
C ALA B 187 3.50 -16.02 9.46
N ILE B 188 3.34 -15.76 10.77
CA ILE B 188 2.23 -14.94 11.28
CA ILE B 188 2.23 -14.93 11.29
C ILE B 188 2.31 -13.51 10.70
N GLN B 189 3.52 -12.93 10.69
CA GLN B 189 3.71 -11.61 10.11
C GLN B 189 3.25 -11.48 8.67
N LEU B 190 3.49 -12.51 7.86
CA LEU B 190 3.12 -12.44 6.45
C LEU B 190 1.66 -12.79 6.21
N PHE B 191 1.13 -13.73 6.98
CA PHE B 191 -0.17 -14.31 6.64
C PHE B 191 -1.22 -14.27 7.74
N GLY B 192 -0.84 -13.84 8.93
CA GLY B 192 -1.77 -13.75 10.06
C GLY B 192 -1.91 -15.06 10.78
N MET B 193 -2.81 -15.08 11.77
CA MET B 193 -3.02 -16.24 12.60
C MET B 193 -3.89 -17.30 11.91
N PRO B 194 -3.49 -18.59 12.03
CA PRO B 194 -4.26 -19.67 11.43
C PRO B 194 -5.50 -20.03 12.23
N GLU B 195 -6.44 -20.72 11.58
CA GLU B 195 -7.60 -21.26 12.27
C GLU B 195 -7.20 -22.49 13.07
N ALA B 196 -6.23 -23.24 12.56
CA ALA B 196 -5.85 -24.51 13.15
C ALA B 196 -4.38 -24.85 12.92
N VAL B 197 -3.86 -25.79 13.71
CA VAL B 197 -2.46 -26.20 13.67
C VAL B 197 -2.35 -27.72 13.60
N PHE B 198 -1.60 -28.21 12.62
CA PHE B 198 -1.08 -29.57 12.63
C PHE B 198 0.41 -29.54 12.93
N ALA B 199 0.87 -30.41 13.81
CA ALA B 199 2.31 -30.60 14.02
C ALA B 199 2.68 -32.06 14.25
N ASP B 200 3.79 -32.45 13.66
CA ASP B 200 4.39 -33.73 13.98
C ASP B 200 5.82 -33.50 14.41
N LEU B 201 6.16 -33.93 15.62
CA LEU B 201 7.52 -33.78 16.08
C LEU B 201 8.12 -35.16 16.26
N GLY B 202 9.45 -35.21 16.25
CA GLY B 202 10.14 -36.44 16.55
C GLY B 202 11.47 -36.19 17.24
N ILE B 203 11.89 -37.18 18.03
CA ILE B 203 13.27 -37.29 18.48
C ILE B 203 13.92 -38.36 17.57
N LEU B 204 14.80 -37.92 16.68
CA LEU B 204 15.27 -38.77 15.59
C LEU B 204 16.65 -39.36 15.83
N ARG B 205 17.52 -38.58 16.46
CA ARG B 205 18.86 -39.04 16.80
C ARG B 205 18.79 -39.91 18.06
N GLU B 206 19.63 -40.95 18.13
CA GLU B 206 19.61 -41.82 19.31
C GLU B 206 20.22 -41.13 20.53
N GLY B 207 19.58 -41.33 21.68
CA GLY B 207 19.99 -40.68 22.91
C GLY B 207 19.56 -39.23 23.05
N GLY B 208 18.75 -38.75 22.10
CA GLY B 208 18.17 -37.42 22.17
C GLY B 208 17.06 -37.40 23.21
N LYS B 209 16.89 -36.27 23.88
CA LYS B 209 15.92 -36.17 24.96
C LYS B 209 14.75 -35.23 24.65
N VAL B 210 14.99 -34.26 23.76
CA VAL B 210 13.96 -33.35 23.26
C VAL B 210 13.85 -33.44 21.73
N ASP B 211 12.77 -32.90 21.16
CA ASP B 211 12.55 -32.95 19.71
C ASP B 211 13.69 -32.31 18.91
N ASP B 212 14.17 -33.05 17.92
CA ASP B 212 15.18 -32.56 16.97
C ASP B 212 14.58 -32.53 15.55
N TYR B 213 13.24 -32.64 15.50
CA TYR B 213 12.50 -32.57 14.24
C TYR B 213 11.11 -32.02 14.50
N PHE B 214 10.64 -31.11 13.63
CA PHE B 214 9.20 -30.80 13.56
C PHE B 214 8.75 -30.57 12.13
N ILE B 215 7.47 -30.85 11.88
CA ILE B 215 6.81 -30.31 10.70
C ILE B 215 5.51 -29.67 11.17
N ILE B 216 5.30 -28.41 10.78
CA ILE B 216 4.11 -27.67 11.21
C ILE B 216 3.32 -27.13 10.02
N HIS B 217 2.02 -27.42 10.02
CA HIS B 217 1.11 -26.78 9.09
C HIS B 217 0.19 -25.80 9.84
N LEU B 218 0.24 -24.54 9.38
CA LEU B 218 -0.65 -23.50 9.86
C LEU B 218 -1.77 -23.43 8.85
N LEU B 219 -2.95 -23.80 9.31
CA LEU B 219 -4.09 -24.04 8.45
C LEU B 219 -5.03 -22.85 8.44
N HIS B 220 -5.24 -22.32 7.23
CA HIS B 220 -6.04 -21.11 6.95
C HIS B 220 -5.62 -19.87 7.74
N PRO B 221 -4.41 -19.32 7.44
CA PRO B 221 -3.98 -18.06 8.05
C PRO B 221 -4.93 -16.91 7.64
N SER B 222 -5.24 -16.01 8.57
CA SER B 222 -6.31 -15.02 8.37
CA SER B 222 -6.30 -15.01 8.38
C SER B 222 -6.15 -14.13 7.14
N LEU B 223 -4.93 -13.64 6.90
CA LEU B 223 -4.68 -12.73 5.78
C LEU B 223 -4.59 -13.39 4.42
N ALA B 224 -4.43 -14.71 4.41
CA ALA B 224 -4.38 -15.48 3.16
C ALA B 224 -4.76 -16.94 3.41
N PRO B 225 -6.06 -17.20 3.64
CA PRO B 225 -6.54 -18.51 4.13
C PRO B 225 -6.34 -19.68 3.16
N ASN B 226 -6.07 -19.38 1.88
CA ASN B 226 -5.84 -20.41 0.85
C ASN B 226 -4.36 -20.73 0.58
N VAL B 227 -3.45 -20.00 1.22
CA VAL B 227 -2.02 -20.29 1.13
C VAL B 227 -1.67 -21.50 2.02
N LYS B 228 -0.95 -22.47 1.44
CA LYS B 228 -0.51 -23.66 2.14
C LYS B 228 0.82 -23.38 2.83
N ILE B 229 0.88 -23.58 4.14
CA ILE B 229 2.07 -23.24 4.92
C ILE B 229 2.71 -24.50 5.50
N THR B 230 4.00 -24.70 5.24
CA THR B 230 4.79 -25.72 5.93
C THR B 230 5.98 -25.08 6.64
N LEU B 231 6.11 -25.35 7.93
CA LEU B 231 7.31 -24.93 8.66
C LEU B 231 8.01 -26.17 9.16
N LYS B 232 9.33 -26.22 8.98
CA LYS B 232 10.10 -27.42 9.33
C LYS B 232 11.46 -27.12 9.94
N ALA B 233 11.94 -28.04 10.76
CA ALA B 233 13.37 -28.10 11.13
C ALA B 233 13.81 -29.51 11.44
N SER B 234 15.09 -29.78 11.18
CA SER B 234 15.67 -31.08 11.47
C SER B 234 17.17 -31.01 11.67
N TYR B 235 17.66 -31.86 12.56
CA TYR B 235 19.10 -32.04 12.77
C TYR B 235 19.67 -33.17 11.90
N LEU B 236 18.79 -33.80 11.12
CA LEU B 236 19.22 -34.88 10.22
C LEU B 236 18.81 -34.61 8.79
N MET B 237 19.47 -33.62 8.19
CA MET B 237 19.30 -33.33 6.78
C MET B 237 20.67 -33.11 6.20
N ARG B 238 21.39 -34.20 5.92
CA ARG B 238 22.75 -34.10 5.37
C ARG B 238 22.77 -33.37 4.04
N GLU B 239 21.73 -33.58 3.23
CA GLU B 239 21.49 -32.71 2.09
C GLU B 239 20.35 -31.79 2.51
N ALA B 240 20.63 -30.49 2.50
CA ALA B 240 19.74 -29.49 3.10
C ALA B 240 18.53 -29.21 2.22
N GLU B 241 17.38 -29.10 2.86
CA GLU B 241 16.19 -28.58 2.18
C GLU B 241 16.24 -27.03 2.14
N PRO B 242 15.47 -26.40 1.21
CA PRO B 242 15.55 -24.94 1.10
C PRO B 242 15.16 -24.20 2.38
N ARG B 243 15.84 -23.08 2.64
CA ARG B 243 15.45 -22.19 3.73
C ARG B 243 14.07 -21.59 3.46
N PHE B 244 13.84 -21.18 2.21
CA PHE B 244 12.53 -20.73 1.74
C PHE B 244 12.20 -21.38 0.41
N ALA B 245 10.97 -21.86 0.29
CA ALA B 245 10.44 -22.29 -1.00
C ALA B 245 9.03 -21.72 -1.14
N LEU B 246 8.86 -20.86 -2.14
CA LEU B 246 7.59 -20.18 -2.35
C LEU B 246 7.09 -20.47 -3.73
N HIS B 247 5.81 -20.83 -3.85
CA HIS B 247 5.21 -21.08 -5.16
C HIS B 247 3.99 -20.22 -5.37
N GLY B 248 3.87 -19.70 -6.59
CA GLY B 248 2.70 -18.93 -6.99
C GLY B 248 2.28 -19.35 -8.38
N THR B 249 1.24 -18.70 -8.88
CA THR B 249 0.65 -19.01 -10.19
C THR B 249 1.60 -18.79 -11.35
N LEU B 250 2.53 -17.87 -11.17
CA LEU B 250 3.43 -17.44 -12.24
C LEU B 250 4.83 -18.00 -12.05
N GLY B 251 5.18 -18.34 -10.82
CA GLY B 251 6.50 -18.86 -10.56
C GLY B 251 6.86 -19.24 -9.15
N SER B 252 8.16 -19.43 -8.93
CA SER B 252 8.67 -19.94 -7.68
C SER B 252 9.94 -19.23 -7.26
N TYR B 253 10.16 -19.17 -5.95
CA TYR B 253 11.41 -18.67 -5.41
C TYR B 253 11.96 -19.71 -4.44
N VAL B 254 13.23 -20.06 -4.63
CA VAL B 254 13.87 -21.04 -3.76
C VAL B 254 15.20 -20.45 -3.24
N LYS B 255 15.36 -20.50 -1.92
CA LYS B 255 16.58 -20.03 -1.27
CA LYS B 255 16.58 -20.02 -1.26
C LYS B 255 17.09 -21.06 -0.28
N TYR B 256 18.40 -21.32 -0.33
CA TYR B 256 19.07 -22.25 0.57
C TYR B 256 19.93 -21.49 1.57
N GLY B 257 19.97 -21.98 2.81
CA GLY B 257 20.92 -21.48 3.82
C GLY B 257 20.31 -20.56 4.87
N VAL B 258 20.80 -20.70 6.10
CA VAL B 258 20.40 -19.82 7.20
C VAL B 258 21.06 -18.45 7.02
N ASP B 259 20.31 -17.38 7.28
CA ASP B 259 20.83 -16.02 7.19
C ASP B 259 21.94 -15.78 8.23
N LYS B 260 23.10 -15.38 7.72
CA LYS B 260 24.30 -15.17 8.52
C LYS B 260 24.26 -13.89 9.36
N GLN B 261 23.33 -12.99 9.01
CA GLN B 261 23.12 -11.69 9.68
C GLN B 261 24.35 -10.77 9.58
N GLU B 262 24.94 -10.70 8.39
CA GLU B 262 26.20 -10.01 8.16
C GLU B 262 26.13 -8.48 8.21
N ALA B 263 24.93 -7.94 7.96
CA ALA B 263 24.70 -6.49 8.02
C ALA B 263 24.75 -5.96 9.46
N ALA B 264 24.24 -6.75 10.39
CA ALA B 264 24.24 -6.41 11.81
C ALA B 264 25.64 -6.51 12.42
N LEU B 265 26.41 -7.48 11.95
CA LEU B 265 27.77 -7.73 12.46
C LEU B 265 28.80 -6.64 12.07
N LEU B 266 28.44 -5.80 11.10
CA LEU B 266 29.26 -4.65 10.71
C LEU B 266 29.17 -3.54 11.75
N GLN B 282 27.29 -16.96 -3.45
CA GLN B 282 26.91 -18.37 -3.64
C GLN B 282 25.46 -18.64 -3.22
N GLU B 283 24.97 -17.88 -2.24
CA GLU B 283 23.66 -18.15 -1.64
C GLU B 283 22.62 -17.05 -1.89
N TRP B 284 22.66 -16.46 -3.08
CA TRP B 284 21.53 -15.70 -3.59
C TRP B 284 20.44 -16.72 -3.91
N GLY B 285 19.19 -16.37 -3.65
CA GLY B 285 18.06 -17.24 -3.99
C GLY B 285 17.81 -17.35 -5.49
N LEU B 286 16.92 -18.24 -5.88
CA LEU B 286 16.64 -18.44 -7.31
C LEU B 286 15.20 -18.05 -7.62
N LEU B 287 15.04 -17.19 -8.61
CA LEU B 287 13.73 -16.74 -9.05
C LEU B 287 13.41 -17.38 -10.40
N HIS B 288 12.34 -18.16 -10.42
CA HIS B 288 11.89 -18.80 -11.65
C HIS B 288 10.42 -18.43 -11.85
N THR B 289 10.18 -17.46 -12.72
CA THR B 289 8.86 -16.89 -12.87
C THR B 289 8.69 -16.25 -14.24
N GLU B 290 7.49 -15.72 -14.49
CA GLU B 290 7.16 -15.02 -15.71
C GLU B 290 7.14 -13.50 -15.43
N ILE B 291 7.98 -12.74 -16.12
CA ILE B 291 7.97 -11.28 -16.00
C ILE B 291 7.72 -10.64 -17.37
N ASN B 292 6.64 -9.84 -17.45
CA ASN B 292 6.19 -9.17 -18.68
C ASN B 292 5.89 -10.17 -19.80
N GLY B 293 5.39 -11.34 -19.41
CA GLY B 293 5.08 -12.42 -20.34
C GLY B 293 6.26 -13.32 -20.72
N LYS B 294 7.43 -13.04 -20.18
CA LYS B 294 8.64 -13.78 -20.52
C LYS B 294 9.14 -14.61 -19.34
N GLU B 295 9.42 -15.89 -19.60
CA GLU B 295 9.92 -16.80 -18.58
C GLU B 295 11.36 -16.45 -18.23
N ILE B 296 11.60 -16.21 -16.94
CA ILE B 296 12.94 -15.91 -16.47
C ILE B 296 13.35 -16.91 -15.38
N CYS B 297 14.63 -17.29 -15.39
CA CYS B 297 15.17 -18.16 -14.38
C CYS B 297 16.52 -17.58 -13.98
N ARG B 298 16.51 -16.77 -12.92
CA ARG B 298 17.65 -15.94 -12.54
C ARG B 298 17.96 -16.09 -11.07
N LYS B 299 19.23 -15.89 -10.73
CA LYS B 299 19.63 -15.72 -9.33
C LYS B 299 19.16 -14.33 -8.89
N TYR B 300 18.52 -14.28 -7.72
CA TYR B 300 17.90 -13.06 -7.21
C TYR B 300 18.73 -12.59 -6.02
N PRO B 301 19.35 -11.38 -6.12
CA PRO B 301 20.20 -10.89 -5.03
C PRO B 301 19.35 -10.48 -3.82
N GLY B 302 18.25 -9.78 -4.08
CA GLY B 302 17.33 -9.39 -3.04
C GLY B 302 17.82 -8.20 -2.26
N ILE B 303 17.22 -7.99 -1.08
CA ILE B 303 17.51 -6.79 -0.31
C ILE B 303 18.29 -7.05 0.98
N ALA B 304 18.90 -6.00 1.51
CA ALA B 304 19.77 -6.10 2.68
C ALA B 304 18.94 -6.26 3.94
N GLY B 305 19.56 -6.74 5.02
CA GLY B 305 18.90 -6.79 6.33
C GLY B 305 18.63 -5.38 6.83
N ASN B 306 17.60 -5.22 7.65
CA ASN B 306 17.20 -3.90 8.12
C ASN B 306 16.87 -3.96 9.60
N TYR B 307 17.90 -4.18 10.42
CA TYR B 307 17.73 -4.30 11.87
C TYR B 307 17.30 -2.97 12.51
N GLY B 308 17.64 -1.86 11.84
CA GLY B 308 17.16 -0.53 12.22
C GLY B 308 15.66 -0.33 12.04
N GLY B 309 15.03 -1.19 11.23
CA GLY B 309 13.59 -1.14 10.98
C GLY B 309 12.77 -1.31 12.24
N PHE B 310 13.33 -2.02 13.22
CA PHE B 310 12.67 -2.23 14.51
C PHE B 310 12.49 -0.90 15.25
N TYR B 311 13.55 -0.09 15.24
CA TYR B 311 13.51 1.20 15.91
C TYR B 311 12.72 2.23 15.12
N GLN B 312 12.80 2.18 13.79
CA GLN B 312 11.98 3.07 12.99
C GLN B 312 10.49 2.86 13.26
N ASN B 313 10.06 1.61 13.35
CA ASN B 313 8.67 1.31 13.70
C ASN B 313 8.29 1.79 15.10
N ILE B 314 9.19 1.65 16.09
CA ILE B 314 8.95 2.18 17.45
C ILE B 314 8.69 3.70 17.44
N TYR B 315 9.53 4.45 16.72
CA TYR B 315 9.34 5.87 16.51
C TYR B 315 7.98 6.19 15.89
N GLU B 316 7.65 5.51 14.78
CA GLU B 316 6.40 5.74 14.09
C GLU B 316 5.22 5.40 14.98
N HIS B 317 5.41 4.44 15.86
CA HIS B 317 4.39 4.12 16.85
C HIS B 317 4.27 5.20 17.92
N LEU B 318 5.37 5.53 18.59
CA LEU B 318 5.34 6.40 19.76
C LEU B 318 5.07 7.86 19.42
N CYS B 319 5.63 8.33 18.31
CA CYS B 319 5.56 9.73 17.93
C CYS B 319 4.49 10.05 16.93
N LEU B 320 4.14 9.08 16.07
CA LEU B 320 3.21 9.30 14.97
C LEU B 320 1.92 8.47 15.07
N GLY B 321 1.81 7.68 16.12
CA GLY B 321 0.58 6.88 16.35
C GLY B 321 0.30 5.73 15.40
N GLN B 322 1.34 5.30 14.67
CA GLN B 322 1.22 4.21 13.69
C GLN B 322 1.20 2.84 14.38
N PRO B 323 0.70 1.78 13.69
CA PRO B 323 0.71 0.46 14.34
C PRO B 323 2.12 -0.04 14.74
N LEU B 324 2.22 -0.53 15.96
CA LEU B 324 3.43 -1.23 16.40
C LEU B 324 3.40 -2.67 15.87
N GLU B 325 4.49 -3.08 15.24
CA GLU B 325 4.58 -4.43 14.68
C GLU B 325 5.10 -5.47 15.69
N THR B 326 5.48 -5.01 16.89
CA THR B 326 6.17 -5.88 17.84
C THR B 326 5.59 -5.80 19.26
N HIS B 327 4.27 -5.67 19.35
CA HIS B 327 3.57 -5.75 20.63
C HIS B 327 3.89 -7.06 21.34
N ALA B 328 3.88 -7.03 22.67
CA ALA B 328 4.09 -8.25 23.45
C ALA B 328 3.04 -9.32 23.16
N GLN B 329 1.81 -8.89 22.83
CA GLN B 329 0.71 -9.81 22.47
C GLN B 329 1.06 -10.71 21.29
N ASP B 330 1.79 -10.16 20.32
CA ASP B 330 2.20 -10.95 19.15
CA ASP B 330 2.21 -10.94 19.15
C ASP B 330 3.19 -12.06 19.50
N ILE B 331 3.93 -11.88 20.59
CA ILE B 331 4.82 -12.92 21.11
C ILE B 331 4.03 -14.02 21.83
N LEU B 332 2.96 -13.63 22.53
CA LEU B 332 2.06 -14.59 23.16
C LEU B 332 1.28 -15.39 22.12
N ASN B 333 1.09 -14.80 20.95
CA ASN B 333 0.49 -15.49 19.81
C ASN B 333 1.41 -16.54 19.21
N VAL B 334 2.70 -16.24 19.12
CA VAL B 334 3.72 -17.22 18.71
C VAL B 334 3.74 -18.37 19.72
N ILE B 335 3.69 -18.03 21.00
CA ILE B 335 3.70 -19.02 22.08
C ILE B 335 2.44 -19.89 22.02
N ARG B 336 1.32 -19.28 21.63
CA ARG B 336 0.05 -19.97 21.52
C ARG B 336 0.11 -21.04 20.42
N ILE B 337 0.75 -20.70 19.31
CA ILE B 337 0.99 -21.65 18.19
C ILE B 337 1.95 -22.77 18.59
N ILE B 338 3.07 -22.41 19.22
CA ILE B 338 4.06 -23.37 19.72
C ILE B 338 3.38 -24.39 20.64
N GLU B 339 2.54 -23.89 21.54
CA GLU B 339 1.75 -24.70 22.46
C GLU B 339 0.75 -25.59 21.71
N ALA B 340 0.15 -25.05 20.66
CA ALA B 340 -0.78 -25.80 19.82
C ALA B 340 -0.04 -26.91 19.07
N ALA B 341 1.17 -26.60 18.62
CA ALA B 341 2.03 -27.54 17.92
C ALA B 341 2.41 -28.71 18.81
N TYR B 342 2.82 -28.41 20.05
CA TYR B 342 3.15 -29.44 21.04
C TYR B 342 1.94 -30.29 21.39
N GLN B 343 0.78 -29.66 21.52
CA GLN B 343 -0.49 -30.35 21.81
C GLN B 343 -0.94 -31.23 20.65
N SER B 344 -0.81 -30.72 19.43
CA SER B 344 -1.15 -31.45 18.20
C SER B 344 -0.43 -32.79 18.14
N HIS B 345 0.88 -32.77 18.36
CA HIS B 345 1.71 -33.96 18.38
C HIS B 345 1.37 -34.90 19.54
N ARG B 346 1.28 -34.35 20.74
CA ARG B 346 1.05 -35.12 21.96
C ARG B 346 -0.33 -35.79 22.01
N GLU B 347 -1.34 -35.13 21.45
CA GLU B 347 -2.71 -35.65 21.50
C GLU B 347 -3.21 -36.22 20.17
N ASN B 348 -2.33 -36.23 19.16
CA ASN B 348 -2.64 -36.75 17.81
C ASN B 348 -3.93 -36.14 17.24
N LYS B 349 -3.97 -34.81 17.24
CA LYS B 349 -5.15 -34.06 16.82
C LYS B 349 -4.72 -32.79 16.12
N ILE B 350 -5.57 -32.31 15.22
CA ILE B 350 -5.54 -30.93 14.75
C ILE B 350 -6.01 -30.08 15.93
N VAL B 351 -5.27 -29.00 16.22
CA VAL B 351 -5.65 -28.08 17.29
C VAL B 351 -6.28 -26.82 16.71
N ASN B 352 -7.58 -26.64 16.97
CA ASN B 352 -8.28 -25.44 16.55
C ASN B 352 -8.06 -24.31 17.54
N LEU B 353 -7.83 -23.10 17.02
CA LEU B 353 -7.52 -21.97 17.87
C LEU B 353 -8.77 -21.24 18.37
N LYS B 354 -9.34 -20.34 17.56
CA LYS B 354 -10.51 -19.50 17.90
C LYS B 354 -10.37 -18.71 19.21
N GLU C 4 18.81 -7.13 -17.59
CA GLU C 4 19.54 -6.68 -16.38
C GLU C 4 19.88 -5.18 -16.41
N ILE C 5 20.57 -4.74 -17.47
CA ILE C 5 20.90 -3.33 -17.63
C ILE C 5 20.23 -2.70 -18.86
N ILE C 6 19.50 -1.61 -18.62
CA ILE C 6 18.78 -0.89 -19.67
C ILE C 6 19.73 0.06 -20.41
N LYS C 7 20.01 -0.25 -21.68
CA LYS C 7 20.90 0.60 -22.48
C LYS C 7 20.11 1.80 -22.99
N THR C 8 20.53 2.99 -22.60
CA THR C 8 19.73 4.19 -22.82
C THR C 8 20.38 5.19 -23.75
N GLY C 9 19.58 5.69 -24.68
CA GLY C 9 19.94 6.81 -25.56
C GLY C 9 19.25 8.09 -25.12
N LEU C 10 20.03 9.16 -24.97
CA LEU C 10 19.51 10.47 -24.57
C LEU C 10 19.48 11.38 -25.79
N ALA C 11 18.29 11.90 -26.12
CA ALA C 11 18.08 12.62 -27.37
C ALA C 11 18.69 14.03 -27.43
N ALA C 12 19.02 14.61 -26.29
CA ALA C 12 19.64 15.95 -26.25
C ALA C 12 20.47 16.21 -24.99
N PHE C 13 21.54 16.98 -25.14
CA PHE C 13 22.32 17.37 -23.97
C PHE C 13 22.21 18.89 -23.72
N GLY C 14 20.99 19.42 -23.87
CA GLY C 14 20.68 20.78 -23.44
C GLY C 14 20.45 20.77 -21.94
N MET C 15 19.80 21.82 -21.41
CA MET C 15 19.59 21.95 -19.96
C MET C 15 18.90 20.71 -19.36
N SER C 16 17.75 20.32 -19.93
CA SER C 16 17.00 19.19 -19.42
CA SER C 16 17.00 19.19 -19.44
C SER C 16 17.85 17.91 -19.36
N GLY C 17 18.64 17.68 -20.41
CA GLY C 17 19.59 16.57 -20.47
C GLY C 17 20.59 16.59 -19.34
N GLN C 18 21.19 17.75 -19.12
CA GLN C 18 22.22 17.90 -18.11
C GLN C 18 21.70 17.94 -16.68
N VAL C 19 20.43 18.27 -16.50
CA VAL C 19 19.87 18.49 -15.15
C VAL C 19 19.04 17.29 -14.68
N PHE C 20 18.09 16.88 -15.50
CA PHE C 20 17.08 15.91 -15.06
C PHE C 20 17.34 14.45 -15.43
N HIS C 21 18.09 14.22 -16.50
CA HIS C 21 18.19 12.89 -17.08
C HIS C 21 19.55 12.22 -16.94
N ALA C 22 20.56 12.78 -17.60
CA ALA C 22 21.93 12.25 -17.50
C ALA C 22 22.47 11.99 -16.08
N PRO C 23 22.27 12.92 -15.10
CA PRO C 23 22.75 12.61 -13.76
C PRO C 23 22.14 11.35 -13.12
N PHE C 24 20.91 11.00 -13.48
CA PHE C 24 20.20 9.84 -12.93
C PHE C 24 20.35 8.55 -13.72
N ILE C 25 20.28 8.63 -15.05
CA ILE C 25 20.57 7.49 -15.92
C ILE C 25 21.98 6.98 -15.60
N SER C 26 22.92 7.90 -15.40
CA SER C 26 24.31 7.60 -15.06
C SER C 26 24.49 6.94 -13.68
N THR C 27 23.90 7.51 -12.63
CA THR C 27 24.13 6.99 -11.28
C THR C 27 23.31 5.74 -10.95
N ASN C 28 22.18 5.57 -11.62
CA ASN C 28 21.37 4.37 -11.42
C ASN C 28 22.13 3.18 -12.04
N PRO C 29 22.42 2.15 -11.23
CA PRO C 29 23.17 0.97 -11.68
C PRO C 29 22.41 0.08 -12.66
N HIS C 30 21.10 0.29 -12.78
CA HIS C 30 20.29 -0.53 -13.67
C HIS C 30 20.18 0.06 -15.08
N PHE C 31 20.83 1.19 -15.29
CA PHE C 31 20.84 1.84 -16.60
C PHE C 31 22.27 2.05 -17.04
N GLU C 32 22.49 2.02 -18.35
CA GLU C 32 23.72 2.54 -18.90
C GLU C 32 23.40 3.77 -19.73
N LEU C 33 24.01 4.90 -19.38
CA LEU C 33 23.95 6.08 -20.22
C LEU C 33 24.86 5.80 -21.41
N TYR C 34 24.26 5.17 -22.42
CA TYR C 34 25.03 4.53 -23.49
C TYR C 34 25.35 5.52 -24.61
N LYS C 35 24.33 6.21 -25.10
CA LYS C 35 24.51 7.13 -26.21
C LYS C 35 23.85 8.48 -26.00
N ILE C 36 24.57 9.56 -26.31
CA ILE C 36 24.03 10.92 -26.21
C ILE C 36 24.09 11.62 -27.57
N VAL C 37 22.95 12.10 -28.06
CA VAL C 37 22.94 12.95 -29.24
C VAL C 37 23.43 14.37 -28.90
N GLU C 38 24.54 14.73 -29.52
CA GLU C 38 25.00 16.11 -29.57
C GLU C 38 25.27 16.40 -31.03
N ARG C 39 24.51 17.34 -31.60
CA ARG C 39 24.59 17.63 -33.05
C ARG C 39 25.92 18.22 -33.52
N SER C 40 26.61 18.94 -32.65
CA SER C 40 27.87 19.60 -33.02
C SER C 40 28.90 19.70 -31.91
N LYS C 41 28.44 19.73 -30.67
CA LYS C 41 29.31 19.89 -29.51
C LYS C 41 29.75 18.54 -28.93
N GLU C 42 30.60 18.57 -27.90
CA GLU C 42 31.01 17.38 -27.15
C GLU C 42 31.01 17.68 -25.65
N LEU C 43 29.93 18.33 -25.22
CA LEU C 43 29.78 18.80 -23.83
C LEU C 43 29.71 17.67 -22.81
N SER C 44 29.21 16.51 -23.23
CA SER C 44 29.04 15.36 -22.34
C SER C 44 30.31 14.60 -22.02
N LYS C 45 31.39 14.88 -22.75
CA LYS C 45 32.67 14.19 -22.57
C LYS C 45 33.31 14.39 -21.20
N GLU C 46 33.17 15.60 -20.66
CA GLU C 46 33.76 15.98 -19.37
C GLU C 46 33.20 15.17 -18.21
N ARG C 47 31.88 14.98 -18.17
CA ARG C 47 31.25 14.31 -17.03
C ARG C 47 30.82 12.87 -17.32
N TYR C 48 30.59 12.55 -18.58
CA TYR C 48 30.16 11.21 -18.95
C TYR C 48 31.10 10.65 -20.02
N PRO C 49 32.37 10.38 -19.67
CA PRO C 49 33.34 10.04 -20.71
C PRO C 49 33.17 8.63 -21.30
N GLN C 50 32.30 7.82 -20.69
CA GLN C 50 32.04 6.44 -21.12
CA GLN C 50 32.07 6.45 -21.14
C GLN C 50 30.81 6.35 -22.03
N ALA C 51 30.09 7.45 -22.15
CA ALA C 51 28.96 7.55 -23.07
C ALA C 51 29.49 7.74 -24.49
N SER C 52 28.70 7.33 -25.47
CA SER C 52 29.08 7.55 -26.87
C SER C 52 28.27 8.69 -27.48
N ILE C 53 28.96 9.71 -27.98
CA ILE C 53 28.31 10.83 -28.65
C ILE C 53 27.95 10.46 -30.09
N VAL C 54 26.67 10.56 -30.42
CA VAL C 54 26.22 10.45 -31.80
C VAL C 54 25.70 11.81 -32.27
N ARG C 55 25.59 11.98 -33.59
CA ARG C 55 25.30 13.28 -34.18
C ARG C 55 23.84 13.46 -34.59
N SER C 56 23.07 12.38 -34.57
CA SER C 56 21.67 12.46 -34.97
C SER C 56 20.80 11.54 -34.15
N PHE C 57 19.50 11.85 -34.15
CA PHE C 57 18.49 11.10 -33.43
C PHE C 57 18.30 9.72 -34.04
N LYS C 58 18.34 9.66 -35.37
CA LYS C 58 18.24 8.39 -36.13
C LYS C 58 19.28 7.34 -35.67
N GLU C 59 20.46 7.80 -35.27
CA GLU C 59 21.50 6.93 -34.72
C GLU C 59 21.13 6.29 -33.38
N LEU C 60 20.12 6.85 -32.69
CA LEU C 60 19.56 6.21 -31.51
C LEU C 60 18.56 5.17 -31.93
N THR C 61 17.64 5.57 -32.82
CA THR C 61 16.51 4.69 -33.17
C THR C 61 16.97 3.46 -33.97
N GLU C 62 18.07 3.61 -34.69
CA GLU C 62 18.60 2.51 -35.51
C GLU C 62 19.60 1.64 -34.77
N ASP C 63 19.91 2.00 -33.53
CA ASP C 63 20.85 1.24 -32.73
C ASP C 63 20.17 -0.01 -32.17
N PRO C 64 20.59 -1.22 -32.60
CA PRO C 64 19.91 -2.46 -32.23
C PRO C 64 20.12 -2.87 -30.76
N GLU C 65 21.05 -2.22 -30.09
CA GLU C 65 21.32 -2.52 -28.69
C GLU C 65 20.65 -1.56 -27.70
N ILE C 66 19.94 -0.55 -28.19
CA ILE C 66 19.28 0.41 -27.27
C ILE C 66 17.90 -0.10 -26.84
N ASP C 67 17.67 -0.12 -25.52
CA ASP C 67 16.39 -0.53 -24.95
C ASP C 67 15.44 0.65 -24.77
N LEU C 68 16.02 1.81 -24.44
CA LEU C 68 15.25 2.98 -24.02
C LEU C 68 15.79 4.27 -24.61
N ILE C 69 14.88 5.08 -25.15
CA ILE C 69 15.23 6.41 -25.65
C ILE C 69 14.48 7.47 -24.85
N VAL C 70 15.22 8.47 -24.37
CA VAL C 70 14.65 9.62 -23.67
C VAL C 70 14.56 10.78 -24.65
N VAL C 71 13.33 11.13 -25.03
CA VAL C 71 13.05 12.20 -25.98
C VAL C 71 12.95 13.55 -25.24
N ASN C 72 14.04 14.30 -25.26
CA ASN C 72 14.10 15.59 -24.56
C ASN C 72 14.63 16.71 -25.47
N THR C 73 14.28 16.59 -26.75
CA THR C 73 14.67 17.52 -27.81
C THR C 73 13.71 18.74 -27.82
N PRO C 74 13.95 19.76 -28.71
CA PRO C 74 12.99 20.87 -28.81
C PRO C 74 11.56 20.44 -29.10
N ASP C 75 10.60 21.21 -28.57
CA ASP C 75 9.19 20.84 -28.47
C ASP C 75 8.51 20.34 -29.75
N ASN C 76 8.86 20.91 -30.90
CA ASN C 76 8.23 20.57 -32.17
CA ASN C 76 8.22 20.57 -32.17
C ASN C 76 8.53 19.16 -32.70
N THR C 77 9.64 18.59 -32.25
CA THR C 77 10.05 17.26 -32.69
C THR C 77 9.36 16.11 -31.95
N HIS C 78 8.74 16.37 -30.79
CA HIS C 78 8.39 15.30 -29.84
C HIS C 78 7.47 14.20 -30.35
N TYR C 79 6.43 14.57 -31.10
CA TYR C 79 5.57 13.58 -31.74
C TYR C 79 6.34 12.75 -32.77
N GLU C 80 7.09 13.42 -33.65
CA GLU C 80 7.83 12.74 -34.72
C GLU C 80 8.89 11.82 -34.13
N TYR C 81 9.65 12.35 -33.17
CA TYR C 81 10.77 11.66 -32.56
C TYR C 81 10.35 10.46 -31.70
N ALA C 82 9.27 10.62 -30.93
CA ALA C 82 8.72 9.50 -30.14
C ALA C 82 8.13 8.42 -31.04
N GLY C 83 7.52 8.83 -32.15
CA GLY C 83 6.97 7.91 -33.14
C GLY C 83 8.04 7.08 -33.83
N MET C 84 9.13 7.74 -34.23
CA MET C 84 10.28 7.07 -34.86
C MET C 84 10.89 6.05 -33.92
N ALA C 85 11.04 6.44 -32.66
CA ALA C 85 11.61 5.55 -31.63
C ALA C 85 10.74 4.33 -31.36
N LEU C 86 9.43 4.52 -31.34
CA LEU C 86 8.49 3.41 -31.11
C LEU C 86 8.43 2.47 -32.31
N GLU C 87 8.43 3.04 -33.52
CA GLU C 87 8.39 2.26 -34.75
C GLU C 87 9.65 1.39 -34.84
N ALA C 88 10.77 1.95 -34.40
CA ALA C 88 12.06 1.24 -34.33
C ALA C 88 12.14 0.21 -33.19
N GLY C 89 11.07 0.08 -32.41
CA GLY C 89 10.96 -0.94 -31.37
C GLY C 89 11.57 -0.59 -30.01
N LYS C 90 11.77 0.71 -29.74
CA LYS C 90 12.39 1.11 -28.48
CA LYS C 90 12.38 1.15 -28.48
C LYS C 90 11.34 1.54 -27.45
N ASN C 91 11.64 1.32 -26.17
CA ASN C 91 10.82 1.89 -25.08
C ASN C 91 11.14 3.38 -25.04
N VAL C 92 10.16 4.21 -24.65
CA VAL C 92 10.31 5.68 -24.83
C VAL C 92 9.90 6.52 -23.61
N VAL C 93 10.75 7.47 -23.26
CA VAL C 93 10.38 8.58 -22.37
C VAL C 93 10.26 9.86 -23.19
N VAL C 94 9.13 10.57 -23.06
CA VAL C 94 9.00 11.89 -23.66
C VAL C 94 8.89 12.97 -22.58
N GLU C 95 9.64 14.05 -22.79
CA GLU C 95 9.46 15.24 -21.98
C GLU C 95 8.25 16.03 -22.43
N LYS C 96 7.67 16.76 -21.49
CA LYS C 96 6.65 17.78 -21.81
C LYS C 96 7.28 18.88 -22.65
N PRO C 97 6.57 19.33 -23.70
CA PRO C 97 5.25 18.88 -24.15
C PRO C 97 5.29 17.55 -24.89
N PHE C 98 4.45 16.61 -24.45
CA PHE C 98 4.34 15.27 -25.03
C PHE C 98 4.15 15.36 -26.55
N THR C 99 3.05 15.97 -26.97
CA THR C 99 2.81 16.20 -28.39
C THR C 99 2.21 17.58 -28.59
N SER C 100 2.17 18.05 -29.83
CA SER C 100 1.56 19.34 -30.15
C SER C 100 0.03 19.27 -30.07
N THR C 101 -0.54 18.11 -30.37
CA THR C 101 -2.00 17.89 -30.26
C THR C 101 -2.36 16.62 -29.49
N THR C 102 -3.58 16.60 -28.97
CA THR C 102 -4.14 15.45 -28.23
C THR C 102 -4.29 14.20 -29.12
N LYS C 103 -4.71 14.42 -30.36
CA LYS C 103 -4.87 13.36 -31.35
C LYS C 103 -3.54 12.63 -31.64
N GLN C 104 -2.46 13.39 -31.74
CA GLN C 104 -1.10 12.86 -31.90
C GLN C 104 -0.67 12.03 -30.70
N GLY C 105 -1.02 12.52 -29.51
CA GLY C 105 -0.75 11.81 -28.27
C GLY C 105 -1.51 10.51 -28.16
N GLU C 106 -2.79 10.53 -28.49
CA GLU C 106 -3.60 9.30 -28.51
C GLU C 106 -3.06 8.28 -29.52
N GLU C 107 -2.56 8.78 -30.66
CA GLU C 107 -1.93 7.94 -31.69
C GLU C 107 -0.67 7.22 -31.18
N LEU C 108 0.20 7.96 -30.50
CA LEU C 108 1.43 7.41 -29.93
C LEU C 108 1.17 6.34 -28.88
N ILE C 109 0.17 6.61 -28.01
CA ILE C 109 -0.22 5.69 -26.94
C ILE C 109 -0.71 4.35 -27.52
N ALA C 110 -1.54 4.44 -28.56
CA ALA C 110 -2.06 3.24 -29.25
C ALA C 110 -0.94 2.46 -29.99
N LEU C 111 -0.01 3.18 -30.61
CA LEU C 111 1.14 2.54 -31.26
C LEU C 111 2.02 1.78 -30.25
N ALA C 112 2.38 2.43 -29.15
CA ALA C 112 3.14 1.77 -28.09
C ALA C 112 2.41 0.56 -27.50
N LYS C 113 1.09 0.67 -27.36
CA LYS C 113 0.28 -0.44 -26.83
C LYS C 113 0.26 -1.63 -27.81
N LYS C 114 0.13 -1.31 -29.09
CA LYS C 114 0.10 -2.33 -30.14
C LYS C 114 1.40 -3.13 -30.16
N LYS C 115 2.53 -2.41 -30.08
CA LYS C 115 3.85 -3.04 -30.13
C LYS C 115 4.35 -3.59 -28.80
N GLY C 116 3.58 -3.41 -27.73
CA GLY C 116 3.99 -3.84 -26.38
C GLY C 116 5.19 -3.06 -25.83
N LEU C 117 5.26 -1.78 -26.18
CA LEU C 117 6.38 -0.92 -25.77
C LEU C 117 5.91 0.08 -24.71
N MET C 118 6.82 0.43 -23.80
CA MET C 118 6.56 1.46 -22.77
C MET C 118 6.57 2.85 -23.39
N LEU C 119 5.54 3.64 -23.09
CA LEU C 119 5.54 5.07 -23.42
C LEU C 119 5.23 5.89 -22.17
N SER C 120 6.27 6.58 -21.69
CA SER C 120 6.22 7.37 -20.46
C SER C 120 6.34 8.86 -20.76
N VAL C 121 5.66 9.69 -19.97
CA VAL C 121 5.91 11.13 -20.00
C VAL C 121 6.55 11.57 -18.68
N TYR C 122 7.67 12.28 -18.80
CA TYR C 122 8.45 12.74 -17.64
C TYR C 122 7.69 13.81 -16.83
N GLN C 123 7.23 13.42 -15.64
CA GLN C 123 6.60 14.35 -14.70
C GLN C 123 7.29 14.20 -13.36
N ASN C 124 8.36 14.94 -13.16
CA ASN C 124 9.25 14.71 -12.02
C ASN C 124 8.80 15.24 -10.66
N ARG C 125 7.83 16.15 -10.66
CA ARG C 125 7.41 16.76 -9.40
C ARG C 125 6.56 15.83 -8.53
N ARG C 126 6.29 14.65 -9.05
CA ARG C 126 5.77 13.55 -8.23
C ARG C 126 6.82 13.09 -7.23
N TRP C 127 8.08 13.44 -7.48
CA TRP C 127 9.16 13.08 -6.55
C TRP C 127 9.79 14.30 -5.88
N ASP C 128 9.09 15.42 -5.85
CA ASP C 128 9.49 16.56 -5.01
C ASP C 128 9.39 16.12 -3.56
N ALA C 129 10.29 16.61 -2.71
CA ALA C 129 10.26 16.32 -1.27
C ALA C 129 8.91 16.63 -0.63
N ASP C 130 8.34 17.80 -0.96
CA ASP C 130 7.08 18.24 -0.38
C ASP C 130 5.92 17.31 -0.70
N PHE C 131 5.75 16.97 -1.98
CA PHE C 131 4.67 16.07 -2.43
C PHE C 131 4.81 14.63 -1.90
N LEU C 132 6.03 14.10 -1.93
CA LEU C 132 6.32 12.80 -1.32
C LEU C 132 5.97 12.80 0.17
N THR C 133 6.23 13.91 0.84
CA THR C 133 5.88 14.03 2.25
C THR C 133 4.37 14.09 2.43
N VAL C 134 3.70 14.85 1.56
CA VAL C 134 2.21 14.85 1.55
C VAL C 134 1.65 13.43 1.40
N ARG C 135 2.15 12.66 0.44
CA ARG C 135 1.70 11.26 0.28
C ARG C 135 1.88 10.45 1.57
N ASP C 136 3.03 10.64 2.24
CA ASP C 136 3.34 10.01 3.52
C ASP C 136 2.36 10.35 4.64
N ILE C 137 2.05 11.64 4.79
CA ILE C 137 1.09 12.13 5.79
C ILE C 137 -0.30 11.52 5.57
N LEU C 138 -0.71 11.45 4.31
CA LEU C 138 -2.00 10.87 3.95
C LEU C 138 -2.02 9.35 4.15
N ALA C 139 -0.94 8.68 3.73
CA ALA C 139 -0.76 7.23 3.95
C ALA C 139 -0.90 6.85 5.43
N LYS C 140 -0.35 7.71 6.30
CA LYS C 140 -0.33 7.48 7.74
C LYS C 140 -1.59 7.99 8.45
N SER C 141 -2.53 8.58 7.70
CA SER C 141 -3.77 9.18 8.23
C SER C 141 -3.56 10.16 9.39
N LEU C 142 -2.48 10.93 9.32
CA LEU C 142 -2.07 11.80 10.42
C LEU C 142 -3.04 12.96 10.68
N LEU C 143 -3.78 13.36 9.64
CA LEU C 143 -4.75 14.48 9.71
C LEU C 143 -6.14 13.98 10.04
N GLY C 144 -6.31 12.67 10.21
CA GLY C 144 -7.62 12.08 10.33
C GLY C 144 -8.19 11.91 8.94
N ARG C 145 -9.47 12.21 8.76
CA ARG C 145 -10.06 12.21 7.42
C ARG C 145 -9.74 13.56 6.74
N LEU C 146 -9.11 13.53 5.57
CA LEU C 146 -8.77 14.77 4.85
C LEU C 146 -10.03 15.43 4.31
N VAL C 147 -10.12 16.76 4.49
CA VAL C 147 -11.25 17.52 3.96
C VAL C 147 -10.86 18.59 2.95
N GLU C 148 -9.60 19.03 2.98
CA GLU C 148 -9.17 20.11 2.09
C GLU C 148 -7.71 19.99 1.70
N TYR C 149 -7.43 20.29 0.43
CA TYR C 149 -6.10 20.19 -0.15
C TYR C 149 -5.87 21.45 -0.95
N GLU C 150 -4.85 22.20 -0.55
CA GLU C 150 -4.44 23.41 -1.27
C GLU C 150 -3.01 23.27 -1.70
N SER C 151 -2.76 23.58 -2.95
CA SER C 151 -1.42 23.43 -3.50
C SER C 151 -1.12 24.67 -4.34
N THR C 152 -0.05 25.38 -4.01
CA THR C 152 0.25 26.66 -4.62
C THR C 152 1.72 26.83 -4.96
N PHE C 153 2.02 27.34 -6.16
CA PHE C 153 3.36 27.86 -6.45
C PHE C 153 3.40 29.39 -6.38
N ALA C 154 3.94 29.89 -5.28
CA ALA C 154 4.06 31.31 -5.03
C ALA C 154 5.38 31.83 -5.58
N ARG C 155 5.31 32.84 -6.44
CA ARG C 155 6.51 33.45 -6.98
C ARG C 155 6.38 34.96 -6.92
N TYR C 156 7.50 35.67 -7.06
CA TYR C 156 7.47 37.10 -7.12
C TYR C 156 8.47 37.60 -8.15
N ARG C 157 7.94 38.04 -9.28
CA ARG C 157 8.70 38.63 -10.32
C ARG C 157 7.89 39.73 -10.99
N ASN C 158 8.12 40.96 -10.57
CA ASN C 158 7.34 42.09 -11.06
C ASN C 158 8.02 42.73 -12.22
N PHE C 159 8.25 41.95 -13.24
CA PHE C 159 8.63 42.43 -14.55
C PHE C 159 8.54 41.25 -15.46
N ILE C 160 8.66 41.47 -16.75
CA ILE C 160 8.47 40.42 -17.72
C ILE C 160 9.83 39.93 -18.14
N GLY C 173 2.30 28.78 -23.18
CA GLY C 173 3.17 29.85 -22.71
C GLY C 173 2.85 30.33 -21.30
N GLY C 174 1.58 30.21 -20.91
CA GLY C 174 1.13 30.75 -19.63
C GLY C 174 1.54 29.97 -18.39
N LEU C 175 1.20 30.52 -17.24
CA LEU C 175 1.49 29.88 -15.94
C LEU C 175 0.65 28.62 -15.73
N THR C 176 -0.58 28.65 -16.22
CA THR C 176 -1.52 27.51 -16.10
C THR C 176 -0.99 26.27 -16.82
N TYR C 177 -0.32 26.47 -17.95
CA TYR C 177 0.40 25.37 -18.61
C TYR C 177 1.70 25.03 -17.89
N ASN C 178 2.57 26.03 -17.69
CA ASN C 178 3.90 25.79 -17.15
CA ASN C 178 3.92 25.82 -17.14
C ASN C 178 3.95 25.21 -15.74
N LEU C 179 3.21 25.82 -14.81
CA LEU C 179 3.22 25.35 -13.43
C LEU C 179 1.97 24.57 -13.06
N GLY C 180 0.86 24.94 -13.69
CA GLY C 180 -0.41 24.26 -13.44
C GLY C 180 -0.39 22.80 -13.81
N SER C 181 0.31 22.45 -14.90
CA SER C 181 0.49 21.05 -15.28
C SER C 181 1.02 20.22 -14.12
N HIS C 182 2.07 20.70 -13.44
CA HIS C 182 2.63 19.98 -12.29
C HIS C 182 1.64 19.80 -11.14
N LEU C 183 0.88 20.85 -10.84
CA LEU C 183 -0.05 20.82 -9.69
C LEU C 183 -1.25 19.95 -9.96
N ILE C 184 -1.79 20.07 -11.18
CA ILE C 184 -2.91 19.24 -11.61
C ILE C 184 -2.52 17.76 -11.63
N ASP C 185 -1.37 17.45 -12.22
CA ASP C 185 -0.86 16.06 -12.20
C ASP C 185 -0.83 15.44 -10.80
N GLN C 186 -0.25 16.17 -9.86
CA GLN C 186 -0.23 15.77 -8.45
C GLN C 186 -1.63 15.56 -7.89
N ALA C 187 -2.56 16.48 -8.18
CA ALA C 187 -3.91 16.37 -7.60
C ALA C 187 -4.65 15.16 -8.14
N ILE C 188 -4.51 14.91 -9.43
CA ILE C 188 -5.11 13.71 -10.08
C ILE C 188 -4.53 12.41 -9.52
N GLN C 189 -3.22 12.38 -9.30
CA GLN C 189 -2.59 11.21 -8.67
C GLN C 189 -3.19 10.89 -7.29
N LEU C 190 -3.45 11.91 -6.49
CA LEU C 190 -3.99 11.67 -5.16
C LEU C 190 -5.48 11.41 -5.12
N PHE C 191 -6.26 12.08 -5.98
CA PHE C 191 -7.71 12.17 -5.76
C PHE C 191 -8.56 11.78 -6.95
N GLY C 192 -7.93 11.59 -8.11
CA GLY C 192 -8.66 11.22 -9.32
C GLY C 192 -9.14 12.42 -10.14
N MET C 193 -9.82 12.13 -11.24
CA MET C 193 -10.37 13.17 -12.09
C MET C 193 -11.64 13.80 -11.50
N PRO C 194 -11.77 15.14 -11.60
CA PRO C 194 -12.94 15.83 -11.05
C PRO C 194 -14.18 15.72 -11.96
N GLU C 195 -15.36 15.90 -11.39
CA GLU C 195 -16.58 16.03 -12.19
C GLU C 195 -16.62 17.36 -12.95
N ALA C 196 -16.10 18.42 -12.33
CA ALA C 196 -16.17 19.74 -12.93
C ALA C 196 -14.93 20.59 -12.59
N VAL C 197 -14.74 21.68 -13.34
CA VAL C 197 -13.60 22.58 -13.11
C VAL C 197 -14.07 24.04 -13.07
N PHE C 198 -13.65 24.78 -12.04
CA PHE C 198 -13.71 26.22 -12.07
C PHE C 198 -12.29 26.75 -12.14
N ALA C 199 -12.07 27.77 -12.98
CA ALA C 199 -10.79 28.47 -12.96
C ALA C 199 -10.96 29.97 -13.18
N ASP C 200 -10.07 30.74 -12.57
CA ASP C 200 -9.99 32.16 -12.85
C ASP C 200 -8.52 32.46 -13.07
N LEU C 201 -8.22 33.02 -14.24
CA LEU C 201 -6.85 33.35 -14.60
C LEU C 201 -6.70 34.84 -14.67
N GLY C 202 -5.48 35.32 -14.58
CA GLY C 202 -5.23 36.72 -14.72
C GLY C 202 -3.90 37.02 -15.38
N ILE C 203 -3.82 38.21 -15.97
CA ILE C 203 -2.54 38.81 -16.31
C ILE C 203 -2.46 40.03 -15.40
N LEU C 204 -1.72 39.89 -14.31
CA LEU C 204 -1.73 40.85 -13.25
C LEU C 204 -0.58 41.85 -13.39
N ARG C 205 0.43 41.48 -14.18
CA ARG C 205 1.61 42.31 -14.33
C ARG C 205 1.49 43.21 -15.54
N GLU C 206 1.95 44.45 -15.37
CA GLU C 206 1.97 45.44 -16.44
C GLU C 206 2.84 44.92 -17.59
N GLY C 207 2.25 44.87 -18.78
CA GLY C 207 2.96 44.45 -20.00
C GLY C 207 2.91 42.96 -20.30
N GLY C 208 2.19 42.20 -19.46
CA GLY C 208 2.13 40.75 -19.58
C GLY C 208 1.28 40.29 -20.76
N LYS C 209 1.72 39.23 -21.42
CA LYS C 209 1.09 38.72 -22.65
C LYS C 209 0.34 37.41 -22.44
N VAL C 210 0.77 36.64 -21.43
CA VAL C 210 0.13 35.37 -21.04
C VAL C 210 -0.22 35.38 -19.56
N ASP C 211 -1.12 34.50 -19.13
CA ASP C 211 -1.54 34.44 -17.73
C ASP C 211 -0.36 34.25 -16.79
N ASP C 212 -0.38 35.01 -15.69
CA ASP C 212 0.65 34.94 -14.67
C ASP C 212 0.00 34.75 -13.31
N TYR C 213 -1.25 34.27 -13.33
CA TYR C 213 -1.99 33.97 -12.12
C TYR C 213 -3.05 32.96 -12.51
N PHE C 214 -3.22 31.94 -11.68
CA PHE C 214 -4.41 31.09 -11.84
C PHE C 214 -4.89 30.62 -10.48
N ILE C 215 -6.20 30.44 -10.36
CA ILE C 215 -6.75 29.67 -9.26
C ILE C 215 -7.71 28.65 -9.90
N ILE C 216 -7.59 27.39 -9.48
CA ILE C 216 -8.37 26.29 -10.04
C ILE C 216 -9.00 25.48 -8.93
N HIS C 217 -10.28 25.20 -9.08
CA HIS C 217 -10.94 24.26 -8.21
C HIS C 217 -11.31 23.04 -9.02
N LEU C 218 -10.87 21.88 -8.53
CA LEU C 218 -11.23 20.59 -9.13
C LEU C 218 -12.35 20.06 -8.27
N LEU C 219 -13.55 20.04 -8.86
CA LEU C 219 -14.77 19.83 -8.11
C LEU C 219 -15.15 18.35 -8.17
N HIS C 220 -15.30 17.75 -6.99
CA HIS C 220 -15.62 16.33 -6.79
C HIS C 220 -14.67 15.35 -7.53
N PRO C 221 -13.40 15.28 -7.08
CA PRO C 221 -12.49 14.30 -7.70
C PRO C 221 -12.94 12.87 -7.39
N SER C 222 -12.81 11.95 -8.35
CA SER C 222 -13.41 10.62 -8.26
CA SER C 222 -13.38 10.60 -8.26
C SER C 222 -13.08 9.82 -6.99
N LEU C 223 -11.83 9.87 -6.54
CA LEU C 223 -11.40 9.03 -5.42
C LEU C 223 -11.71 9.62 -4.05
N ALA C 224 -12.11 10.89 -4.04
CA ALA C 224 -12.40 11.61 -2.81
C ALA C 224 -13.30 12.82 -3.13
N PRO C 225 -14.58 12.55 -3.46
CA PRO C 225 -15.40 13.64 -4.02
C PRO C 225 -15.85 14.74 -3.04
N ASN C 226 -15.59 14.56 -1.73
CA ASN C 226 -15.91 15.54 -0.71
C ASN C 226 -14.72 16.36 -0.25
N VAL C 227 -13.54 16.10 -0.83
CA VAL C 227 -12.35 16.89 -0.52
C VAL C 227 -12.34 18.14 -1.39
N LYS C 228 -12.12 19.29 -0.74
CA LYS C 228 -12.07 20.57 -1.42
C LYS C 228 -10.65 20.82 -1.95
N ILE C 229 -10.54 21.04 -3.26
CA ILE C 229 -9.25 21.20 -3.93
CA ILE C 229 -9.25 21.20 -3.94
C ILE C 229 -9.03 22.62 -4.47
N THR C 230 -7.93 23.24 -4.08
CA THR C 230 -7.53 24.52 -4.68
C THR C 230 -6.11 24.42 -5.21
N LEU C 231 -5.93 24.73 -6.49
CA LEU C 231 -4.60 24.82 -7.09
C LEU C 231 -4.34 26.26 -7.54
N LYS C 232 -3.17 26.79 -7.20
CA LYS C 232 -2.89 28.20 -7.44
C LYS C 232 -1.45 28.43 -7.83
N ALA C 233 -1.24 29.46 -8.64
CA ALA C 233 0.11 30.01 -8.83
C ALA C 233 0.02 31.46 -9.22
N SER C 234 1.08 32.22 -8.91
CA SER C 234 1.10 33.64 -9.21
C SER C 234 2.53 34.13 -9.23
N TYR C 235 2.79 35.10 -10.09
CA TYR C 235 4.08 35.80 -10.12
C TYR C 235 4.09 37.06 -9.26
N LEU C 236 3.00 37.32 -8.55
CA LEU C 236 2.96 38.45 -7.63
C LEU C 236 2.51 38.05 -6.23
N MET C 237 3.38 37.32 -5.55
CA MET C 237 3.17 36.91 -4.15
C MET C 237 4.48 37.15 -3.42
N ARG C 238 4.77 38.41 -3.12
CA ARG C 238 6.04 38.77 -2.45
C ARG C 238 6.23 38.02 -1.16
N GLU C 239 5.16 37.88 -0.40
CA GLU C 239 5.16 36.97 0.73
C GLU C 239 4.39 35.73 0.28
N ALA C 240 5.10 34.61 0.28
CA ALA C 240 4.62 33.40 -0.33
C ALA C 240 3.48 32.79 0.48
N GLU C 241 2.44 32.36 -0.23
CA GLU C 241 1.44 31.48 0.36
C GLU C 241 2.05 30.07 0.51
N PRO C 242 1.46 29.19 1.36
CA PRO C 242 2.05 27.87 1.52
C PRO C 242 2.10 27.09 0.21
N ARG C 243 3.14 26.28 0.05
CA ARG C 243 3.24 25.33 -1.04
C ARG C 243 2.10 24.30 -0.91
N PHE C 244 1.90 23.81 0.30
CA PHE C 244 0.77 22.94 0.61
C PHE C 244 0.10 23.38 1.88
N ALA C 245 -1.23 23.32 1.89
CA ALA C 245 -1.97 23.41 3.14
C ALA C 245 -3.03 22.35 3.05
N LEU C 246 -2.98 21.39 3.95
CA LEU C 246 -3.96 20.31 3.99
C LEU C 246 -4.67 20.38 5.32
N HIS C 247 -5.97 20.09 5.31
CA HIS C 247 -6.75 20.15 6.53
C HIS C 247 -7.56 18.88 6.64
N GLY C 248 -7.58 18.29 7.83
CA GLY C 248 -8.41 17.13 8.07
C GLY C 248 -9.18 17.29 9.36
N THR C 249 -9.96 16.25 9.70
CA THR C 249 -10.76 16.26 10.93
C THR C 249 -9.93 16.40 12.21
N LEU C 250 -8.71 15.86 12.19
CA LEU C 250 -7.86 15.84 13.37
C LEU C 250 -6.79 16.92 13.36
N GLY C 251 -6.52 17.48 12.20
CA GLY C 251 -5.44 18.44 12.11
C GLY C 251 -5.07 18.91 10.73
N SER C 252 -3.96 19.64 10.67
CA SER C 252 -3.51 20.32 9.47
C SER C 252 -2.02 20.12 9.25
N TYR C 253 -1.62 20.25 7.99
CA TYR C 253 -0.23 20.26 7.60
C TYR C 253 -0.02 21.43 6.65
N VAL C 254 1.00 22.24 6.93
CA VAL C 254 1.30 23.45 6.16
C VAL C 254 2.80 23.50 5.83
N LYS C 255 3.13 23.61 4.55
CA LYS C 255 4.49 23.58 4.07
C LYS C 255 4.78 24.80 3.18
N TYR C 256 5.97 25.40 3.35
CA TYR C 256 6.43 26.49 2.47
C TYR C 256 7.66 26.08 1.68
N GLY C 257 7.90 26.80 0.60
CA GLY C 257 9.15 26.70 -0.14
C GLY C 257 9.03 25.76 -1.31
N VAL C 258 10.14 25.53 -2.01
CA VAL C 258 10.17 24.60 -3.13
C VAL C 258 11.26 23.56 -2.97
N ASP C 259 11.15 22.48 -3.75
CA ASP C 259 12.14 21.42 -3.74
C ASP C 259 13.49 21.95 -4.23
N LYS C 260 14.55 21.47 -3.59
CA LYS C 260 15.90 22.02 -3.79
C LYS C 260 16.73 21.24 -4.82
N GLN C 261 16.18 20.13 -5.33
CA GLN C 261 16.93 19.27 -6.26
C GLN C 261 17.35 19.94 -7.55
N GLU C 262 16.43 20.69 -8.17
CA GLU C 262 16.72 21.30 -9.47
C GLU C 262 17.86 22.31 -9.40
N ALA C 263 17.90 23.11 -8.34
CA ALA C 263 19.02 24.02 -8.10
C ALA C 263 20.36 23.30 -7.92
N ALA C 264 20.35 22.21 -7.14
CA ALA C 264 21.57 21.44 -6.91
C ALA C 264 22.05 20.81 -8.21
N LEU C 265 21.10 20.24 -8.96
CA LEU C 265 21.42 19.64 -10.24
C LEU C 265 21.91 20.64 -11.28
N LEU C 266 21.32 21.84 -11.27
CA LEU C 266 21.75 22.93 -12.16
C LEU C 266 23.18 23.36 -11.82
N ALA C 267 23.51 23.33 -10.52
CA ALA C 267 24.86 23.65 -10.04
C ALA C 267 25.87 22.55 -10.37
N GLY C 268 25.37 21.39 -10.80
CA GLY C 268 26.23 20.26 -11.17
C GLY C 268 26.55 19.28 -10.05
N GLU C 269 25.74 19.27 -9.00
CA GLU C 269 25.93 18.34 -7.91
C GLU C 269 25.51 16.93 -8.33
N ILE C 270 26.29 15.94 -7.93
CA ILE C 270 26.05 14.55 -8.28
C ILE C 270 25.00 13.99 -7.33
N PRO C 271 23.89 13.48 -7.88
CA PRO C 271 22.79 13.01 -7.01
C PRO C 271 23.00 11.71 -6.22
N GLU C 272 24.20 11.12 -6.27
CA GLU C 272 24.38 9.80 -5.63
C GLU C 272 24.27 9.73 -4.08
N ARG C 273 24.55 10.83 -3.40
CA ARG C 273 24.88 10.83 -1.97
C ARG C 273 23.70 10.51 -1.01
N PRO C 274 24.00 9.99 0.19
CA PRO C 274 23.01 9.65 1.21
C PRO C 274 22.01 10.75 1.59
N ASN C 275 22.45 12.01 1.62
CA ASN C 275 21.56 13.11 2.02
C ASN C 275 20.82 13.79 0.85
N TRP C 276 20.84 13.18 -0.33
CA TRP C 276 20.22 13.77 -1.51
C TRP C 276 18.71 13.99 -1.33
N GLY C 277 18.25 15.19 -1.67
CA GLY C 277 16.82 15.55 -1.58
C GLY C 277 16.34 15.90 -0.18
N GLU C 278 17.23 15.81 0.80
CA GLU C 278 16.84 16.11 2.18
C GLU C 278 16.58 17.60 2.39
N GLU C 279 15.67 17.87 3.32
CA GLU C 279 15.35 19.24 3.73
C GLU C 279 15.74 19.45 5.18
N SER C 280 16.02 20.70 5.52
CA SER C 280 16.31 21.09 6.90
C SER C 280 15.03 21.17 7.71
N GLU C 281 15.18 21.27 9.03
CA GLU C 281 14.04 21.43 9.95
C GLU C 281 13.19 22.67 9.63
N GLN C 282 13.87 23.74 9.22
CA GLN C 282 13.27 25.00 8.81
C GLN C 282 12.41 24.84 7.54
N GLU C 283 12.86 23.99 6.62
CA GLU C 283 12.16 23.75 5.36
C GLU C 283 11.00 22.78 5.54
N TRP C 284 11.08 21.90 6.53
CA TRP C 284 10.00 20.93 6.79
C TRP C 284 8.68 21.64 7.06
N GLY C 285 7.58 20.96 6.77
CA GLY C 285 6.26 21.49 7.03
C GLY C 285 5.87 21.35 8.48
N LEU C 286 4.90 22.15 8.90
CA LEU C 286 4.37 22.10 10.25
C LEU C 286 3.18 21.14 10.32
N LEU C 287 3.27 20.18 11.22
CA LEU C 287 2.15 19.28 11.46
C LEU C 287 1.47 19.64 12.77
N HIS C 288 0.18 19.93 12.70
CA HIS C 288 -0.59 20.32 13.88
C HIS C 288 -1.79 19.41 13.90
N THR C 289 -1.74 18.39 14.76
CA THR C 289 -2.77 17.36 14.76
C THR C 289 -2.87 16.69 16.13
N GLU C 290 -3.76 15.72 16.25
CA GLU C 290 -3.90 14.92 17.45
C GLU C 290 -3.24 13.57 17.19
N ILE C 291 -2.22 13.24 17.97
CA ILE C 291 -1.58 11.91 17.92
C ILE C 291 -1.78 11.20 19.27
N ASN C 292 -2.36 9.99 19.19
CA ASN C 292 -2.93 9.23 20.33
C ASN C 292 -3.50 10.05 21.49
N GLY C 293 -4.48 10.88 21.16
CA GLY C 293 -5.22 11.65 22.15
C GLY C 293 -4.67 13.02 22.48
N LYS C 294 -3.39 13.25 22.17
CA LYS C 294 -2.70 14.48 22.54
C LYS C 294 -2.47 15.40 21.34
N GLU C 295 -2.64 16.70 21.56
CA GLU C 295 -2.37 17.71 20.55
C GLU C 295 -0.87 17.92 20.40
N ILE C 296 -0.39 17.82 19.16
CA ILE C 296 1.02 18.08 18.85
C ILE C 296 1.14 19.14 17.77
N CYS C 297 2.22 19.90 17.80
CA CYS C 297 2.45 20.95 16.83
C CYS C 297 3.95 21.07 16.63
N ARG C 298 4.45 20.50 15.56
CA ARG C 298 5.87 20.47 15.32
C ARG C 298 6.24 20.26 13.89
N LYS C 299 7.47 20.55 13.54
CA LYS C 299 7.98 20.27 12.20
C LYS C 299 7.96 18.77 11.94
N TYR C 300 7.55 18.40 10.73
CA TYR C 300 7.40 16.98 10.39
C TYR C 300 8.59 16.54 9.55
N PRO C 301 9.43 15.61 10.09
CA PRO C 301 10.58 15.10 9.33
C PRO C 301 10.08 14.45 8.06
N GLY C 302 10.44 15.04 6.93
CA GLY C 302 9.82 14.66 5.67
C GLY C 302 10.51 13.53 4.94
N ILE C 303 9.94 13.19 3.79
CA ILE C 303 10.54 12.29 2.83
C ILE C 303 11.48 13.08 1.92
N ALA C 304 12.69 12.56 1.70
CA ALA C 304 13.66 13.21 0.80
C ALA C 304 13.13 13.29 -0.63
N GLY C 305 13.46 14.38 -1.31
CA GLY C 305 13.15 14.50 -2.73
C GLY C 305 13.92 13.46 -3.51
N ASN C 306 13.31 12.92 -4.57
CA ASN C 306 13.88 11.74 -5.22
C ASN C 306 13.61 11.69 -6.72
N TYR C 307 14.18 12.62 -7.49
CA TYR C 307 14.01 12.62 -8.95
C TYR C 307 14.56 11.34 -9.63
N GLY C 308 15.50 10.66 -8.96
CA GLY C 308 15.97 9.36 -9.42
C GLY C 308 14.90 8.30 -9.43
N GLY C 309 13.83 8.53 -8.65
CA GLY C 309 12.70 7.62 -8.53
C GLY C 309 11.96 7.40 -9.83
N PHE C 310 12.05 8.38 -10.73
CA PHE C 310 11.42 8.25 -12.05
C PHE C 310 12.03 7.08 -12.82
N TYR C 311 13.36 7.04 -12.83
CA TYR C 311 14.13 6.00 -13.50
C TYR C 311 14.09 4.67 -12.76
N GLN C 312 14.11 4.72 -11.43
CA GLN C 312 13.96 3.51 -10.66
C GLN C 312 12.62 2.84 -10.97
N ASN C 313 11.57 3.65 -11.10
CA ASN C 313 10.27 3.11 -11.49
C ASN C 313 10.27 2.50 -12.89
N ILE C 314 10.96 3.14 -13.83
CA ILE C 314 11.05 2.62 -15.19
CA ILE C 314 11.08 2.63 -15.20
C ILE C 314 11.73 1.25 -15.19
N TYR C 315 12.79 1.13 -14.40
CA TYR C 315 13.51 -0.13 -14.25
C TYR C 315 12.59 -1.22 -13.69
N GLU C 316 11.89 -0.91 -12.60
CA GLU C 316 10.99 -1.87 -11.95
C GLU C 316 9.84 -2.29 -12.85
N HIS C 317 9.42 -1.40 -13.74
CA HIS C 317 8.40 -1.70 -14.72
C HIS C 317 8.92 -2.64 -15.81
N LEU C 318 10.04 -2.27 -16.42
CA LEU C 318 10.57 -3.00 -17.58
C LEU C 318 11.23 -4.33 -17.21
N CYS C 319 11.88 -4.36 -16.04
CA CYS C 319 12.63 -5.53 -15.62
C CYS C 319 11.95 -6.40 -14.56
N LEU C 320 11.05 -5.82 -13.75
CA LEU C 320 10.39 -6.58 -12.69
C LEU C 320 8.87 -6.62 -12.78
N GLY C 321 8.33 -6.16 -13.92
CA GLY C 321 6.89 -6.16 -14.19
C GLY C 321 6.00 -5.30 -13.30
N GLN C 322 6.58 -4.33 -12.60
CA GLN C 322 5.81 -3.45 -11.70
C GLN C 322 5.02 -2.43 -12.52
N PRO C 323 3.93 -1.86 -11.95
CA PRO C 323 3.19 -0.79 -12.65
C PRO C 323 4.05 0.43 -12.97
N LEU C 324 3.91 0.94 -14.19
CA LEU C 324 4.52 2.20 -14.56
C LEU C 324 3.71 3.32 -13.92
N GLU C 325 4.39 4.27 -13.27
CA GLU C 325 3.68 5.38 -12.60
C GLU C 325 3.32 6.50 -13.58
N THR C 326 4.12 6.64 -14.64
CA THR C 326 4.10 7.82 -15.48
C THR C 326 3.64 7.53 -16.92
N HIS C 327 2.55 6.79 -17.06
CA HIS C 327 1.94 6.58 -18.37
C HIS C 327 1.71 7.89 -19.09
N ALA C 328 1.92 7.89 -20.41
CA ALA C 328 1.65 9.05 -21.24
C ALA C 328 0.21 9.55 -21.15
N GLN C 329 -0.73 8.63 -20.88
CA GLN C 329 -2.15 9.00 -20.71
C GLN C 329 -2.33 10.01 -19.57
N ASP C 330 -1.48 9.93 -18.55
CA ASP C 330 -1.51 10.88 -17.42
C ASP C 330 -1.39 12.33 -17.88
N ILE C 331 -0.51 12.63 -18.84
CA ILE C 331 -0.38 14.01 -19.34
C ILE C 331 -1.55 14.43 -20.23
N LEU C 332 -2.19 13.47 -20.91
CA LEU C 332 -3.38 13.81 -21.69
C LEU C 332 -4.51 14.18 -20.75
N ASN C 333 -4.62 13.46 -19.64
CA ASN C 333 -5.57 13.76 -18.58
C ASN C 333 -5.34 15.14 -17.96
N VAL C 334 -4.08 15.46 -17.72
CA VAL C 334 -3.67 16.77 -17.21
C VAL C 334 -4.06 17.87 -18.17
N ILE C 335 -3.80 17.66 -19.46
CA ILE C 335 -4.12 18.63 -20.51
C ILE C 335 -5.61 18.86 -20.67
N ARG C 336 -6.40 17.81 -20.44
CA ARG C 336 -7.85 17.94 -20.44
C ARG C 336 -8.30 18.93 -19.35
N ILE C 337 -7.75 18.77 -18.14
CA ILE C 337 -8.00 19.71 -17.03
C ILE C 337 -7.54 21.14 -17.36
N ILE C 338 -6.35 21.27 -17.93
CA ILE C 338 -5.82 22.58 -18.33
C ILE C 338 -6.75 23.27 -19.35
N GLU C 339 -7.21 22.51 -20.35
CA GLU C 339 -8.12 23.03 -21.35
C GLU C 339 -9.45 23.43 -20.72
N ALA C 340 -9.93 22.64 -19.76
CA ALA C 340 -11.16 22.97 -19.03
C ALA C 340 -11.02 24.24 -18.20
N ALA C 341 -9.83 24.43 -17.62
CA ALA C 341 -9.51 25.64 -16.86
C ALA C 341 -9.51 26.89 -17.75
N TYR C 342 -8.88 26.79 -18.91
CA TYR C 342 -8.91 27.87 -19.90
C TYR C 342 -10.35 28.16 -20.39
N GLN C 343 -11.15 27.12 -20.59
CA GLN C 343 -12.51 27.28 -21.06
C GLN C 343 -13.40 27.93 -19.99
N SER C 344 -13.23 27.53 -18.74
CA SER C 344 -13.95 28.10 -17.60
C SER C 344 -13.71 29.59 -17.44
N HIS C 345 -12.45 29.99 -17.60
CA HIS C 345 -12.06 31.38 -17.52
C HIS C 345 -12.61 32.19 -18.71
N ARG C 346 -12.38 31.70 -19.92
CA ARG C 346 -12.79 32.37 -21.16
C ARG C 346 -14.32 32.54 -21.28
N GLU C 347 -15.06 31.53 -20.84
CA GLU C 347 -16.50 31.49 -21.01
C GLU C 347 -17.27 31.88 -19.75
N ASN C 348 -16.54 32.20 -18.67
CA ASN C 348 -17.15 32.59 -17.39
C ASN C 348 -18.16 31.54 -16.91
N LYS C 349 -17.77 30.27 -16.97
CA LYS C 349 -18.63 29.15 -16.56
C LYS C 349 -17.89 28.05 -15.81
N ILE C 350 -18.61 27.30 -14.98
CA ILE C 350 -18.10 26.02 -14.49
C ILE C 350 -18.17 25.02 -15.66
N VAL C 351 -17.07 24.31 -15.90
CA VAL C 351 -16.98 23.35 -17.01
C VAL C 351 -17.13 21.94 -16.49
N ASN C 352 -18.19 21.26 -16.91
CA ASN C 352 -18.43 19.89 -16.53
C ASN C 352 -17.74 18.93 -17.50
N LEU C 353 -17.03 17.95 -16.96
CA LEU C 353 -16.31 16.97 -17.77
C LEU C 353 -17.25 15.82 -18.15
N GLU D 4 2.45 -72.46 -20.98
CA GLU D 4 3.78 -71.95 -21.38
C GLU D 4 3.72 -70.51 -21.93
N ILE D 5 2.87 -70.28 -22.93
CA ILE D 5 2.65 -68.91 -23.45
C ILE D 5 1.22 -68.46 -23.12
N ILE D 6 1.12 -67.30 -22.48
CA ILE D 6 -0.17 -66.77 -22.03
C ILE D 6 -0.82 -66.00 -23.19
N LYS D 7 -1.91 -66.55 -23.73
CA LYS D 7 -2.64 -65.91 -24.81
C LYS D 7 -3.45 -64.76 -24.23
N THR D 8 -3.12 -63.55 -24.63
CA THR D 8 -3.64 -62.34 -23.99
C THR D 8 -4.59 -61.56 -24.89
N GLY D 9 -5.72 -61.14 -24.31
CA GLY D 9 -6.65 -60.20 -24.94
C GLY D 9 -6.54 -58.83 -24.28
N LEU D 10 -6.36 -57.80 -25.12
CA LEU D 10 -6.25 -56.42 -24.65
C LEU D 10 -7.57 -55.72 -24.95
N ALA D 11 -8.21 -55.16 -23.93
CA ALA D 11 -9.57 -54.61 -24.06
C ALA D 11 -9.66 -53.28 -24.80
N ALA D 12 -8.54 -52.58 -24.96
CA ALA D 12 -8.55 -51.28 -25.64
C ALA D 12 -7.17 -50.92 -26.20
N PHE D 13 -7.19 -50.29 -27.37
CA PHE D 13 -5.98 -49.79 -27.99
C PHE D 13 -6.00 -48.24 -28.01
N GLY D 14 -6.45 -47.66 -26.90
CA GLY D 14 -6.29 -46.22 -26.66
C GLY D 14 -4.87 -45.93 -26.16
N MET D 15 -4.68 -44.78 -25.50
CA MET D 15 -3.38 -44.38 -24.99
CA MET D 15 -3.35 -44.39 -24.99
C MET D 15 -2.75 -45.48 -24.14
N SER D 16 -3.49 -45.94 -23.13
CA SER D 16 -2.96 -46.91 -22.18
CA SER D 16 -2.99 -46.92 -22.18
C SER D 16 -2.56 -48.23 -22.85
N GLY D 17 -3.38 -48.70 -23.80
CA GLY D 17 -3.08 -49.91 -24.55
C GLY D 17 -1.83 -49.78 -25.40
N GLN D 18 -1.67 -48.63 -26.04
CA GLN D 18 -0.50 -48.34 -26.88
C GLN D 18 0.78 -48.10 -26.11
N VAL D 19 0.67 -47.54 -24.91
CA VAL D 19 1.84 -47.11 -24.14
C VAL D 19 2.31 -48.17 -23.13
N PHE D 20 1.40 -48.66 -22.30
CA PHE D 20 1.76 -49.44 -21.12
C PHE D 20 1.61 -50.94 -21.26
N HIS D 21 0.73 -51.37 -22.16
CA HIS D 21 0.32 -52.76 -22.21
C HIS D 21 0.82 -53.51 -23.42
N ALA D 22 0.37 -53.12 -24.61
CA ALA D 22 0.79 -53.80 -25.82
C ALA D 22 2.32 -53.88 -26.03
N PRO D 23 3.10 -52.79 -25.74
CA PRO D 23 4.55 -52.95 -25.95
C PRO D 23 5.19 -54.05 -25.12
N PHE D 24 4.66 -54.30 -23.92
CA PHE D 24 5.26 -55.29 -23.04
C PHE D 24 4.69 -56.67 -23.28
N ILE D 25 3.38 -56.76 -23.49
CA ILE D 25 2.75 -58.02 -23.88
C ILE D 25 3.37 -58.58 -25.16
N SER D 26 3.69 -57.70 -26.11
CA SER D 26 4.34 -58.12 -27.34
CA SER D 26 4.34 -58.11 -27.35
C SER D 26 5.79 -58.55 -27.09
N THR D 27 6.58 -57.69 -26.45
CA THR D 27 8.01 -57.99 -26.29
C THR D 27 8.33 -59.19 -25.39
N ASN D 28 7.58 -59.35 -24.30
CA ASN D 28 7.76 -60.51 -23.41
C ASN D 28 7.41 -61.80 -24.16
N PRO D 29 8.36 -62.76 -24.24
CA PRO D 29 8.11 -63.99 -25.01
C PRO D 29 7.15 -64.97 -24.32
N HIS D 30 6.87 -64.72 -23.04
CA HIS D 30 5.93 -65.56 -22.27
C HIS D 30 4.45 -65.22 -22.48
N PHE D 31 4.18 -64.20 -23.29
CA PHE D 31 2.83 -63.76 -23.59
C PHE D 31 2.65 -63.64 -25.08
N GLU D 32 1.45 -63.95 -25.55
CA GLU D 32 1.10 -63.67 -26.93
C GLU D 32 0.09 -62.53 -26.97
N LEU D 33 0.42 -61.42 -27.63
CA LEU D 33 -0.59 -60.38 -27.87
C LEU D 33 -1.55 -60.91 -28.94
N TYR D 34 -2.61 -61.56 -28.49
CA TYR D 34 -3.40 -62.46 -29.31
C TYR D 34 -4.59 -61.78 -29.97
N LYS D 35 -5.38 -61.08 -29.15
CA LYS D 35 -6.51 -60.31 -29.64
C LYS D 35 -6.58 -58.92 -29.00
N ILE D 36 -6.98 -57.93 -29.79
CA ILE D 36 -7.08 -56.55 -29.35
C ILE D 36 -8.46 -56.03 -29.73
N VAL D 37 -9.15 -55.40 -28.79
CA VAL D 37 -10.42 -54.74 -29.13
C VAL D 37 -10.14 -53.35 -29.67
N GLU D 38 -10.54 -53.12 -30.91
CA GLU D 38 -10.57 -51.79 -31.49
C GLU D 38 -11.95 -51.66 -32.09
N ARG D 39 -12.80 -50.86 -31.46
CA ARG D 39 -14.22 -50.76 -31.85
C ARG D 39 -14.42 -50.20 -33.27
N SER D 40 -13.58 -49.28 -33.72
CA SER D 40 -13.81 -48.63 -35.03
C SER D 40 -12.58 -48.32 -35.88
N LYS D 41 -11.40 -48.74 -35.43
CA LYS D 41 -10.14 -48.44 -36.12
C LYS D 41 -9.26 -49.69 -36.24
N GLU D 42 -8.11 -49.54 -36.91
CA GLU D 42 -7.14 -50.61 -37.07
C GLU D 42 -5.75 -50.08 -36.79
N LEU D 43 -5.63 -49.29 -35.72
CA LEU D 43 -4.33 -48.70 -35.36
C LEU D 43 -3.28 -49.76 -34.97
N SER D 44 -3.73 -50.92 -34.48
CA SER D 44 -2.79 -51.94 -34.00
C SER D 44 -2.10 -52.74 -35.10
N LYS D 45 -2.63 -52.66 -36.32
CA LYS D 45 -2.11 -53.41 -37.45
C LYS D 45 -0.71 -52.99 -37.86
N GLU D 46 -0.39 -51.73 -37.58
CA GLU D 46 0.91 -51.15 -37.87
C GLU D 46 2.00 -51.87 -37.05
N ARG D 47 1.92 -51.79 -35.73
CA ARG D 47 2.94 -52.38 -34.87
C ARG D 47 2.72 -53.88 -34.58
N TYR D 48 1.47 -54.31 -34.55
CA TYR D 48 1.15 -55.67 -34.13
C TYR D 48 0.32 -56.44 -35.15
N PRO D 49 0.89 -56.74 -36.33
CA PRO D 49 0.07 -57.31 -37.42
C PRO D 49 -0.47 -58.71 -37.17
N GLN D 50 0.19 -59.46 -36.28
CA GLN D 50 -0.20 -60.82 -35.96
CA GLN D 50 -0.22 -60.82 -35.97
C GLN D 50 -1.29 -60.90 -34.90
N ALA D 51 -1.55 -59.80 -34.19
CA ALA D 51 -2.69 -59.75 -33.28
C ALA D 51 -3.97 -59.72 -34.11
N SER D 52 -5.07 -60.26 -33.60
CA SER D 52 -6.36 -60.23 -34.28
CA SER D 52 -6.34 -60.20 -34.29
C SER D 52 -7.25 -59.13 -33.70
N ILE D 53 -7.76 -58.24 -34.54
CA ILE D 53 -8.68 -57.20 -34.10
C ILE D 53 -10.11 -57.72 -33.92
N VAL D 54 -10.68 -57.52 -32.73
CA VAL D 54 -12.11 -57.75 -32.53
C VAL D 54 -12.81 -56.42 -32.25
N ARG D 55 -14.12 -56.38 -32.43
CA ARG D 55 -14.85 -55.12 -32.35
C ARG D 55 -15.57 -54.93 -31.02
N SER D 56 -15.61 -55.97 -30.19
CA SER D 56 -16.32 -55.90 -28.92
C SER D 56 -15.59 -56.66 -27.81
N PHE D 57 -15.79 -56.21 -26.57
CA PHE D 57 -15.15 -56.81 -25.40
C PHE D 57 -15.58 -58.26 -25.22
N LYS D 58 -16.88 -58.51 -25.41
CA LYS D 58 -17.46 -59.86 -25.30
C LYS D 58 -16.76 -60.90 -26.18
N GLU D 59 -16.16 -60.46 -27.29
CA GLU D 59 -15.39 -61.36 -28.15
C GLU D 59 -14.08 -61.86 -27.52
N LEU D 60 -13.55 -61.11 -26.55
CA LEU D 60 -12.44 -61.63 -25.75
C LEU D 60 -12.91 -62.68 -24.74
N THR D 61 -14.01 -62.39 -24.04
CA THR D 61 -14.52 -63.30 -23.01
C THR D 61 -15.08 -64.59 -23.60
N GLU D 62 -15.58 -64.53 -24.83
CA GLU D 62 -16.13 -65.71 -25.49
C GLU D 62 -15.10 -66.62 -26.18
N ASP D 63 -13.85 -66.18 -26.28
CA ASP D 63 -12.81 -66.99 -26.89
C ASP D 63 -12.16 -67.92 -25.86
N PRO D 64 -12.35 -69.26 -26.01
CA PRO D 64 -11.83 -70.21 -25.01
C PRO D 64 -10.30 -70.28 -24.92
N GLU D 65 -9.62 -69.86 -25.98
CA GLU D 65 -8.15 -69.87 -26.02
C GLU D 65 -7.46 -68.77 -25.17
N ILE D 66 -8.19 -67.71 -24.84
CA ILE D 66 -7.59 -66.61 -24.09
C ILE D 66 -7.37 -66.98 -22.61
N ASP D 67 -6.15 -66.76 -22.11
CA ASP D 67 -5.82 -67.02 -20.72
C ASP D 67 -5.92 -65.79 -19.82
N LEU D 68 -5.65 -64.62 -20.39
CA LEU D 68 -5.57 -63.36 -19.64
C LEU D 68 -6.25 -62.23 -20.40
N ILE D 69 -7.11 -61.50 -19.71
CA ILE D 69 -7.71 -60.28 -20.27
C ILE D 69 -7.21 -59.07 -19.51
N VAL D 70 -6.68 -58.09 -20.25
CA VAL D 70 -6.27 -56.81 -19.67
C VAL D 70 -7.37 -55.77 -19.88
N VAL D 71 -8.05 -55.41 -18.80
CA VAL D 71 -9.18 -54.46 -18.84
C VAL D 71 -8.65 -53.02 -18.67
N ASN D 72 -8.47 -52.35 -19.81
CA ASN D 72 -7.96 -50.98 -19.84
C ASN D 72 -8.91 -50.07 -20.62
N THR D 73 -10.19 -50.42 -20.57
CA THR D 73 -11.27 -49.63 -21.17
C THR D 73 -11.63 -48.42 -20.26
N PRO D 74 -12.55 -47.53 -20.69
CA PRO D 74 -13.01 -46.44 -19.80
C PRO D 74 -13.39 -46.88 -18.39
N ASP D 75 -13.10 -46.00 -17.43
CA ASP D 75 -13.26 -46.23 -15.98
C ASP D 75 -14.56 -46.93 -15.59
N ASN D 76 -15.66 -46.45 -16.17
CA ASN D 76 -17.01 -46.92 -15.85
C ASN D 76 -17.29 -48.36 -16.24
N THR D 77 -16.46 -48.92 -17.12
CA THR D 77 -16.65 -50.30 -17.60
C THR D 77 -15.94 -51.35 -16.75
N HIS D 78 -15.05 -50.91 -15.86
CA HIS D 78 -14.09 -51.81 -15.20
C HIS D 78 -14.75 -52.93 -14.40
N TYR D 79 -15.75 -52.59 -13.58
CA TYR D 79 -16.43 -53.60 -12.78
C TYR D 79 -17.19 -54.63 -13.62
N GLU D 80 -17.93 -54.17 -14.62
CA GLU D 80 -18.70 -55.08 -15.48
C GLU D 80 -17.80 -55.98 -16.31
N TYR D 81 -16.77 -55.38 -16.90
CA TYR D 81 -15.88 -56.09 -17.82
C TYR D 81 -14.99 -57.10 -17.09
N ALA D 82 -14.44 -56.72 -15.93
CA ALA D 82 -13.63 -57.64 -15.13
C ALA D 82 -14.50 -58.79 -14.59
N GLY D 83 -15.72 -58.47 -14.20
CA GLY D 83 -16.73 -59.47 -13.80
C GLY D 83 -17.05 -60.47 -14.91
N MET D 84 -17.31 -59.96 -16.11
CA MET D 84 -17.58 -60.77 -17.31
C MET D 84 -16.41 -61.73 -17.62
N ALA D 85 -15.20 -61.19 -17.55
CA ALA D 85 -13.98 -61.95 -17.83
C ALA D 85 -13.75 -63.07 -16.83
N LEU D 86 -13.94 -62.76 -15.54
CA LEU D 86 -13.77 -63.75 -14.49
C LEU D 86 -14.83 -64.83 -14.60
N GLU D 87 -16.07 -64.43 -14.88
CA GLU D 87 -17.17 -65.39 -15.05
C GLU D 87 -16.93 -66.35 -16.24
N ALA D 88 -16.19 -65.86 -17.25
CA ALA D 88 -15.79 -66.68 -18.41
C ALA D 88 -14.50 -67.51 -18.19
N GLY D 89 -13.92 -67.40 -17.00
CA GLY D 89 -12.79 -68.24 -16.63
C GLY D 89 -11.42 -67.68 -16.99
N LYS D 90 -11.36 -66.36 -17.18
CA LYS D 90 -10.11 -65.68 -17.56
CA LYS D 90 -10.10 -65.69 -17.55
C LYS D 90 -9.45 -65.03 -16.36
N ASN D 91 -8.12 -65.09 -16.34
CA ASN D 91 -7.33 -64.31 -15.40
C ASN D 91 -7.43 -62.87 -15.88
N VAL D 92 -7.34 -61.90 -14.94
CA VAL D 92 -7.66 -60.51 -15.26
C VAL D 92 -6.64 -59.52 -14.70
N VAL D 93 -6.18 -58.62 -15.56
CA VAL D 93 -5.52 -57.38 -15.13
C VAL D 93 -6.53 -56.22 -15.29
N VAL D 94 -6.74 -55.45 -14.21
CA VAL D 94 -7.55 -54.21 -14.31
C VAL D 94 -6.69 -52.96 -14.09
N GLU D 95 -6.84 -51.98 -14.97
CA GLU D 95 -6.25 -50.66 -14.78
C GLU D 95 -7.03 -49.87 -13.73
N LYS D 96 -6.34 -48.92 -13.09
CA LYS D 96 -7.01 -47.96 -12.20
C LYS D 96 -7.92 -47.02 -12.99
N PRO D 97 -9.06 -46.61 -12.40
CA PRO D 97 -9.62 -47.08 -11.13
C PRO D 97 -10.15 -48.48 -11.28
N PHE D 98 -9.84 -49.30 -10.28
CA PHE D 98 -10.19 -50.71 -10.27
C PHE D 98 -11.70 -50.87 -10.34
N THR D 99 -12.41 -50.29 -9.40
CA THR D 99 -13.87 -50.24 -9.45
C THR D 99 -14.34 -48.85 -9.06
N SER D 100 -15.65 -48.60 -9.19
CA SER D 100 -16.21 -47.33 -8.76
CA SER D 100 -16.24 -47.35 -8.76
C SER D 100 -16.43 -47.33 -7.25
N THR D 101 -16.80 -48.49 -6.70
CA THR D 101 -17.02 -48.63 -5.25
C THR D 101 -16.15 -49.72 -4.62
N THR D 102 -15.97 -49.63 -3.30
CA THR D 102 -15.20 -50.62 -2.53
C THR D 102 -15.86 -52.00 -2.55
N LYS D 103 -17.18 -52.02 -2.42
CA LYS D 103 -17.97 -53.27 -2.39
C LYS D 103 -17.89 -54.03 -3.72
N GLN D 104 -17.89 -53.29 -4.82
CA GLN D 104 -17.70 -53.84 -6.17
C GLN D 104 -16.36 -54.55 -6.28
N GLY D 105 -15.30 -53.87 -5.80
CA GLY D 105 -13.95 -54.44 -5.72
C GLY D 105 -13.85 -55.68 -4.86
N GLU D 106 -14.52 -55.66 -3.71
CA GLU D 106 -14.53 -56.81 -2.82
C GLU D 106 -15.27 -57.99 -3.44
N GLU D 107 -16.33 -57.69 -4.19
CA GLU D 107 -17.08 -58.73 -4.92
C GLU D 107 -16.21 -59.39 -6.00
N LEU D 108 -15.47 -58.58 -6.75
CA LEU D 108 -14.61 -59.07 -7.81
C LEU D 108 -13.50 -59.96 -7.25
N ILE D 109 -12.94 -59.56 -6.12
CA ILE D 109 -11.87 -60.31 -5.44
C ILE D 109 -12.39 -61.67 -4.94
N ALA D 110 -13.57 -61.65 -4.30
CA ALA D 110 -14.26 -62.86 -3.87
C ALA D 110 -14.56 -63.80 -5.03
N LEU D 111 -14.99 -63.25 -6.16
CA LEU D 111 -15.29 -64.03 -7.36
C LEU D 111 -14.03 -64.71 -7.92
N ALA D 112 -12.94 -63.96 -8.03
CA ALA D 112 -11.66 -64.49 -8.48
C ALA D 112 -11.13 -65.61 -7.55
N LYS D 113 -11.29 -65.42 -6.24
CA LYS D 113 -10.87 -66.40 -5.24
CA LYS D 113 -10.87 -66.40 -5.24
C LYS D 113 -11.66 -67.70 -5.36
N LYS D 114 -12.97 -67.58 -5.52
CA LYS D 114 -13.89 -68.72 -5.69
C LYS D 114 -13.54 -69.56 -6.92
N LYS D 115 -13.20 -68.88 -8.01
CA LYS D 115 -12.91 -69.54 -9.28
C LYS D 115 -11.42 -69.90 -9.45
N GLY D 116 -10.59 -69.46 -8.51
CA GLY D 116 -9.14 -69.67 -8.58
C GLY D 116 -8.48 -68.95 -9.75
N LEU D 117 -8.93 -67.73 -10.05
CA LEU D 117 -8.36 -66.94 -11.13
C LEU D 117 -7.62 -65.76 -10.55
N MET D 118 -6.64 -65.28 -11.29
CA MET D 118 -5.85 -64.11 -10.91
C MET D 118 -6.67 -62.83 -11.12
N LEU D 119 -6.64 -61.95 -10.12
CA LEU D 119 -7.13 -60.57 -10.27
C LEU D 119 -6.06 -59.60 -9.84
N SER D 120 -5.51 -58.91 -10.82
CA SER D 120 -4.39 -58.02 -10.60
C SER D 120 -4.81 -56.60 -10.93
N VAL D 121 -4.32 -55.63 -10.16
CA VAL D 121 -4.53 -54.22 -10.50
C VAL D 121 -3.20 -53.64 -10.93
N TYR D 122 -3.21 -52.95 -12.07
CA TYR D 122 -2.02 -52.40 -12.68
C TYR D 122 -1.47 -51.16 -11.96
N GLN D 123 -0.30 -51.31 -11.35
CA GLN D 123 0.36 -50.21 -10.63
C GLN D 123 1.81 -50.14 -11.05
N ASN D 124 2.06 -49.51 -12.19
CA ASN D 124 3.39 -49.56 -12.80
C ASN D 124 4.49 -48.73 -12.15
N ARG D 125 4.13 -47.76 -11.32
CA ARG D 125 5.16 -46.89 -10.73
C ARG D 125 5.96 -47.58 -9.63
N ARG D 126 5.55 -48.80 -9.29
CA ARG D 126 6.41 -49.71 -8.53
C ARG D 126 7.68 -50.06 -9.29
N TRP D 127 7.68 -49.84 -10.60
CA TRP D 127 8.83 -50.14 -11.42
C TRP D 127 9.42 -48.91 -12.10
N ASP D 128 9.17 -47.72 -11.52
CA ASP D 128 9.89 -46.51 -11.96
C ASP D 128 11.33 -46.62 -11.50
N ALA D 129 12.26 -46.10 -12.30
CA ALA D 129 13.69 -46.12 -11.96
C ALA D 129 13.96 -45.54 -10.58
N ASP D 130 13.37 -44.37 -10.27
CA ASP D 130 13.54 -43.71 -8.97
C ASP D 130 13.08 -44.54 -7.78
N PHE D 131 11.87 -45.09 -7.85
CA PHE D 131 11.36 -45.91 -6.77
C PHE D 131 12.18 -47.19 -6.55
N LEU D 132 12.60 -47.84 -7.64
CA LEU D 132 13.42 -49.04 -7.57
C LEU D 132 14.79 -48.75 -6.95
N THR D 133 15.30 -47.56 -7.24
CA THR D 133 16.53 -47.07 -6.64
C THR D 133 16.36 -46.76 -5.13
N VAL D 134 15.25 -46.14 -4.77
CA VAL D 134 14.90 -45.93 -3.37
C VAL D 134 14.85 -47.28 -2.61
N ARG D 135 14.16 -48.27 -3.19
CA ARG D 135 14.13 -49.63 -2.62
C ARG D 135 15.53 -50.18 -2.35
N ASP D 136 16.41 -50.02 -3.34
CA ASP D 136 17.82 -50.43 -3.29
C ASP D 136 18.60 -49.75 -2.16
N ILE D 137 18.47 -48.43 -2.07
CA ILE D 137 19.14 -47.62 -1.04
C ILE D 137 18.68 -48.00 0.36
N LEU D 138 17.38 -48.23 0.51
CA LEU D 138 16.82 -48.55 1.81
C LEU D 138 17.23 -49.95 2.29
N ALA D 139 17.24 -50.91 1.37
CA ALA D 139 17.69 -52.29 1.62
C ALA D 139 19.19 -52.36 1.95
N LYS D 140 20.02 -51.68 1.16
CA LYS D 140 21.45 -51.56 1.45
C LYS D 140 21.75 -50.67 2.69
N SER D 141 20.70 -50.16 3.34
CA SER D 141 20.80 -49.20 4.47
C SER D 141 21.88 -48.13 4.29
N LEU D 142 21.97 -47.57 3.08
CA LEU D 142 23.04 -46.61 2.76
C LEU D 142 22.97 -45.28 3.53
N LEU D 143 21.80 -44.98 4.08
CA LEU D 143 21.62 -43.71 4.80
C LEU D 143 21.71 -43.88 6.32
N GLY D 144 21.92 -45.13 6.75
CA GLY D 144 21.90 -45.48 8.16
C GLY D 144 20.50 -45.88 8.57
N ARG D 145 20.07 -45.40 9.74
CA ARG D 145 18.69 -45.55 10.13
C ARG D 145 17.96 -44.41 9.42
N LEU D 146 16.97 -44.77 8.60
CA LEU D 146 16.15 -43.79 7.89
C LEU D 146 15.24 -43.13 8.90
N VAL D 147 15.16 -41.81 8.80
CA VAL D 147 14.29 -41.02 9.67
C VAL D 147 13.24 -40.23 8.89
N GLU D 148 13.49 -39.97 7.60
CA GLU D 148 12.53 -39.22 6.79
C GLU D 148 12.42 -39.65 5.33
N TYR D 149 11.18 -39.76 4.85
CA TYR D 149 10.86 -40.08 3.46
C TYR D 149 9.94 -39.02 2.88
N GLU D 150 10.40 -38.34 1.83
CA GLU D 150 9.58 -37.33 1.14
C GLU D 150 9.44 -37.73 -0.32
N SER D 151 8.20 -37.83 -0.79
CA SER D 151 7.91 -38.26 -2.16
C SER D 151 6.96 -37.25 -2.81
N THR D 152 7.42 -36.59 -3.88
CA THR D 152 6.70 -35.45 -4.49
C THR D 152 6.59 -35.54 -6.02
N PHE D 153 5.39 -35.32 -6.55
CA PHE D 153 5.22 -35.08 -7.99
C PHE D 153 5.00 -33.59 -8.25
N ALA D 154 6.06 -32.92 -8.68
CA ALA D 154 6.03 -31.50 -8.92
C ALA D 154 5.72 -31.26 -10.38
N ARG D 155 4.66 -30.50 -10.65
CA ARG D 155 4.35 -30.11 -12.01
C ARG D 155 4.07 -28.60 -12.06
N TYR D 156 4.11 -28.04 -13.27
CA TYR D 156 3.69 -26.66 -13.48
C TYR D 156 2.79 -26.55 -14.70
N ARG D 157 1.50 -26.41 -14.44
CA ARG D 157 0.51 -26.16 -15.49
C ARG D 157 -0.50 -25.15 -14.96
N ASN D 158 -0.30 -23.88 -15.32
CA ASN D 158 -1.21 -22.80 -14.93
C ASN D 158 -2.31 -22.57 -15.98
N PHE D 159 -3.00 -23.65 -16.34
CA PHE D 159 -4.17 -23.62 -17.22
C PHE D 159 -4.97 -24.92 -17.11
N ILE D 160 -6.20 -24.91 -17.62
CA ILE D 160 -7.09 -26.06 -17.59
C ILE D 160 -7.77 -26.23 -18.95
N GLY D 173 -10.39 -37.26 -11.74
CA GLY D 173 -11.10 -37.13 -10.46
C GLY D 173 -10.29 -36.47 -9.35
N GLY D 174 -9.23 -35.76 -9.73
CA GLY D 174 -8.42 -35.06 -8.74
C GLY D 174 -6.99 -35.57 -8.64
N LEU D 175 -6.08 -34.71 -8.21
CA LEU D 175 -4.65 -35.03 -8.07
C LEU D 175 -4.37 -36.12 -7.03
N THR D 176 -5.13 -36.09 -5.95
CA THR D 176 -4.99 -37.04 -4.85
C THR D 176 -5.36 -38.46 -5.33
N TYR D 177 -6.36 -38.55 -6.19
CA TYR D 177 -6.66 -39.83 -6.84
C TYR D 177 -5.64 -40.22 -7.92
N ASN D 178 -5.37 -39.30 -8.85
CA ASN D 178 -4.57 -39.62 -10.03
CA ASN D 178 -4.55 -39.57 -10.04
C ASN D 178 -3.07 -39.77 -9.77
N LEU D 179 -2.48 -38.88 -8.96
CA LEU D 179 -1.06 -39.02 -8.67
C LEU D 179 -0.83 -39.55 -7.26
N GLY D 180 -1.72 -39.20 -6.34
CA GLY D 180 -1.67 -39.71 -4.98
C GLY D 180 -1.71 -41.23 -4.86
N SER D 181 -2.52 -41.89 -5.68
CA SER D 181 -2.60 -43.35 -5.66
C SER D 181 -1.22 -44.00 -5.84
N HIS D 182 -0.43 -43.49 -6.80
CA HIS D 182 0.94 -43.98 -7.04
C HIS D 182 1.84 -43.82 -5.82
N LEU D 183 1.85 -42.61 -5.26
CA LEU D 183 2.73 -42.26 -4.15
C LEU D 183 2.41 -43.02 -2.89
N ILE D 184 1.11 -43.15 -2.63
CA ILE D 184 0.59 -43.91 -1.47
C ILE D 184 0.95 -45.39 -1.60
N ASP D 185 0.72 -45.95 -2.77
CA ASP D 185 1.06 -47.35 -3.04
C ASP D 185 2.53 -47.60 -2.76
N GLN D 186 3.39 -46.74 -3.31
CA GLN D 186 4.80 -46.81 -3.04
C GLN D 186 5.13 -46.80 -1.53
N ALA D 187 4.50 -45.89 -0.78
CA ALA D 187 4.80 -45.77 0.66
C ALA D 187 4.30 -46.98 1.46
N ILE D 188 3.13 -47.50 1.10
CA ILE D 188 2.57 -48.71 1.71
C ILE D 188 3.50 -49.91 1.42
N GLN D 189 3.98 -50.01 0.18
CA GLN D 189 4.92 -51.07 -0.20
C GLN D 189 6.20 -51.05 0.63
N LEU D 190 6.76 -49.86 0.86
CA LEU D 190 7.99 -49.73 1.62
C LEU D 190 7.84 -49.86 3.13
N PHE D 191 6.78 -49.28 3.71
CA PHE D 191 6.71 -49.14 5.17
C PHE D 191 5.43 -49.65 5.83
N GLY D 192 4.48 -50.15 5.03
CA GLY D 192 3.24 -50.67 5.59
C GLY D 192 2.19 -49.60 5.85
N MET D 193 1.00 -50.02 6.27
CA MET D 193 -0.10 -49.10 6.54
C MET D 193 0.19 -48.23 7.77
N PRO D 194 -0.19 -46.94 7.72
CA PRO D 194 -0.04 -46.05 8.88
C PRO D 194 -1.13 -46.26 9.93
N GLU D 195 -0.86 -45.77 11.15
CA GLU D 195 -1.88 -45.73 12.20
C GLU D 195 -2.87 -44.60 11.93
N ALA D 196 -2.37 -43.52 11.31
CA ALA D 196 -3.18 -42.33 11.11
C ALA D 196 -2.80 -41.57 9.85
N VAL D 197 -3.71 -40.71 9.38
CA VAL D 197 -3.50 -39.90 8.18
C VAL D 197 -3.88 -38.43 8.44
N PHE D 198 -2.94 -37.53 8.13
CA PHE D 198 -3.25 -36.11 7.92
C PHE D 198 -3.15 -35.77 6.43
N ALA D 199 -4.08 -34.97 5.92
CA ALA D 199 -3.96 -34.42 4.57
C ALA D 199 -4.50 -33.01 4.45
N ASP D 200 -3.83 -32.21 3.64
CA ASP D 200 -4.37 -30.92 3.23
C ASP D 200 -4.38 -30.85 1.73
N LEU D 201 -5.57 -30.62 1.16
CA LEU D 201 -5.71 -30.53 -0.29
C LEU D 201 -6.15 -29.13 -0.67
N GLY D 202 -5.94 -28.78 -1.93
CA GLY D 202 -6.35 -27.47 -2.41
C GLY D 202 -6.67 -27.45 -3.88
N ILE D 203 -7.54 -26.51 -4.23
CA ILE D 203 -7.71 -26.11 -5.63
C ILE D 203 -7.06 -24.73 -5.73
N LEU D 204 -5.82 -24.72 -6.18
CA LEU D 204 -5.00 -23.52 -6.12
C LEU D 204 -5.08 -22.70 -7.41
N ARG D 205 -5.45 -23.35 -8.51
CA ARG D 205 -5.53 -22.68 -9.80
C ARG D 205 -6.89 -22.04 -10.02
N GLU D 206 -6.89 -20.92 -10.72
CA GLU D 206 -8.08 -20.13 -11.02
C GLU D 206 -9.11 -20.94 -11.80
N GLY D 207 -10.27 -21.14 -11.19
CA GLY D 207 -11.39 -21.83 -11.80
C GLY D 207 -11.21 -23.34 -11.96
N GLY D 208 -10.42 -23.95 -11.07
CA GLY D 208 -10.24 -25.40 -11.08
C GLY D 208 -11.44 -26.08 -10.46
N LYS D 209 -11.77 -27.28 -10.94
CA LYS D 209 -12.93 -28.03 -10.43
C LYS D 209 -12.58 -29.13 -9.43
N VAL D 210 -11.35 -29.64 -9.47
CA VAL D 210 -10.88 -30.72 -8.61
C VAL D 210 -9.53 -30.34 -7.99
N ASP D 211 -9.12 -31.05 -6.94
CA ASP D 211 -7.87 -30.72 -6.25
C ASP D 211 -6.66 -30.82 -7.16
N ASP D 212 -5.81 -29.82 -7.07
CA ASP D 212 -4.59 -29.78 -7.86
C ASP D 212 -3.38 -29.62 -6.94
N TYR D 213 -3.59 -29.92 -5.66
CA TYR D 213 -2.56 -29.90 -4.64
C TYR D 213 -2.94 -30.86 -3.54
N PHE D 214 -1.97 -31.67 -3.09
CA PHE D 214 -2.10 -32.35 -1.81
C PHE D 214 -0.79 -32.41 -1.05
N ILE D 215 -0.89 -32.41 0.26
CA ILE D 215 0.19 -32.85 1.14
C ILE D 215 -0.39 -33.88 2.10
N ILE D 216 0.24 -35.05 2.18
CA ILE D 216 -0.27 -36.15 2.96
C ILE D 216 0.81 -36.65 3.93
N HIS D 217 0.45 -36.73 5.21
CA HIS D 217 1.33 -37.37 6.17
C HIS D 217 0.76 -38.73 6.57
N LEU D 218 1.60 -39.75 6.42
CA LEU D 218 1.25 -41.09 6.85
C LEU D 218 1.94 -41.31 8.19
N LEU D 219 1.14 -41.36 9.24
CA LEU D 219 1.67 -41.33 10.61
C LEU D 219 1.83 -42.74 11.18
N HIS D 220 3.07 -43.04 11.57
CA HIS D 220 3.47 -44.35 12.12
C HIS D 220 3.13 -45.54 11.22
N PRO D 221 3.81 -45.66 10.06
CA PRO D 221 3.64 -46.86 9.23
C PRO D 221 4.11 -48.10 9.97
N SER D 222 3.38 -49.21 9.81
CA SER D 222 3.59 -50.44 10.59
CA SER D 222 3.59 -50.45 10.58
C SER D 222 5.04 -50.96 10.64
N LEU D 223 5.72 -50.97 9.49
CA LEU D 223 7.09 -51.54 9.41
C LEU D 223 8.19 -50.57 9.81
N ALA D 224 7.84 -49.29 9.94
CA ALA D 224 8.81 -48.26 10.32
C ALA D 224 8.10 -47.08 11.01
N PRO D 225 7.62 -47.30 12.25
CA PRO D 225 6.71 -46.38 12.95
C PRO D 225 7.28 -44.99 13.24
N ASN D 226 8.61 -44.87 13.21
CA ASN D 226 9.27 -43.62 13.53
C ASN D 226 9.77 -42.85 12.31
N VAL D 227 9.51 -43.38 11.11
CA VAL D 227 9.89 -42.66 9.90
C VAL D 227 8.83 -41.61 9.58
N LYS D 228 9.29 -40.40 9.30
CA LYS D 228 8.43 -39.28 8.95
C LYS D 228 8.14 -39.34 7.45
N ILE D 229 6.86 -39.48 7.11
CA ILE D 229 6.43 -39.60 5.70
CA ILE D 229 6.41 -39.61 5.72
C ILE D 229 5.68 -38.35 5.23
N THR D 230 6.13 -37.80 4.09
CA THR D 230 5.41 -36.71 3.41
C THR D 230 5.22 -37.11 1.95
N LEU D 231 3.98 -37.10 1.47
CA LEU D 231 3.65 -37.31 0.07
C LEU D 231 3.01 -36.04 -0.47
N LYS D 232 3.49 -35.54 -1.60
CA LYS D 232 3.00 -34.28 -2.17
C LYS D 232 2.82 -34.35 -3.67
N ALA D 233 1.93 -33.50 -4.17
CA ALA D 233 1.88 -33.19 -5.59
C ALA D 233 1.22 -31.84 -5.76
N SER D 234 1.56 -31.15 -6.86
CA SER D 234 0.99 -29.83 -7.15
C SER D 234 1.14 -29.51 -8.63
N TYR D 235 0.18 -28.75 -9.17
CA TYR D 235 0.27 -28.22 -10.52
C TYR D 235 0.88 -26.81 -10.57
N LEU D 236 1.29 -26.31 -9.40
CA LEU D 236 1.95 -25.00 -9.34
C LEU D 236 3.28 -25.08 -8.61
N MET D 237 4.25 -25.69 -9.27
CA MET D 237 5.62 -25.77 -8.75
C MET D 237 6.56 -25.51 -9.91
N ARG D 238 6.62 -24.27 -10.37
CA ARG D 238 7.49 -23.88 -11.50
C ARG D 238 8.95 -24.29 -11.30
N GLU D 239 9.43 -24.16 -10.08
CA GLU D 239 10.71 -24.74 -9.71
C GLU D 239 10.35 -25.98 -8.91
N ALA D 240 10.73 -27.14 -9.45
CA ALA D 240 10.33 -28.43 -8.87
C ALA D 240 10.99 -28.72 -7.55
N GLU D 241 10.19 -29.22 -6.61
CA GLU D 241 10.71 -29.84 -5.41
C GLU D 241 11.25 -31.21 -5.81
N PRO D 242 12.16 -31.79 -4.99
CA PRO D 242 12.69 -33.13 -5.30
C PRO D 242 11.60 -34.18 -5.50
N ARG D 243 11.79 -35.07 -6.48
CA ARG D 243 10.94 -36.28 -6.61
C ARG D 243 11.01 -37.11 -5.34
N PHE D 244 12.23 -37.32 -4.85
CA PHE D 244 12.47 -38.01 -3.58
C PHE D 244 13.50 -37.25 -2.79
N ALA D 245 13.21 -37.10 -1.50
CA ALA D 245 14.22 -36.69 -0.54
C ALA D 245 14.14 -37.65 0.64
N LEU D 246 15.24 -38.36 0.88
CA LEU D 246 15.31 -39.36 1.94
C LEU D 246 16.40 -38.92 2.88
N HIS D 247 16.15 -39.02 4.17
CA HIS D 247 17.12 -38.57 5.17
C HIS D 247 17.34 -39.64 6.18
N GLY D 248 18.61 -39.94 6.45
CA GLY D 248 18.96 -40.86 7.52
C GLY D 248 20.00 -40.29 8.47
N THR D 249 20.33 -41.07 9.50
CA THR D 249 21.38 -40.74 10.47
C THR D 249 22.75 -40.47 9.81
N LEU D 250 23.06 -41.26 8.78
CA LEU D 250 24.36 -41.18 8.12
C LEU D 250 24.35 -40.36 6.85
N GLY D 251 23.17 -40.09 6.31
CA GLY D 251 23.12 -39.29 5.08
C GLY D 251 21.77 -39.13 4.40
N SER D 252 21.83 -38.55 3.20
CA SER D 252 20.63 -38.21 2.44
C SER D 252 20.69 -38.63 0.98
N TYR D 253 19.54 -38.96 0.41
CA TYR D 253 19.41 -39.19 -1.03
C TYR D 253 18.36 -38.22 -1.59
N VAL D 254 18.72 -37.46 -2.63
CA VAL D 254 17.83 -36.45 -3.21
C VAL D 254 17.75 -36.62 -4.72
N LYS D 255 16.55 -36.83 -5.25
CA LYS D 255 16.38 -37.01 -6.70
C LYS D 255 15.36 -36.04 -7.28
N TYR D 256 15.62 -35.54 -8.48
CA TYR D 256 14.67 -34.69 -9.20
C TYR D 256 14.19 -35.38 -10.48
N GLY D 257 13.09 -34.89 -11.04
CA GLY D 257 12.60 -35.37 -12.34
C GLY D 257 11.70 -36.59 -12.20
N VAL D 258 11.26 -37.12 -13.33
CA VAL D 258 10.39 -38.30 -13.34
C VAL D 258 11.01 -39.39 -14.21
N ASP D 259 10.50 -40.60 -14.07
CA ASP D 259 10.95 -41.75 -14.85
C ASP D 259 10.69 -41.47 -16.32
N LYS D 260 11.61 -41.90 -17.18
CA LYS D 260 11.66 -41.61 -18.62
CA LYS D 260 11.53 -41.53 -18.59
C LYS D 260 10.90 -42.59 -19.50
N GLN D 261 10.40 -43.68 -18.92
CA GLN D 261 9.81 -44.75 -19.73
C GLN D 261 8.56 -44.31 -20.47
N GLU D 262 7.67 -43.61 -19.75
CA GLU D 262 6.39 -43.16 -20.31
C GLU D 262 6.59 -42.30 -21.55
N ALA D 263 7.55 -41.36 -21.48
CA ALA D 263 7.88 -40.52 -22.62
C ALA D 263 8.42 -41.33 -23.80
N ALA D 264 9.26 -42.34 -23.50
CA ALA D 264 9.79 -43.23 -24.54
C ALA D 264 8.67 -44.06 -25.18
N LEU D 265 7.75 -44.55 -24.35
CA LEU D 265 6.64 -45.35 -24.82
C LEU D 265 5.62 -44.53 -25.61
N LEU D 266 5.41 -43.28 -25.20
CA LEU D 266 4.55 -42.35 -25.97
C LEU D 266 5.14 -42.08 -27.36
N ALA D 267 6.46 -42.05 -27.42
CA ALA D 267 7.16 -41.87 -28.70
C ALA D 267 7.25 -43.14 -29.56
N GLY D 268 6.70 -44.25 -29.07
CA GLY D 268 6.70 -45.51 -29.80
C GLY D 268 7.99 -46.31 -29.74
N GLU D 269 8.86 -46.02 -28.77
CA GLU D 269 10.11 -46.78 -28.62
C GLU D 269 9.82 -48.21 -28.16
N ILE D 270 10.40 -49.19 -28.84
CA ILE D 270 10.18 -50.59 -28.47
C ILE D 270 11.08 -50.93 -27.27
N PRO D 271 10.48 -51.42 -26.17
CA PRO D 271 11.25 -51.70 -24.96
C PRO D 271 11.99 -53.05 -24.99
N GLU D 272 12.81 -53.25 -26.03
CA GLU D 272 13.44 -54.55 -26.29
C GLU D 272 14.97 -54.53 -26.25
N ARG D 273 15.57 -53.45 -25.73
CA ARG D 273 17.04 -53.35 -25.65
CA ARG D 273 17.03 -53.36 -25.65
C ARG D 273 17.53 -53.36 -24.19
N PRO D 274 18.78 -53.87 -23.94
CA PRO D 274 19.33 -53.91 -22.57
C PRO D 274 19.39 -52.59 -21.79
N ASN D 275 19.45 -51.47 -22.50
CA ASN D 275 19.49 -50.16 -21.86
C ASN D 275 18.12 -49.57 -21.57
N TRP D 276 17.06 -50.34 -21.81
CA TRP D 276 15.71 -49.86 -21.48
C TRP D 276 15.64 -49.50 -19.99
N GLY D 277 15.07 -48.33 -19.71
CA GLY D 277 14.88 -47.87 -18.33
C GLY D 277 16.10 -47.18 -17.73
N GLU D 278 17.19 -47.09 -18.49
CA GLU D 278 18.41 -46.42 -18.01
C GLU D 278 18.20 -44.91 -17.86
N GLU D 279 18.84 -44.33 -16.84
CA GLU D 279 18.82 -42.88 -16.66
C GLU D 279 20.20 -42.24 -16.83
N SER D 280 20.20 -40.96 -17.18
CA SER D 280 21.45 -40.27 -17.42
C SER D 280 22.04 -39.71 -16.14
N GLU D 281 23.29 -39.30 -16.21
CA GLU D 281 23.99 -38.67 -15.08
C GLU D 281 23.17 -37.54 -14.46
N GLN D 282 22.57 -36.71 -15.30
CA GLN D 282 21.80 -35.56 -14.86
C GLN D 282 20.53 -35.98 -14.13
N GLU D 283 19.98 -37.13 -14.53
CA GLU D 283 18.78 -37.69 -13.91
C GLU D 283 19.03 -38.41 -12.58
N TRP D 284 20.19 -39.03 -12.41
CA TRP D 284 20.49 -39.76 -11.16
C TRP D 284 20.35 -38.85 -9.95
N GLY D 285 19.88 -39.43 -8.85
CA GLY D 285 19.80 -38.71 -7.60
C GLY D 285 21.17 -38.59 -6.96
N LEU D 286 21.30 -37.62 -6.06
CA LEU D 286 22.54 -37.42 -5.33
C LEU D 286 22.49 -38.18 -4.03
N LEU D 287 23.51 -39.01 -3.79
CA LEU D 287 23.72 -39.68 -2.53
C LEU D 287 24.86 -38.97 -1.78
N HIS D 288 24.56 -38.53 -0.55
CA HIS D 288 25.51 -37.85 0.32
C HIS D 288 25.44 -38.57 1.65
N THR D 289 26.37 -39.50 1.88
CA THR D 289 26.30 -40.37 3.06
C THR D 289 27.70 -40.87 3.47
N GLU D 290 27.75 -41.75 4.46
CA GLU D 290 28.99 -42.47 4.77
C GLU D 290 28.84 -44.02 4.67
N ILE D 291 29.84 -44.64 4.06
CA ILE D 291 29.95 -46.11 4.00
C ILE D 291 31.31 -46.57 4.51
N ASN D 292 31.29 -47.60 5.37
CA ASN D 292 32.46 -48.10 6.13
C ASN D 292 32.98 -47.13 7.20
N GLY D 293 33.14 -45.86 6.81
CA GLY D 293 33.58 -44.79 7.70
C GLY D 293 34.01 -43.55 6.92
N LYS D 294 33.84 -43.60 5.61
CA LYS D 294 34.25 -42.51 4.72
C LYS D 294 33.04 -41.77 4.14
N GLU D 295 33.10 -40.43 4.13
CA GLU D 295 32.02 -39.61 3.60
C GLU D 295 32.08 -39.52 2.07
N ILE D 296 31.00 -39.96 1.43
CA ILE D 296 30.90 -39.89 -0.02
C ILE D 296 29.73 -39.01 -0.48
N CYS D 297 29.96 -38.24 -1.55
CA CYS D 297 28.94 -37.38 -2.12
C CYS D 297 28.98 -37.43 -3.64
N ARG D 298 28.15 -38.31 -4.21
CA ARG D 298 28.10 -38.51 -5.65
CA ARG D 298 28.10 -38.47 -5.65
C ARG D 298 26.71 -38.89 -6.12
N LYS D 299 26.45 -38.73 -7.41
CA LYS D 299 25.28 -39.29 -8.06
C LYS D 299 25.27 -40.80 -7.93
N TYR D 300 24.10 -41.38 -7.71
CA TYR D 300 23.94 -42.81 -7.51
C TYR D 300 23.05 -43.34 -8.63
N PRO D 301 23.64 -44.09 -9.59
CA PRO D 301 22.95 -44.66 -10.75
C PRO D 301 21.72 -45.52 -10.43
N GLY D 302 21.84 -46.40 -9.45
CA GLY D 302 20.71 -47.20 -8.99
C GLY D 302 20.21 -48.22 -9.99
N ILE D 303 18.90 -48.40 -10.03
CA ILE D 303 18.22 -49.45 -10.78
C ILE D 303 17.45 -48.87 -11.96
N ALA D 304 17.55 -49.51 -13.13
CA ALA D 304 16.79 -49.10 -14.31
C ALA D 304 15.26 -49.29 -14.16
N GLY D 305 14.49 -48.43 -14.81
CA GLY D 305 13.03 -48.56 -14.77
C GLY D 305 12.62 -49.81 -15.52
N ASN D 306 11.50 -50.41 -15.13
CA ASN D 306 11.17 -51.73 -15.69
C ASN D 306 9.67 -52.00 -15.67
N TYR D 307 8.90 -51.25 -16.47
CA TYR D 307 7.45 -51.50 -16.60
C TYR D 307 7.10 -52.91 -17.10
N GLY D 308 8.05 -53.52 -17.83
CA GLY D 308 7.98 -54.93 -18.19
C GLY D 308 7.91 -55.91 -17.03
N GLY D 309 8.49 -55.51 -15.88
CA GLY D 309 8.45 -56.30 -14.64
C GLY D 309 7.05 -56.65 -14.17
N PHE D 310 6.09 -55.78 -14.46
CA PHE D 310 4.69 -56.06 -14.15
C PHE D 310 4.22 -57.36 -14.80
N TYR D 311 4.48 -57.50 -16.10
CA TYR D 311 4.03 -58.68 -16.84
C TYR D 311 4.90 -59.89 -16.55
N GLN D 312 6.17 -59.63 -16.30
CA GLN D 312 7.07 -60.71 -15.90
C GLN D 312 6.56 -61.36 -14.62
N ASN D 313 6.13 -60.54 -13.66
CA ASN D 313 5.60 -61.07 -12.42
C ASN D 313 4.32 -61.87 -12.63
N ILE D 314 3.45 -61.39 -13.53
CA ILE D 314 2.23 -62.13 -13.88
C ILE D 314 2.53 -63.52 -14.43
N TYR D 315 3.50 -63.59 -15.33
CA TYR D 315 3.93 -64.89 -15.86
C TYR D 315 4.49 -65.80 -14.76
N GLU D 316 5.40 -65.28 -13.96
CA GLU D 316 5.98 -66.06 -12.88
C GLU D 316 4.94 -66.52 -11.86
N HIS D 317 3.89 -65.72 -11.66
CA HIS D 317 2.79 -66.10 -10.77
C HIS D 317 1.90 -67.16 -11.41
N LEU D 318 1.51 -66.92 -12.66
CA LEU D 318 0.56 -67.82 -13.33
C LEU D 318 1.15 -69.16 -13.74
N CYS D 319 2.44 -69.17 -14.08
CA CYS D 319 3.07 -70.37 -14.60
C CYS D 319 4.10 -71.03 -13.67
N LEU D 320 4.78 -70.23 -12.85
CA LEU D 320 5.95 -70.71 -12.11
C LEU D 320 5.78 -70.64 -10.59
N GLY D 321 4.53 -70.55 -10.14
CA GLY D 321 4.18 -70.59 -8.72
C GLY D 321 4.62 -69.45 -7.84
N GLN D 322 5.03 -68.32 -8.43
CA GLN D 322 5.56 -67.18 -7.65
C GLN D 322 4.44 -66.32 -7.09
N PRO D 323 4.69 -65.60 -5.96
CA PRO D 323 3.61 -64.73 -5.49
C PRO D 323 3.32 -63.54 -6.43
N LEU D 324 2.04 -63.22 -6.57
CA LEU D 324 1.59 -62.05 -7.33
C LEU D 324 1.88 -60.78 -6.52
N GLU D 325 2.56 -59.83 -7.16
CA GLU D 325 2.96 -58.60 -6.46
C GLU D 325 1.82 -57.57 -6.45
N THR D 326 0.90 -57.71 -7.39
CA THR D 326 -0.11 -56.69 -7.65
C THR D 326 -1.53 -57.19 -7.44
N HIS D 327 -1.78 -57.88 -6.33
CA HIS D 327 -3.13 -58.28 -5.96
C HIS D 327 -4.07 -57.07 -5.93
N ALA D 328 -5.31 -57.31 -6.34
CA ALA D 328 -6.35 -56.28 -6.30
C ALA D 328 -6.56 -55.64 -4.93
N GLN D 329 -6.30 -56.39 -3.86
CA GLN D 329 -6.40 -55.87 -2.49
C GLN D 329 -5.49 -54.66 -2.21
N ASP D 330 -4.35 -54.62 -2.88
CA ASP D 330 -3.41 -53.49 -2.75
C ASP D 330 -4.05 -52.14 -3.09
N ILE D 331 -4.85 -52.10 -4.15
CA ILE D 331 -5.52 -50.86 -4.53
C ILE D 331 -6.65 -50.48 -3.56
N LEU D 332 -7.25 -51.48 -2.90
CA LEU D 332 -8.30 -51.19 -1.93
C LEU D 332 -7.71 -50.61 -0.64
N ASN D 333 -6.48 -51.02 -0.34
CA ASN D 333 -5.71 -50.42 0.75
C ASN D 333 -5.26 -48.99 0.41
N VAL D 334 -4.88 -48.77 -0.84
CA VAL D 334 -4.54 -47.43 -1.36
C VAL D 334 -5.76 -46.50 -1.23
N ILE D 335 -6.91 -47.00 -1.67
CA ILE D 335 -8.17 -46.25 -1.68
C ILE D 335 -8.61 -45.86 -0.28
N ARG D 336 -8.33 -46.74 0.68
CA ARG D 336 -8.61 -46.49 2.09
C ARG D 336 -7.78 -45.30 2.61
N ILE D 337 -6.54 -45.20 2.16
CA ILE D 337 -5.70 -44.05 2.48
C ILE D 337 -6.15 -42.80 1.70
N ILE D 338 -6.52 -42.96 0.43
CA ILE D 338 -7.05 -41.85 -0.38
C ILE D 338 -8.30 -41.26 0.29
N GLU D 339 -9.23 -42.14 0.67
CA GLU D 339 -10.48 -41.70 1.30
C GLU D 339 -10.24 -41.04 2.65
N ALA D 340 -9.33 -41.59 3.45
CA ALA D 340 -8.89 -40.98 4.71
C ALA D 340 -8.24 -39.59 4.53
N ALA D 341 -7.49 -39.43 3.45
CA ALA D 341 -6.89 -38.13 3.10
C ALA D 341 -7.97 -37.09 2.76
N TYR D 342 -8.92 -37.49 1.91
CA TYR D 342 -10.08 -36.65 1.62
C TYR D 342 -10.89 -36.36 2.90
N GLN D 343 -11.03 -37.37 3.76
CA GLN D 343 -11.71 -37.25 5.05
C GLN D 343 -10.99 -36.26 5.97
N SER D 344 -9.69 -36.43 6.13
CA SER D 344 -8.83 -35.54 6.93
C SER D 344 -8.89 -34.09 6.51
N HIS D 345 -8.86 -33.86 5.20
CA HIS D 345 -9.00 -32.52 4.64
C HIS D 345 -10.41 -31.94 4.85
N ARG D 346 -11.43 -32.78 4.63
CA ARG D 346 -12.82 -32.33 4.66
C ARG D 346 -13.32 -31.95 6.05
N GLU D 347 -12.79 -32.61 7.08
CA GLU D 347 -13.24 -32.40 8.45
C GLU D 347 -12.23 -31.76 9.38
N ASN D 348 -11.11 -31.29 8.81
CA ASN D 348 -10.05 -30.63 9.58
C ASN D 348 -9.62 -31.49 10.78
N LYS D 349 -9.39 -32.77 10.52
CA LYS D 349 -9.04 -33.73 11.58
CA LYS D 349 -9.01 -33.71 11.58
C LYS D 349 -7.98 -34.72 11.11
N ILE D 350 -7.31 -35.36 12.07
CA ILE D 350 -6.40 -36.45 11.80
C ILE D 350 -7.29 -37.70 11.82
N VAL D 351 -7.17 -38.54 10.78
CA VAL D 351 -8.02 -39.72 10.65
C VAL D 351 -7.27 -40.97 11.10
N ASN D 352 -7.83 -41.65 12.12
CA ASN D 352 -7.25 -42.89 12.62
C ASN D 352 -7.84 -44.09 11.91
N LEU D 353 -6.98 -45.06 11.60
CA LEU D 353 -7.39 -46.24 10.84
C LEU D 353 -7.81 -47.39 11.75
C1 GOL E . -30.20 62.06 2.42
O1 GOL E . -31.60 62.13 2.53
C2 GOL E . -29.53 62.39 3.75
O2 GOL E . -29.97 63.64 4.23
C3 GOL E . -29.85 61.30 4.77
O3 GOL E . -29.01 60.20 4.55
MG MG F . -32.25 70.19 17.84
C1 GOL G . -22.47 66.81 27.64
O1 GOL G . -21.52 65.92 27.05
C2 GOL G . -23.87 66.60 27.06
O2 GOL G . -23.82 66.11 25.74
C3 GOL G . -24.61 65.62 27.96
O3 GOL G . -25.98 65.94 28.08
MG MG H . -12.66 -47.98 -41.07
#